data_6JN2
# 
_entry.id   6JN2 
# 
_audit_conform.dict_name       mmcif_pdbx.dic 
_audit_conform.dict_version    5.387 
_audit_conform.dict_location   http://mmcif.pdb.org/dictionaries/ascii/mmcif_pdbx.dic 
# 
loop_
_database_2.database_id 
_database_2.database_code 
_database_2.pdbx_database_accession 
_database_2.pdbx_DOI 
PDB   6JN2         pdb_00006jn2 10.2210/pdb6jn2/pdb 
WWPDB D_1300011395 ?            ?                   
# 
loop_
_pdbx_audit_revision_history.ordinal 
_pdbx_audit_revision_history.data_content_type 
_pdbx_audit_revision_history.major_revision 
_pdbx_audit_revision_history.minor_revision 
_pdbx_audit_revision_history.revision_date 
1 'Structure model' 1 0 2019-09-18 
2 'Structure model' 1 1 2019-10-02 
3 'Structure model' 1 2 2019-10-16 
4 'Structure model' 1 3 2024-03-27 
# 
_pdbx_audit_revision_details.ordinal             1 
_pdbx_audit_revision_details.revision_ordinal    1 
_pdbx_audit_revision_details.data_content_type   'Structure model' 
_pdbx_audit_revision_details.provider            repository 
_pdbx_audit_revision_details.type                'Initial release' 
_pdbx_audit_revision_details.description         ? 
_pdbx_audit_revision_details.details             ? 
# 
loop_
_pdbx_audit_revision_group.ordinal 
_pdbx_audit_revision_group.revision_ordinal 
_pdbx_audit_revision_group.data_content_type 
_pdbx_audit_revision_group.group 
1 2 'Structure model' 'Data collection'     
2 2 'Structure model' 'Database references' 
3 3 'Structure model' 'Data collection'     
4 3 'Structure model' 'Database references' 
5 4 'Structure model' 'Data collection'     
6 4 'Structure model' 'Database references' 
# 
loop_
_pdbx_audit_revision_category.ordinal 
_pdbx_audit_revision_category.revision_ordinal 
_pdbx_audit_revision_category.data_content_type 
_pdbx_audit_revision_category.category 
1 2 'Structure model' citation        
2 2 'Structure model' citation_author 
3 3 'Structure model' citation        
4 3 'Structure model' citation_author 
5 4 'Structure model' chem_comp_atom  
6 4 'Structure model' chem_comp_bond  
7 4 'Structure model' database_2      
# 
loop_
_pdbx_audit_revision_item.ordinal 
_pdbx_audit_revision_item.revision_ordinal 
_pdbx_audit_revision_item.data_content_type 
_pdbx_audit_revision_item.item 
1  2 'Structure model' '_citation.pdbx_database_id_DOI'      
2  2 'Structure model' '_citation.pdbx_database_id_PubMed'   
3  2 'Structure model' '_citation.title'                     
4  2 'Structure model' '_citation_author.identifier_ORCID'   
5  3 'Structure model' '_citation.journal_volume'            
6  3 'Structure model' '_citation.page_first'                
7  3 'Structure model' '_citation.page_last'                 
8  3 'Structure model' '_citation_author.identifier_ORCID'   
9  4 'Structure model' '_database_2.pdbx_DOI'                
10 4 'Structure model' '_database_2.pdbx_database_accession' 
# 
_pdbx_database_status.status_code                     REL 
_pdbx_database_status.status_code_sf                  REL 
_pdbx_database_status.status_code_mr                  ? 
_pdbx_database_status.entry_id                        6JN2 
_pdbx_database_status.recvd_initial_deposition_date   2019-03-13 
_pdbx_database_status.SG_entry                        N 
_pdbx_database_status.deposit_site                    PDBJ 
_pdbx_database_status.process_site                    PDBJ 
_pdbx_database_status.status_code_cs                  ? 
_pdbx_database_status.methods_development_category    ? 
_pdbx_database_status.pdb_format_compatible           Y 
_pdbx_database_status.status_code_nmr_data            ? 
# 
loop_
_audit_author.name 
_audit_author.pdbx_ordinal 
_audit_author.identifier_ORCID 
'Song, X.' 1 ? 
'Wang, M.' 2 ? 
'Yang, N.' 3 ? 
'Xu, R.M.' 4 ? 
# 
_citation.abstract                  ? 
_citation.abstract_id_CAS           ? 
_citation.book_id_ISBN              ? 
_citation.book_publisher            ? 
_citation.book_publisher_city       ? 
_citation.book_title                ? 
_citation.coordinate_linkage        ? 
_citation.country                   US 
_citation.database_id_Medline       ? 
_citation.details                   ? 
_citation.id                        primary 
_citation.journal_abbrev            Proc.Natl.Acad.Sci.USA 
_citation.journal_id_ASTM           PNASA6 
_citation.journal_id_CSD            0040 
_citation.journal_id_ISSN           1091-6490 
_citation.journal_full              ? 
_citation.journal_issue             ? 
_citation.journal_volume            116 
_citation.language                  ? 
_citation.page_first                19917 
_citation.page_last                 19923 
_citation.title                     
'A higher-order configuration of the heterodimeric DOT1L-AF10 coiled-coil domains potentiates their leukemogenenic activity.' 
_citation.year                      2019 
_citation.database_id_CSD           ? 
_citation.pdbx_database_id_DOI      10.1073/pnas.1904672116 
_citation.pdbx_database_id_PubMed   31527241 
_citation.unpublished_flag          ? 
# 
loop_
_citation_author.citation_id 
_citation_author.name 
_citation_author.ordinal 
_citation_author.identifier_ORCID 
primary 'Song, X.' 1 ? 
primary 'Yang, L.' 2 ? 
primary 'Wang, M.' 3 ? 
primary 'Gu, Y.'   4 ? 
primary 'Ye, B.'   5 ? 
primary 'Fan, Z.'  6 ? 
primary 'Xu, R.M.' 7 ? 
primary 'Yang, N.' 8 ? 
# 
loop_
_entity.id 
_entity.type 
_entity.src_method 
_entity.pdbx_description 
_entity.formula_weight 
_entity.pdbx_number_of_molecules 
_entity.pdbx_ec 
_entity.pdbx_mutation 
_entity.pdbx_fragment 
_entity.details 
1 polymer man 'Protein AF-10'                                             11161.464 1 ?        ? ? ? 
2 polymer man 'Histone-lysine N-methyltransferase, H3 lysine-79 specific' 9415.926  1 2.1.1.43 ? ? ? 
# 
loop_
_entity_name_com.entity_id 
_entity_name_com.name 
1 'ALL1-fused gene from chromosome 10 protein'                                                    
2 'DOT1-like protein,Histone H3-K79 methyltransferase,H3-K79-HMTase,Lysine N-methyltransferase 4' 
# 
loop_
_entity_poly.entity_id 
_entity_poly.type 
_entity_poly.nstd_linkage 
_entity_poly.nstd_monomer 
_entity_poly.pdbx_seq_one_letter_code 
_entity_poly.pdbx_seq_one_letter_code_can 
_entity_poly.pdbx_strand_id 
_entity_poly.pdbx_target_identifier 
1 'polypeptide(L)' no no 
;MGSSHHHHHHSQDPDQPGNSSLENLPPVAASIEQLLERQWSEGQQFLLEQGTPSDILGMLKSLHQLQVENRRLEEQIKNL
TAKKERLQLLNAQLSVPF
;
;MGSSHHHHHHSQDPDQPGNSSLENLPPVAASIEQLLERQWSEGQQFLLEQGTPSDILGMLKSLHQLQVENRRLEEQIKNL
TAKKERLQLLNAQLSVPF
;
A ? 
2 'polypeptide(L)' no no 
;MHSPNPLLVAPTPPALQKLLESFKIQYLQFLAYTKTPQYKASLQELLGQEKEKNAQLLGAAQQLLSHCQAQKEEIRRLFQ
QK
;
;MHSPNPLLVAPTPPALQKLLESFKIQYLQFLAYTKTPQYKASLQELLGQEKEKNAQLLGAAQQLLSHCQAQKEEIRRLFQ
QK
;
B ? 
# 
loop_
_entity_poly_seq.entity_id 
_entity_poly_seq.num 
_entity_poly_seq.mon_id 
_entity_poly_seq.hetero 
1 1  MET n 
1 2  GLY n 
1 3  SER n 
1 4  SER n 
1 5  HIS n 
1 6  HIS n 
1 7  HIS n 
1 8  HIS n 
1 9  HIS n 
1 10 HIS n 
1 11 SER n 
1 12 GLN n 
1 13 ASP n 
1 14 PRO n 
1 15 ASP n 
1 16 GLN n 
1 17 PRO n 
1 18 GLY n 
1 19 ASN n 
1 20 SER n 
1 21 SER n 
1 22 LEU n 
1 23 GLU n 
1 24 ASN n 
1 25 LEU n 
1 26 PRO n 
1 27 PRO n 
1 28 VAL n 
1 29 ALA n 
1 30 ALA n 
1 31 SER n 
1 32 ILE n 
1 33 GLU n 
1 34 GLN n 
1 35 LEU n 
1 36 LEU n 
1 37 GLU n 
1 38 ARG n 
1 39 GLN n 
1 40 TRP n 
1 41 SER n 
1 42 GLU n 
1 43 GLY n 
1 44 GLN n 
1 45 GLN n 
1 46 PHE n 
1 47 LEU n 
1 48 LEU n 
1 49 GLU n 
1 50 GLN n 
1 51 GLY n 
1 52 THR n 
1 53 PRO n 
1 54 SER n 
1 55 ASP n 
1 56 ILE n 
1 57 LEU n 
1 58 GLY n 
1 59 MET n 
1 60 LEU n 
1 61 LYS n 
1 62 SER n 
1 63 LEU n 
1 64 HIS n 
1 65 GLN n 
1 66 LEU n 
1 67 GLN n 
1 68 VAL n 
1 69 GLU n 
1 70 ASN n 
1 71 ARG n 
1 72 ARG n 
1 73 LEU n 
1 74 GLU n 
1 75 GLU n 
1 76 GLN n 
1 77 ILE n 
1 78 LYS n 
1 79 ASN n 
1 80 LEU n 
1 81 THR n 
1 82 ALA n 
1 83 LYS n 
1 84 LYS n 
1 85 GLU n 
1 86 ARG n 
1 87 LEU n 
1 88 GLN n 
1 89 LEU n 
1 90 LEU n 
1 91 ASN n 
1 92 ALA n 
1 93 GLN n 
1 94 LEU n 
1 95 SER n 
1 96 VAL n 
1 97 PRO n 
1 98 PHE n 
2 1  MET n 
2 2  HIS n 
2 3  SER n 
2 4  PRO n 
2 5  ASN n 
2 6  PRO n 
2 7  LEU n 
2 8  LEU n 
2 9  VAL n 
2 10 ALA n 
2 11 PRO n 
2 12 THR n 
2 13 PRO n 
2 14 PRO n 
2 15 ALA n 
2 16 LEU n 
2 17 GLN n 
2 18 LYS n 
2 19 LEU n 
2 20 LEU n 
2 21 GLU n 
2 22 SER n 
2 23 PHE n 
2 24 LYS n 
2 25 ILE n 
2 26 GLN n 
2 27 TYR n 
2 28 LEU n 
2 29 GLN n 
2 30 PHE n 
2 31 LEU n 
2 32 ALA n 
2 33 TYR n 
2 34 THR n 
2 35 LYS n 
2 36 THR n 
2 37 PRO n 
2 38 GLN n 
2 39 TYR n 
2 40 LYS n 
2 41 ALA n 
2 42 SER n 
2 43 LEU n 
2 44 GLN n 
2 45 GLU n 
2 46 LEU n 
2 47 LEU n 
2 48 GLY n 
2 49 GLN n 
2 50 GLU n 
2 51 LYS n 
2 52 GLU n 
2 53 LYS n 
2 54 ASN n 
2 55 ALA n 
2 56 GLN n 
2 57 LEU n 
2 58 LEU n 
2 59 GLY n 
2 60 ALA n 
2 61 ALA n 
2 62 GLN n 
2 63 GLN n 
2 64 LEU n 
2 65 LEU n 
2 66 SER n 
2 67 HIS n 
2 68 CYS n 
2 69 GLN n 
2 70 ALA n 
2 71 GLN n 
2 72 LYS n 
2 73 GLU n 
2 74 GLU n 
2 75 ILE n 
2 76 ARG n 
2 77 ARG n 
2 78 LEU n 
2 79 PHE n 
2 80 GLN n 
2 81 GLN n 
2 82 LYS n 
# 
loop_
_entity_src_gen.entity_id 
_entity_src_gen.pdbx_src_id 
_entity_src_gen.pdbx_alt_source_flag 
_entity_src_gen.pdbx_seq_type 
_entity_src_gen.pdbx_beg_seq_num 
_entity_src_gen.pdbx_end_seq_num 
_entity_src_gen.gene_src_common_name 
_entity_src_gen.gene_src_genus 
_entity_src_gen.pdbx_gene_src_gene 
_entity_src_gen.gene_src_species 
_entity_src_gen.gene_src_strain 
_entity_src_gen.gene_src_tissue 
_entity_src_gen.gene_src_tissue_fraction 
_entity_src_gen.gene_src_details 
_entity_src_gen.pdbx_gene_src_fragment 
_entity_src_gen.pdbx_gene_src_scientific_name 
_entity_src_gen.pdbx_gene_src_ncbi_taxonomy_id 
_entity_src_gen.pdbx_gene_src_variant 
_entity_src_gen.pdbx_gene_src_cell_line 
_entity_src_gen.pdbx_gene_src_atcc 
_entity_src_gen.pdbx_gene_src_organ 
_entity_src_gen.pdbx_gene_src_organelle 
_entity_src_gen.pdbx_gene_src_cell 
_entity_src_gen.pdbx_gene_src_cellular_location 
_entity_src_gen.host_org_common_name 
_entity_src_gen.pdbx_host_org_scientific_name 
_entity_src_gen.pdbx_host_org_ncbi_taxonomy_id 
_entity_src_gen.host_org_genus 
_entity_src_gen.pdbx_host_org_gene 
_entity_src_gen.pdbx_host_org_organ 
_entity_src_gen.host_org_species 
_entity_src_gen.pdbx_host_org_tissue 
_entity_src_gen.pdbx_host_org_tissue_fraction 
_entity_src_gen.pdbx_host_org_strain 
_entity_src_gen.pdbx_host_org_variant 
_entity_src_gen.pdbx_host_org_cell_line 
_entity_src_gen.pdbx_host_org_atcc 
_entity_src_gen.pdbx_host_org_culture_collection 
_entity_src_gen.pdbx_host_org_cell 
_entity_src_gen.pdbx_host_org_organelle 
_entity_src_gen.pdbx_host_org_cellular_location 
_entity_src_gen.pdbx_host_org_vector_type 
_entity_src_gen.pdbx_host_org_vector 
_entity_src_gen.host_org_details 
_entity_src_gen.expression_system_id 
_entity_src_gen.plasmid_name 
_entity_src_gen.plasmid_details 
_entity_src_gen.pdbx_description 
1 1 sample 'Biological sequence' 1 98 Human ? 'MLLT10, AF10'          ? ? ? ? ? ? 'Homo sapiens' 9606 ? ? ? ? ? ? ? ? 
'Escherichia coli BL21' 511693 ? ? ? ? ? ? BL21 ? ? ? ? ? ? ? Plasmid ? ? ? pRSFDUET-1 ? ? 
2 1 sample 'Biological sequence' 1 82 Human ? 'DOT1L, KIAA1814, KMT4' ? ? ? ? ? ? 'Homo sapiens' 9606 ? ? ? ? ? ? ? ? 
'Escherichia coli BL21' 511693 ? ? ? ? ? ? BL21 ? ? ? ? ? ? ? plasmid ? ? ? PRSFDUET-1 ? ? 
# 
loop_
_chem_comp.id 
_chem_comp.type 
_chem_comp.mon_nstd_flag 
_chem_comp.name 
_chem_comp.pdbx_synonyms 
_chem_comp.formula 
_chem_comp.formula_weight 
ALA 'L-peptide linking' y ALANINE         ? 'C3 H7 N O2'     89.093  
ARG 'L-peptide linking' y ARGININE        ? 'C6 H15 N4 O2 1' 175.209 
ASN 'L-peptide linking' y ASPARAGINE      ? 'C4 H8 N2 O3'    132.118 
ASP 'L-peptide linking' y 'ASPARTIC ACID' ? 'C4 H7 N O4'     133.103 
CYS 'L-peptide linking' y CYSTEINE        ? 'C3 H7 N O2 S'   121.158 
GLN 'L-peptide linking' y GLUTAMINE       ? 'C5 H10 N2 O3'   146.144 
GLU 'L-peptide linking' y 'GLUTAMIC ACID' ? 'C5 H9 N O4'     147.129 
GLY 'peptide linking'   y GLYCINE         ? 'C2 H5 N O2'     75.067  
HIS 'L-peptide linking' y HISTIDINE       ? 'C6 H10 N3 O2 1' 156.162 
ILE 'L-peptide linking' y ISOLEUCINE      ? 'C6 H13 N O2'    131.173 
LEU 'L-peptide linking' y LEUCINE         ? 'C6 H13 N O2'    131.173 
LYS 'L-peptide linking' y LYSINE          ? 'C6 H15 N2 O2 1' 147.195 
MET 'L-peptide linking' y METHIONINE      ? 'C5 H11 N O2 S'  149.211 
PHE 'L-peptide linking' y PHENYLALANINE   ? 'C9 H11 N O2'    165.189 
PRO 'L-peptide linking' y PROLINE         ? 'C5 H9 N O2'     115.130 
SER 'L-peptide linking' y SERINE          ? 'C3 H7 N O3'     105.093 
THR 'L-peptide linking' y THREONINE       ? 'C4 H9 N O3'     119.119 
TRP 'L-peptide linking' y TRYPTOPHAN      ? 'C11 H12 N2 O2'  204.225 
TYR 'L-peptide linking' y TYROSINE        ? 'C9 H11 N O3'    181.189 
VAL 'L-peptide linking' y VALINE          ? 'C5 H11 N O2'    117.146 
# 
loop_
_pdbx_poly_seq_scheme.asym_id 
_pdbx_poly_seq_scheme.entity_id 
_pdbx_poly_seq_scheme.seq_id 
_pdbx_poly_seq_scheme.mon_id 
_pdbx_poly_seq_scheme.ndb_seq_num 
_pdbx_poly_seq_scheme.pdb_seq_num 
_pdbx_poly_seq_scheme.auth_seq_num 
_pdbx_poly_seq_scheme.pdb_mon_id 
_pdbx_poly_seq_scheme.auth_mon_id 
_pdbx_poly_seq_scheme.pdb_strand_id 
_pdbx_poly_seq_scheme.pdb_ins_code 
_pdbx_poly_seq_scheme.hetero 
A 1 1  MET 1  685 ?   ?   ?   A . n 
A 1 2  GLY 2  686 ?   ?   ?   A . n 
A 1 3  SER 3  687 ?   ?   ?   A . n 
A 1 4  SER 4  688 ?   ?   ?   A . n 
A 1 5  HIS 5  689 ?   ?   ?   A . n 
A 1 6  HIS 6  690 ?   ?   ?   A . n 
A 1 7  HIS 7  691 ?   ?   ?   A . n 
A 1 8  HIS 8  692 ?   ?   ?   A . n 
A 1 9  HIS 9  693 ?   ?   ?   A . n 
A 1 10 HIS 10 694 ?   ?   ?   A . n 
A 1 11 SER 11 695 ?   ?   ?   A . n 
A 1 12 GLN 12 696 ?   ?   ?   A . n 
A 1 13 ASP 13 697 ?   ?   ?   A . n 
A 1 14 PRO 14 698 ?   ?   ?   A . n 
A 1 15 ASP 15 699 ?   ?   ?   A . n 
A 1 16 GLN 16 700 ?   ?   ?   A . n 
A 1 17 PRO 17 701 ?   ?   ?   A . n 
A 1 18 GLY 18 702 ?   ?   ?   A . n 
A 1 19 ASN 19 703 ?   ?   ?   A . n 
A 1 20 SER 20 704 ?   ?   ?   A . n 
A 1 21 SER 21 705 ?   ?   ?   A . n 
A 1 22 LEU 22 706 ?   ?   ?   A . n 
A 1 23 GLU 23 707 ?   ?   ?   A . n 
A 1 24 ASN 24 708 ?   ?   ?   A . n 
A 1 25 LEU 25 709 ?   ?   ?   A . n 
A 1 26 PRO 26 710 ?   ?   ?   A . n 
A 1 27 PRO 27 711 ?   ?   ?   A . n 
A 1 28 VAL 28 712 ?   ?   ?   A . n 
A 1 29 ALA 29 713 ?   ?   ?   A . n 
A 1 30 ALA 30 714 ?   ?   ?   A . n 
A 1 31 SER 31 715 715 SER SER A . n 
A 1 32 ILE 32 716 716 ILE ILE A . n 
A 1 33 GLU 33 717 717 GLU GLU A . n 
A 1 34 GLN 34 718 718 GLN GLN A . n 
A 1 35 LEU 35 719 719 LEU LEU A . n 
A 1 36 LEU 36 720 720 LEU LEU A . n 
A 1 37 GLU 37 721 721 GLU GLU A . n 
A 1 38 ARG 38 722 722 ARG ARG A . n 
A 1 39 GLN 39 723 723 GLN GLN A . n 
A 1 40 TRP 40 724 724 TRP TRP A . n 
A 1 41 SER 41 725 725 SER SER A . n 
A 1 42 GLU 42 726 726 GLU GLU A . n 
A 1 43 GLY 43 727 727 GLY GLY A . n 
A 1 44 GLN 44 728 728 GLN GLN A . n 
A 1 45 GLN 45 729 729 GLN GLN A . n 
A 1 46 PHE 46 730 730 PHE PHE A . n 
A 1 47 LEU 47 731 731 LEU LEU A . n 
A 1 48 LEU 48 732 732 LEU LEU A . n 
A 1 49 GLU 49 733 733 GLU GLU A . n 
A 1 50 GLN 50 734 734 GLN GLN A . n 
A 1 51 GLY 51 735 735 GLY GLY A . n 
A 1 52 THR 52 736 736 THR THR A . n 
A 1 53 PRO 53 737 737 PRO PRO A . n 
A 1 54 SER 54 738 738 SER SER A . n 
A 1 55 ASP 55 739 739 ASP ASP A . n 
A 1 56 ILE 56 740 740 ILE ILE A . n 
A 1 57 LEU 57 741 741 LEU LEU A . n 
A 1 58 GLY 58 742 742 GLY GLY A . n 
A 1 59 MET 59 743 743 MET MET A . n 
A 1 60 LEU 60 744 744 LEU LEU A . n 
A 1 61 LYS 61 745 745 LYS LYS A . n 
A 1 62 SER 62 746 746 SER SER A . n 
A 1 63 LEU 63 747 747 LEU LEU A . n 
A 1 64 HIS 64 748 748 HIS HIS A . n 
A 1 65 GLN 65 749 749 GLN GLN A . n 
A 1 66 LEU 66 750 750 LEU LEU A . n 
A 1 67 GLN 67 751 751 GLN GLN A . n 
A 1 68 VAL 68 752 752 VAL VAL A . n 
A 1 69 GLU 69 753 753 GLU GLU A . n 
A 1 70 ASN 70 754 754 ASN ASN A . n 
A 1 71 ARG 71 755 755 ARG ARG A . n 
A 1 72 ARG 72 756 756 ARG ARG A . n 
A 1 73 LEU 73 757 757 LEU LEU A . n 
A 1 74 GLU 74 758 758 GLU GLU A . n 
A 1 75 GLU 75 759 759 GLU GLU A . n 
A 1 76 GLN 76 760 760 GLN GLN A . n 
A 1 77 ILE 77 761 761 ILE ILE A . n 
A 1 78 LYS 78 762 762 LYS LYS A . n 
A 1 79 ASN 79 763 763 ASN ASN A . n 
A 1 80 LEU 80 764 764 LEU LEU A . n 
A 1 81 THR 81 765 765 THR THR A . n 
A 1 82 ALA 82 766 766 ALA ALA A . n 
A 1 83 LYS 83 767 767 LYS LYS A . n 
A 1 84 LYS 84 768 768 LYS LYS A . n 
A 1 85 GLU 85 769 769 GLU GLU A . n 
A 1 86 ARG 86 770 770 ARG ARG A . n 
A 1 87 LEU 87 771 771 LEU LEU A . n 
A 1 88 GLN 88 772 772 GLN GLN A . n 
A 1 89 LEU 89 773 773 LEU LEU A . n 
A 1 90 LEU 90 774 774 LEU LEU A . n 
A 1 91 ASN 91 775 775 ASN ASN A . n 
A 1 92 ALA 92 776 776 ALA ALA A . n 
A 1 93 GLN 93 777 777 GLN GLN A . n 
A 1 94 LEU 94 778 778 LEU LEU A . n 
A 1 95 SER 95 779 779 SER SER A . n 
A 1 96 VAL 96 780 780 VAL VAL A . n 
A 1 97 PRO 97 781 781 PRO PRO A . n 
A 1 98 PHE 98 782 ?   ?   ?   A . n 
B 2 1  MET 1  469 ?   ?   ?   B . n 
B 2 2  HIS 2  470 ?   ?   ?   B . n 
B 2 3  SER 3  471 ?   ?   ?   B . n 
B 2 4  PRO 4  472 ?   ?   ?   B . n 
B 2 5  ASN 5  473 ?   ?   ?   B . n 
B 2 6  PRO 6  474 ?   ?   ?   B . n 
B 2 7  LEU 7  475 ?   ?   ?   B . n 
B 2 8  LEU 8  476 ?   ?   ?   B . n 
B 2 9  VAL 9  477 ?   ?   ?   B . n 
B 2 10 ALA 10 478 ?   ?   ?   B . n 
B 2 11 PRO 11 479 ?   ?   ?   B . n 
B 2 12 THR 12 480 ?   ?   ?   B . n 
B 2 13 PRO 13 481 ?   ?   ?   B . n 
B 2 14 PRO 14 482 ?   ?   ?   B . n 
B 2 15 ALA 15 483 483 ALA ALA B . n 
B 2 16 LEU 16 484 484 LEU LEU B . n 
B 2 17 GLN 17 485 485 GLN GLN B . n 
B 2 18 LYS 18 486 486 LYS LYS B . n 
B 2 19 LEU 19 487 487 LEU LEU B . n 
B 2 20 LEU 20 488 488 LEU LEU B . n 
B 2 21 GLU 21 489 489 GLU GLU B . n 
B 2 22 SER 22 490 490 SER SER B . n 
B 2 23 PHE 23 491 491 PHE PHE B . n 
B 2 24 LYS 24 492 492 LYS LYS B . n 
B 2 25 ILE 25 493 493 ILE ILE B . n 
B 2 26 GLN 26 494 494 GLN GLN B . n 
B 2 27 TYR 27 495 495 TYR TYR B . n 
B 2 28 LEU 28 496 496 LEU LEU B . n 
B 2 29 GLN 29 497 497 GLN GLN B . n 
B 2 30 PHE 30 498 498 PHE PHE B . n 
B 2 31 LEU 31 499 499 LEU LEU B . n 
B 2 32 ALA 32 500 500 ALA ALA B . n 
B 2 33 TYR 33 501 501 TYR TYR B . n 
B 2 34 THR 34 502 502 THR THR B . n 
B 2 35 LYS 35 503 503 LYS LYS B . n 
B 2 36 THR 36 504 504 THR THR B . n 
B 2 37 PRO 37 505 505 PRO PRO B . n 
B 2 38 GLN 38 506 506 GLN GLN B . n 
B 2 39 TYR 39 507 507 TYR TYR B . n 
B 2 40 LYS 40 508 508 LYS LYS B . n 
B 2 41 ALA 41 509 509 ALA ALA B . n 
B 2 42 SER 42 510 510 SER SER B . n 
B 2 43 LEU 43 511 511 LEU LEU B . n 
B 2 44 GLN 44 512 512 GLN GLN B . n 
B 2 45 GLU 45 513 513 GLU GLU B . n 
B 2 46 LEU 46 514 514 LEU LEU B . n 
B 2 47 LEU 47 515 515 LEU LEU B . n 
B 2 48 GLY 48 516 516 GLY GLY B . n 
B 2 49 GLN 49 517 517 GLN GLN B . n 
B 2 50 GLU 50 518 518 GLU GLU B . n 
B 2 51 LYS 51 519 519 LYS LYS B . n 
B 2 52 GLU 52 520 520 GLU GLU B . n 
B 2 53 LYS 53 521 521 LYS LYS B . n 
B 2 54 ASN 54 522 522 ASN ASN B . n 
B 2 55 ALA 55 523 523 ALA ALA B . n 
B 2 56 GLN 56 524 524 GLN GLN B . n 
B 2 57 LEU 57 525 525 LEU LEU B . n 
B 2 58 LEU 58 526 526 LEU LEU B . n 
B 2 59 GLY 59 527 527 GLY GLY B . n 
B 2 60 ALA 60 528 528 ALA ALA B . n 
B 2 61 ALA 61 529 529 ALA ALA B . n 
B 2 62 GLN 62 530 530 GLN GLN B . n 
B 2 63 GLN 63 531 531 GLN GLN B . n 
B 2 64 LEU 64 532 532 LEU LEU B . n 
B 2 65 LEU 65 533 533 LEU LEU B . n 
B 2 66 SER 66 534 534 SER SER B . n 
B 2 67 HIS 67 535 535 HIS HIS B . n 
B 2 68 CYS 68 536 536 CYS CYS B . n 
B 2 69 GLN 69 537 537 GLN GLN B . n 
B 2 70 ALA 70 538 538 ALA ALA B . n 
B 2 71 GLN 71 539 539 GLN GLN B . n 
B 2 72 LYS 72 540 540 LYS LYS B . n 
B 2 73 GLU 73 541 541 GLU GLU B . n 
B 2 74 GLU 74 542 542 GLU GLU B . n 
B 2 75 ILE 75 543 543 ILE ILE B . n 
B 2 76 ARG 76 544 544 ARG ARG B . n 
B 2 77 ARG 77 545 545 ARG ARG B . n 
B 2 78 LEU 78 546 546 LEU LEU B . n 
B 2 79 PHE 79 547 547 PHE PHE B . n 
B 2 80 GLN 80 548 548 GLN GLN B . n 
B 2 81 GLN 81 549 549 GLN GLN B . n 
B 2 82 LYS 82 550 ?   ?   ?   B . n 
# 
loop_
_software.citation_id 
_software.classification 
_software.compiler_name 
_software.compiler_version 
_software.contact_author 
_software.contact_author_email 
_software.date 
_software.description 
_software.dependencies 
_software.hardware 
_software.language 
_software.location 
_software.mods 
_software.name 
_software.os 
_software.os_version 
_software.type 
_software.version 
_software.pdbx_ordinal 
? 'data scaling'    ? ? ? ? ? ? ? ? ? ? ? HKL-2000    ? ? ? .        1 
? refinement        ? ? ? ? ? ? ? ? ? ? ? REFMAC      ? ? ? 5.6.0117 2 
? 'data extraction' ? ? ? ? ? ? ? ? ? ? ? PDB_EXTRACT ? ? ? 3.24     3 
? 'data reduction'  ? ? ? ? ? ? ? ? ? ? ? HKL-2000    ? ? ? .        4 
? phasing           ? ? ? ? ? ? ? ? ? ? ? PHENIX      ? ? ? .        5 
# 
_cell.angle_alpha                  90.000 
_cell.angle_alpha_esd              ? 
_cell.angle_beta                   90.000 
_cell.angle_beta_esd               ? 
_cell.angle_gamma                  90.000 
_cell.angle_gamma_esd              ? 
_cell.entry_id                     6JN2 
_cell.details                      ? 
_cell.formula_units_Z              ? 
_cell.length_a                     107.813 
_cell.length_a_esd                 ? 
_cell.length_b                     107.813 
_cell.length_b_esd                 ? 
_cell.length_c                     114.035 
_cell.length_c_esd                 ? 
_cell.volume                       ? 
_cell.volume_esd                   ? 
_cell.Z_PDB                        16 
_cell.reciprocal_angle_alpha       ? 
_cell.reciprocal_angle_beta        ? 
_cell.reciprocal_angle_gamma       ? 
_cell.reciprocal_angle_alpha_esd   ? 
_cell.reciprocal_angle_beta_esd    ? 
_cell.reciprocal_angle_gamma_esd   ? 
_cell.reciprocal_length_a          ? 
_cell.reciprocal_length_b          ? 
_cell.reciprocal_length_c          ? 
_cell.reciprocal_length_a_esd      ? 
_cell.reciprocal_length_b_esd      ? 
_cell.reciprocal_length_c_esd      ? 
_cell.pdbx_unique_axis             ? 
# 
_symmetry.entry_id                         6JN2 
_symmetry.cell_setting                     ? 
_symmetry.Int_Tables_number                98 
_symmetry.space_group_name_Hall            ? 
_symmetry.space_group_name_H-M             'I 41 2 2' 
_symmetry.pdbx_full_space_group_name_H-M   ? 
# 
_exptl.absorpt_coefficient_mu     ? 
_exptl.absorpt_correction_T_max   ? 
_exptl.absorpt_correction_T_min   ? 
_exptl.absorpt_correction_type    ? 
_exptl.absorpt_process_details    ? 
_exptl.entry_id                   6JN2 
_exptl.crystals_number            1 
_exptl.details                    ? 
_exptl.method                     'X-RAY DIFFRACTION' 
_exptl.method_details             ? 
# 
_exptl_crystal.colour                      ? 
_exptl_crystal.density_diffrn              ? 
_exptl_crystal.density_Matthews            4.03 
_exptl_crystal.density_method              ? 
_exptl_crystal.density_percent_sol         69.45 
_exptl_crystal.description                 ? 
_exptl_crystal.F_000                       ? 
_exptl_crystal.id                          1 
_exptl_crystal.preparation                 ? 
_exptl_crystal.size_max                    ? 
_exptl_crystal.size_mid                    ? 
_exptl_crystal.size_min                    ? 
_exptl_crystal.size_rad                    ? 
_exptl_crystal.colour_lustre               ? 
_exptl_crystal.colour_modifier             ? 
_exptl_crystal.colour_primary              ? 
_exptl_crystal.density_meas                ? 
_exptl_crystal.density_meas_esd            ? 
_exptl_crystal.density_meas_gt             ? 
_exptl_crystal.density_meas_lt             ? 
_exptl_crystal.density_meas_temp           ? 
_exptl_crystal.density_meas_temp_esd       ? 
_exptl_crystal.density_meas_temp_gt        ? 
_exptl_crystal.density_meas_temp_lt        ? 
_exptl_crystal.pdbx_crystal_image_url      ? 
_exptl_crystal.pdbx_crystal_image_format   ? 
_exptl_crystal.pdbx_mosaicity              ? 
_exptl_crystal.pdbx_mosaicity_esd          ? 
# 
_exptl_crystal_grow.apparatus       ? 
_exptl_crystal_grow.atmosphere      ? 
_exptl_crystal_grow.crystal_id      1 
_exptl_crystal_grow.details         ? 
_exptl_crystal_grow.method          'VAPOR DIFFUSION, HANGING DROP' 
_exptl_crystal_grow.method_ref      ? 
_exptl_crystal_grow.pH              4.8 
_exptl_crystal_grow.pressure        ? 
_exptl_crystal_grow.pressure_esd    ? 
_exptl_crystal_grow.seeding         ? 
_exptl_crystal_grow.seeding_ref     ? 
_exptl_crystal_grow.temp            289 
_exptl_crystal_grow.temp_details    ? 
_exptl_crystal_grow.temp_esd        ? 
_exptl_crystal_grow.time            ? 
_exptl_crystal_grow.pdbx_details    '0.1 M SODIUM ACETATE PH 4.8, 0.3 M KSCN, 8% V/V PENTAERYTHRITOL ETHOXYLATE (3/4 EO/OH),' 
_exptl_crystal_grow.pdbx_pH_range   ? 
# 
_diffrn.ambient_environment              ? 
_diffrn.ambient_temp                     100 
_diffrn.ambient_temp_details             ? 
_diffrn.ambient_temp_esd                 ? 
_diffrn.crystal_id                       1 
_diffrn.crystal_support                  ? 
_diffrn.crystal_treatment                ? 
_diffrn.details                          ? 
_diffrn.id                               1 
_diffrn.ambient_pressure                 ? 
_diffrn.ambient_pressure_esd             ? 
_diffrn.ambient_pressure_gt              ? 
_diffrn.ambient_pressure_lt              ? 
_diffrn.ambient_temp_gt                  ? 
_diffrn.ambient_temp_lt                  ? 
_diffrn.pdbx_serial_crystal_experiment   N 
# 
_diffrn_detector.details                      ? 
_diffrn_detector.detector                     CCD 
_diffrn_detector.diffrn_id                    1 
_diffrn_detector.type                         'ADSC QUANTUM 315r' 
_diffrn_detector.area_resol_mean              ? 
_diffrn_detector.dtime                        ? 
_diffrn_detector.pdbx_frames_total            ? 
_diffrn_detector.pdbx_collection_time_total   ? 
_diffrn_detector.pdbx_collection_date         2016-04-16 
_diffrn_detector.pdbx_frequency               ? 
# 
_diffrn_radiation.collimation                      ? 
_diffrn_radiation.diffrn_id                        1 
_diffrn_radiation.filter_edge                      ? 
_diffrn_radiation.inhomogeneity                    ? 
_diffrn_radiation.monochromator                    ? 
_diffrn_radiation.polarisn_norm                    ? 
_diffrn_radiation.polarisn_ratio                   ? 
_diffrn_radiation.probe                            ? 
_diffrn_radiation.type                             ? 
_diffrn_radiation.xray_symbol                      ? 
_diffrn_radiation.wavelength_id                    1 
_diffrn_radiation.pdbx_monochromatic_or_laue_m_l   M 
_diffrn_radiation.pdbx_wavelength_list             ? 
_diffrn_radiation.pdbx_wavelength                  ? 
_diffrn_radiation.pdbx_diffrn_protocol             'SINGLE WAVELENGTH' 
_diffrn_radiation.pdbx_analyzer                    ? 
_diffrn_radiation.pdbx_scattering_type             x-ray 
# 
_diffrn_radiation_wavelength.id           1 
_diffrn_radiation_wavelength.wavelength   0.9788 
_diffrn_radiation_wavelength.wt           1.0 
# 
_diffrn_source.current                     ? 
_diffrn_source.details                     ? 
_diffrn_source.diffrn_id                   1 
_diffrn_source.power                       ? 
_diffrn_source.size                        ? 
_diffrn_source.source                      SYNCHROTRON 
_diffrn_source.target                      ? 
_diffrn_source.type                        'SSRF BEAMLINE BL17U' 
_diffrn_source.voltage                     ? 
_diffrn_source.take-off_angle              ? 
_diffrn_source.pdbx_wavelength_list        0.9788 
_diffrn_source.pdbx_wavelength             ? 
_diffrn_source.pdbx_synchrotron_beamline   BL17U 
_diffrn_source.pdbx_synchrotron_site       SSRF 
# 
_reflns.B_iso_Wilson_estimate            ? 
_reflns.entry_id                         6JN2 
_reflns.data_reduction_details           ? 
_reflns.data_reduction_method            ? 
_reflns.d_resolution_high                3.600 
_reflns.d_resolution_low                 50.000 
_reflns.details                          ? 
_reflns.limit_h_max                      ? 
_reflns.limit_h_min                      ? 
_reflns.limit_k_max                      ? 
_reflns.limit_k_min                      ? 
_reflns.limit_l_max                      ? 
_reflns.limit_l_min                      ? 
_reflns.number_all                       ? 
_reflns.number_obs                       4063 
_reflns.observed_criterion               ? 
_reflns.observed_criterion_F_max         ? 
_reflns.observed_criterion_F_min         ? 
_reflns.observed_criterion_I_max         ? 
_reflns.observed_criterion_I_min         ? 
_reflns.observed_criterion_sigma_F       ? 
_reflns.observed_criterion_sigma_I       ? 
_reflns.percent_possible_obs             98.900 
_reflns.R_free_details                   ? 
_reflns.Rmerge_F_all                     ? 
_reflns.Rmerge_F_obs                     ? 
_reflns.Friedel_coverage                 ? 
_reflns.number_gt                        ? 
_reflns.threshold_expression             ? 
_reflns.pdbx_redundancy                  15.100 
_reflns.pdbx_Rmerge_I_obs                0.080 
_reflns.pdbx_Rmerge_I_all                ? 
_reflns.pdbx_Rsym_value                  ? 
_reflns.pdbx_netI_over_av_sigmaI         ? 
_reflns.pdbx_netI_over_sigmaI            7.700 
_reflns.pdbx_res_netI_over_av_sigmaI_2   ? 
_reflns.pdbx_res_netI_over_sigmaI_2      ? 
_reflns.pdbx_chi_squared                 1.028 
_reflns.pdbx_scaling_rejects             ? 
_reflns.pdbx_d_res_high_opt              ? 
_reflns.pdbx_d_res_low_opt               ? 
_reflns.pdbx_d_res_opt_method            ? 
_reflns.phase_calculation_details        ? 
_reflns.pdbx_Rrim_I_all                  0.083 
_reflns.pdbx_Rpim_I_all                  0.025 
_reflns.pdbx_d_opt                       ? 
_reflns.pdbx_number_measured_all         ? 
_reflns.pdbx_diffrn_id                   1 
_reflns.pdbx_ordinal                     1 
_reflns.pdbx_CC_half                     ? 
_reflns.pdbx_R_split                     ? 
# 
loop_
_reflns_shell.d_res_high 
_reflns_shell.d_res_low 
_reflns_shell.meanI_over_sigI_all 
_reflns_shell.meanI_over_sigI_obs 
_reflns_shell.number_measured_all 
_reflns_shell.number_measured_obs 
_reflns_shell.number_possible 
_reflns_shell.number_unique_all 
_reflns_shell.number_unique_obs 
_reflns_shell.percent_possible_all 
_reflns_shell.percent_possible_obs 
_reflns_shell.Rmerge_F_all 
_reflns_shell.Rmerge_F_obs 
_reflns_shell.Rmerge_I_all 
_reflns_shell.Rmerge_I_obs 
_reflns_shell.meanI_over_sigI_gt 
_reflns_shell.meanI_over_uI_all 
_reflns_shell.meanI_over_uI_gt 
_reflns_shell.number_measured_gt 
_reflns_shell.number_unique_gt 
_reflns_shell.percent_possible_gt 
_reflns_shell.Rmerge_F_gt 
_reflns_shell.Rmerge_I_gt 
_reflns_shell.pdbx_redundancy 
_reflns_shell.pdbx_Rsym_value 
_reflns_shell.pdbx_chi_squared 
_reflns_shell.pdbx_netI_over_sigmaI_all 
_reflns_shell.pdbx_netI_over_sigmaI_obs 
_reflns_shell.pdbx_Rrim_I_all 
_reflns_shell.pdbx_Rpim_I_all 
_reflns_shell.pdbx_rejects 
_reflns_shell.pdbx_ordinal 
_reflns_shell.pdbx_diffrn_id 
_reflns_shell.pdbx_CC_half 
_reflns_shell.pdbx_R_split 
3.600 3.730  ? ? ? ? ? ? 392 100.000 ? ? ? ? ?     ? ? ? ? ? ? ? ? 15.900 ? 1.036 ? ? ?     0.378 ? 1  1 0.564 ? 
3.730 3.880  ? ? ? ? ? ? 391 100.000 ? ? ? ? ?     ? ? ? ? ? ? ? ? 15.800 ? 1.003 ? ? ?     0.293 ? 2  1 0.838 ? 
3.880 4.050  ? ? ? ? ? ? 410 100.000 ? ? ? ? 0.729 ? ? ? ? ? ? ? ? 15.800 ? 1.017 ? ? 0.753 0.188 ? 3  1 0.973 ? 
4.050 4.270  ? ? ? ? ? ? 396 100.000 ? ? ? ? 0.337 ? ? ? ? ? ? ? ? 15.800 ? 0.968 ? ? 0.348 0.087 ? 4  1 0.994 ? 
4.270 4.540  ? ? ? ? ? ? 415 100.000 ? ? ? ? 0.259 ? ? ? ? ? ? ? ? 15.600 ? 1.123 ? ? 0.269 0.068 ? 5  1 0.994 ? 
4.540 4.890  ? ? ? ? ? ? 394 100.000 ? ? ? ? 0.162 ? ? ? ? ? ? ? ? 15.400 ? 0.980 ? ? 0.167 0.043 ? 6  1 0.997 ? 
4.890 5.380  ? ? ? ? ? ? 411 100.000 ? ? ? ? 0.132 ? ? ? ? ? ? ? ? 15.200 ? 1.029 ? ? 0.137 0.036 ? 7  1 0.998 ? 
5.380 6.150  ? ? ? ? ? ? 410 100.000 ? ? ? ? 0.188 ? ? ? ? ? ? ? ? 15.000 ? 1.051 ? ? 0.195 0.050 ? 8  1 0.995 ? 
6.150 7.750  ? ? ? ? ? ? 430 100.000 ? ? ? ? 0.076 ? ? ? ? ? ? ? ? 14.100 ? 1.051 ? ? 0.079 0.021 ? 9  1 0.998 ? 
7.750 50.000 ? ? ? ? ? ? 414 90.400  ? ? ? ? 0.053 ? ? ? ? ? ? ? ? 12.900 ? 1.014 ? ? 0.055 0.015 ? 10 1 0.998 ? 
# 
_refine.aniso_B[1][1]                            0.0000 
_refine.aniso_B[1][2]                            0.0000 
_refine.aniso_B[1][3]                            0.0000 
_refine.aniso_B[2][2]                            0.0000 
_refine.aniso_B[2][3]                            0.0000 
_refine.aniso_B[3][3]                            0.0000 
_refine.B_iso_max                                293.900 
_refine.B_iso_mean                               191.5220 
_refine.B_iso_min                                103.170 
_refine.correlation_coeff_Fo_to_Fc               0.9310 
_refine.correlation_coeff_Fo_to_Fc_free          0.9240 
_refine.details                                  
'HYDROGENS HAVE BEEN USED IF PRESENT IN THE INPUT U VALUES      : REFINED INDIVIDUALLY' 
_refine.diff_density_max                         ? 
_refine.diff_density_max_esd                     ? 
_refine.diff_density_min                         ? 
_refine.diff_density_min_esd                     ? 
_refine.diff_density_rms                         ? 
_refine.diff_density_rms_esd                     ? 
_refine.entry_id                                 6JN2 
_refine.pdbx_refine_id                           'X-RAY DIFFRACTION' 
_refine.ls_abs_structure_details                 ? 
_refine.ls_abs_structure_Flack                   ? 
_refine.ls_abs_structure_Flack_esd               ? 
_refine.ls_abs_structure_Rogers                  ? 
_refine.ls_abs_structure_Rogers_esd              ? 
_refine.ls_d_res_high                            3.6000 
_refine.ls_d_res_low                             50.0000 
_refine.ls_extinction_coef                       ? 
_refine.ls_extinction_coef_esd                   ? 
_refine.ls_extinction_expression                 ? 
_refine.ls_extinction_method                     ? 
_refine.ls_goodness_of_fit_all                   ? 
_refine.ls_goodness_of_fit_all_esd               ? 
_refine.ls_goodness_of_fit_obs                   ? 
_refine.ls_goodness_of_fit_obs_esd               ? 
_refine.ls_hydrogen_treatment                    ? 
_refine.ls_matrix_type                           ? 
_refine.ls_number_constraints                    ? 
_refine.ls_number_parameters                     ? 
_refine.ls_number_reflns_all                     ? 
_refine.ls_number_reflns_obs                     3667 
_refine.ls_number_reflns_R_free                  387 
_refine.ls_number_reflns_R_work                  ? 
_refine.ls_number_restraints                     ? 
_refine.ls_percent_reflns_obs                    98.3500 
_refine.ls_percent_reflns_R_free                 9.5000 
_refine.ls_R_factor_all                          ? 
_refine.ls_R_factor_obs                          0.3293 
_refine.ls_R_factor_R_free                       0.3812 
_refine.ls_R_factor_R_free_error                 ? 
_refine.ls_R_factor_R_free_error_details         ? 
_refine.ls_R_factor_R_work                       0.3242 
_refine.ls_R_Fsqd_factor_obs                     ? 
_refine.ls_R_I_factor_obs                        ? 
_refine.ls_redundancy_reflns_all                 ? 
_refine.ls_redundancy_reflns_obs                 ? 
_refine.ls_restrained_S_all                      ? 
_refine.ls_restrained_S_obs                      ? 
_refine.ls_shift_over_esd_max                    ? 
_refine.ls_shift_over_esd_mean                   ? 
_refine.ls_structure_factor_coef                 ? 
_refine.ls_weighting_details                     ? 
_refine.ls_weighting_scheme                      ? 
_refine.ls_wR_factor_all                         ? 
_refine.ls_wR_factor_obs                         ? 
_refine.ls_wR_factor_R_free                      ? 
_refine.ls_wR_factor_R_work                      ? 
_refine.occupancy_max                            ? 
_refine.occupancy_min                            ? 
_refine.solvent_model_details                    ? 
_refine.solvent_model_param_bsol                 ? 
_refine.solvent_model_param_ksol                 ? 
_refine.ls_R_factor_gt                           ? 
_refine.ls_goodness_of_fit_gt                    ? 
_refine.ls_goodness_of_fit_ref                   ? 
_refine.ls_shift_over_su_max                     ? 
_refine.ls_shift_over_su_max_lt                  ? 
_refine.ls_shift_over_su_mean                    ? 
_refine.ls_shift_over_su_mean_lt                 ? 
_refine.pdbx_ls_sigma_I                          ? 
_refine.pdbx_ls_sigma_F                          0.000 
_refine.pdbx_ls_sigma_Fsqd                       ? 
_refine.pdbx_data_cutoff_high_absF               ? 
_refine.pdbx_data_cutoff_high_rms_absF           ? 
_refine.pdbx_data_cutoff_low_absF                ? 
_refine.pdbx_isotropic_thermal_model             ? 
_refine.pdbx_ls_cross_valid_method               THROUGHOUT 
_refine.pdbx_method_to_determine_struct          SAD 
_refine.pdbx_starting_model                      ? 
_refine.pdbx_stereochemistry_target_values       ? 
_refine.pdbx_R_Free_selection_details            RANDOM 
_refine.pdbx_stereochem_target_val_spec_case     ? 
_refine.pdbx_overall_ESU_R                       ? 
_refine.pdbx_overall_ESU_R_Free                  0.7810 
_refine.pdbx_solvent_vdw_probe_radii             1.2000 
_refine.pdbx_solvent_ion_probe_radii             0.8000 
_refine.pdbx_solvent_shrinkage_radii             0.8000 
_refine.pdbx_real_space_R                        ? 
_refine.pdbx_density_correlation                 ? 
_refine.pdbx_pd_number_of_powder_patterns        ? 
_refine.pdbx_pd_number_of_points                 ? 
_refine.pdbx_pd_meas_number_of_points            ? 
_refine.pdbx_pd_proc_ls_prof_R_factor            ? 
_refine.pdbx_pd_proc_ls_prof_wR_factor           ? 
_refine.pdbx_pd_Marquardt_correlation_coeff      ? 
_refine.pdbx_pd_Fsqrd_R_factor                   ? 
_refine.pdbx_pd_ls_matrix_band_width             ? 
_refine.pdbx_overall_phase_error                 ? 
_refine.pdbx_overall_SU_R_free_Cruickshank_DPI   ? 
_refine.pdbx_overall_SU_R_free_Blow_DPI          ? 
_refine.pdbx_overall_SU_R_Blow_DPI               ? 
_refine.pdbx_TLS_residual_ADP_flag               ? 
_refine.pdbx_diffrn_id                           1 
_refine.overall_SU_B                             ? 
_refine.overall_SU_ML                            ? 
_refine.overall_SU_R_Cruickshank_DPI             ? 
_refine.overall_SU_R_free                        ? 
_refine.overall_FOM_free_R_set                   ? 
_refine.overall_FOM_work_R_set                   ? 
_refine.pdbx_average_fsc_overall                 ? 
_refine.pdbx_average_fsc_work                    ? 
_refine.pdbx_average_fsc_free                    ? 
# 
_refine_hist.cycle_id                         final 
_refine_hist.pdbx_refine_id                   'X-RAY DIFFRACTION' 
_refine_hist.d_res_high                       3.6000 
_refine_hist.d_res_low                        50.0000 
_refine_hist.pdbx_number_atoms_ligand         0 
_refine_hist.number_atoms_solvent             0 
_refine_hist.number_atoms_total               1098 
_refine_hist.pdbx_number_residues_total       134 
_refine_hist.pdbx_number_atoms_protein        1098 
_refine_hist.pdbx_number_atoms_nucleic_acid   0 
# 
loop_
_refine_ls_restr.pdbx_refine_id 
_refine_ls_restr.criterion 
_refine_ls_restr.dev_ideal 
_refine_ls_restr.dev_ideal_target 
_refine_ls_restr.number 
_refine_ls_restr.rejects 
_refine_ls_restr.type 
_refine_ls_restr.weight 
_refine_ls_restr.pdbx_restraint_function 
'X-RAY DIFFRACTION' ? 0.005  0.019  1110 ? r_bond_refined_d       ? ? 
'X-RAY DIFFRACTION' ? 1.114  1.988  1487 ? r_angle_refined_deg    ? ? 
'X-RAY DIFFRACTION' ? 4.595  5.000  132  ? r_dihedral_angle_1_deg ? ? 
'X-RAY DIFFRACTION' ? 37.516 26.207 58   ? r_dihedral_angle_2_deg ? ? 
'X-RAY DIFFRACTION' ? 18.879 15.000 233  ? r_dihedral_angle_3_deg ? ? 
'X-RAY DIFFRACTION' ? 12.539 15.000 6    ? r_dihedral_angle_4_deg ? ? 
'X-RAY DIFFRACTION' ? 0.069  0.200  167  ? r_chiral_restr         ? ? 
'X-RAY DIFFRACTION' ? 0.010  0.020  812  ? r_gen_planes_refined   ? ? 
# 
_refine_ls_shell.pdbx_refine_id                   'X-RAY DIFFRACTION' 
_refine_ls_shell.d_res_high                       3.6030 
_refine_ls_shell.d_res_low                        3.6960 
_refine_ls_shell.number_reflns_all                278 
_refine_ls_shell.number_reflns_obs                ? 
_refine_ls_shell.number_reflns_R_free             27 
_refine_ls_shell.number_reflns_R_work             251 
_refine_ls_shell.percent_reflns_obs               96.1900 
_refine_ls_shell.percent_reflns_R_free            ? 
_refine_ls_shell.R_factor_all                     ? 
_refine_ls_shell.R_factor_obs                     ? 
_refine_ls_shell.R_factor_R_free                  0.4810 
_refine_ls_shell.R_factor_R_free_error            0.0000 
_refine_ls_shell.R_factor_R_work                  0.5380 
_refine_ls_shell.redundancy_reflns_all            ? 
_refine_ls_shell.redundancy_reflns_obs            ? 
_refine_ls_shell.wR_factor_all                    ? 
_refine_ls_shell.wR_factor_obs                    ? 
_refine_ls_shell.wR_factor_R_free                 ? 
_refine_ls_shell.wR_factor_R_work                 ? 
_refine_ls_shell.pdbx_total_number_of_bins_used   20 
_refine_ls_shell.pdbx_phase_error                 ? 
_refine_ls_shell.pdbx_fsc_work                    ? 
_refine_ls_shell.pdbx_fsc_free                    ? 
# 
_struct.entry_id                     6JN2 
_struct.title                        'Crystal structure of the coiled-coil domains of human DOT1L in complex with AF10' 
_struct.pdbx_model_details           ? 
_struct.pdbx_formula_weight          ? 
_struct.pdbx_formula_weight_method   ? 
_struct.pdbx_model_type_details      ? 
_struct.pdbx_CASP_flag               N 
# 
_struct_keywords.entry_id        6JN2 
_struct_keywords.text            'hDOT1L, hAF10, Leucine zipper, heterodimer, tetramerization, TRANSFERASE' 
_struct_keywords.pdbx_keywords   TRANSFERASE 
# 
loop_
_struct_asym.id 
_struct_asym.pdbx_blank_PDB_chainid_flag 
_struct_asym.pdbx_modified 
_struct_asym.entity_id 
_struct_asym.details 
A N N 1 ? 
B N N 2 ? 
# 
loop_
_struct_ref.id 
_struct_ref.db_name 
_struct_ref.db_code 
_struct_ref.pdbx_db_accession 
_struct_ref.pdbx_db_isoform 
_struct_ref.entity_id 
_struct_ref.pdbx_seq_one_letter_code 
_struct_ref.pdbx_align_begin 
1 UNP AF10_HUMAN  P55197 ? 1 
;DQPGNSSLENLPPVAASIEQLLERQWSEGQQFLLEQGTPSDILGMLKSLHQLQVENRRLEEQIKNLTAKKERLQLLNAQL
SVPF
;
699 
2 UNP DOT1L_HUMAN Q8TEK3 ? 2 
;HSPNPLLVAPTPPALQKLLESFKIQYLQFLAYTKTPQYKASLQELLGQEKEKNAQLLGAAQQLLSHCQAQKEEIRRLFQQ
K
;
470 
# 
loop_
_struct_ref_seq.align_id 
_struct_ref_seq.ref_id 
_struct_ref_seq.pdbx_PDB_id_code 
_struct_ref_seq.pdbx_strand_id 
_struct_ref_seq.seq_align_beg 
_struct_ref_seq.pdbx_seq_align_beg_ins_code 
_struct_ref_seq.seq_align_end 
_struct_ref_seq.pdbx_seq_align_end_ins_code 
_struct_ref_seq.pdbx_db_accession 
_struct_ref_seq.db_align_beg 
_struct_ref_seq.pdbx_db_align_beg_ins_code 
_struct_ref_seq.db_align_end 
_struct_ref_seq.pdbx_db_align_end_ins_code 
_struct_ref_seq.pdbx_auth_seq_align_beg 
_struct_ref_seq.pdbx_auth_seq_align_end 
1 1 6JN2 A 15 ? 98 ? P55197 699 ? 782 ? 699 782 
2 2 6JN2 B 2  ? 82 ? Q8TEK3 470 ? 550 ? 470 550 
# 
loop_
_struct_ref_seq_dif.align_id 
_struct_ref_seq_dif.pdbx_pdb_id_code 
_struct_ref_seq_dif.mon_id 
_struct_ref_seq_dif.pdbx_pdb_strand_id 
_struct_ref_seq_dif.seq_num 
_struct_ref_seq_dif.pdbx_pdb_ins_code 
_struct_ref_seq_dif.pdbx_seq_db_name 
_struct_ref_seq_dif.pdbx_seq_db_accession_code 
_struct_ref_seq_dif.db_mon_id 
_struct_ref_seq_dif.pdbx_seq_db_seq_num 
_struct_ref_seq_dif.details 
_struct_ref_seq_dif.pdbx_auth_seq_num 
_struct_ref_seq_dif.pdbx_ordinal 
1 6JN2 MET A 1  ? UNP P55197 ? ? 'expression tag' 685 1  
1 6JN2 GLY A 2  ? UNP P55197 ? ? 'expression tag' 686 2  
1 6JN2 SER A 3  ? UNP P55197 ? ? 'expression tag' 687 3  
1 6JN2 SER A 4  ? UNP P55197 ? ? 'expression tag' 688 4  
1 6JN2 HIS A 5  ? UNP P55197 ? ? 'expression tag' 689 5  
1 6JN2 HIS A 6  ? UNP P55197 ? ? 'expression tag' 690 6  
1 6JN2 HIS A 7  ? UNP P55197 ? ? 'expression tag' 691 7  
1 6JN2 HIS A 8  ? UNP P55197 ? ? 'expression tag' 692 8  
1 6JN2 HIS A 9  ? UNP P55197 ? ? 'expression tag' 693 9  
1 6JN2 HIS A 10 ? UNP P55197 ? ? 'expression tag' 694 10 
1 6JN2 SER A 11 ? UNP P55197 ? ? 'expression tag' 695 11 
1 6JN2 GLN A 12 ? UNP P55197 ? ? 'expression tag' 696 12 
1 6JN2 ASP A 13 ? UNP P55197 ? ? 'expression tag' 697 13 
1 6JN2 PRO A 14 ? UNP P55197 ? ? 'expression tag' 698 14 
2 6JN2 MET B 1  ? UNP Q8TEK3 ? ? 'expression tag' 469 15 
# 
_pdbx_struct_assembly.id                   1 
_pdbx_struct_assembly.details              author_and_software_defined_assembly 
_pdbx_struct_assembly.method_details       PISA 
_pdbx_struct_assembly.oligomeric_details   octameric 
_pdbx_struct_assembly.oligomeric_count     8 
# 
loop_
_pdbx_struct_assembly_prop.biol_id 
_pdbx_struct_assembly_prop.type 
_pdbx_struct_assembly_prop.value 
_pdbx_struct_assembly_prop.details 
1 'ABSA (A^2)' 18550 ? 
1 MORE         -164  ? 
1 'SSA (A^2)'  35160 ? 
# 
_pdbx_struct_assembly_gen.assembly_id       1 
_pdbx_struct_assembly_gen.oper_expression   1,2,3,4 
_pdbx_struct_assembly_gen.asym_id_list      A,B 
# 
_pdbx_struct_assembly_auth_evidence.id                     1 
_pdbx_struct_assembly_auth_evidence.assembly_id            1 
_pdbx_struct_assembly_auth_evidence.experimental_support   'gel filtration' 
_pdbx_struct_assembly_auth_evidence.details                ? 
# 
loop_
_pdbx_struct_oper_list.id 
_pdbx_struct_oper_list.type 
_pdbx_struct_oper_list.name 
_pdbx_struct_oper_list.symmetry_operation 
_pdbx_struct_oper_list.matrix[1][1] 
_pdbx_struct_oper_list.matrix[1][2] 
_pdbx_struct_oper_list.matrix[1][3] 
_pdbx_struct_oper_list.vector[1] 
_pdbx_struct_oper_list.matrix[2][1] 
_pdbx_struct_oper_list.matrix[2][2] 
_pdbx_struct_oper_list.matrix[2][3] 
_pdbx_struct_oper_list.vector[2] 
_pdbx_struct_oper_list.matrix[3][1] 
_pdbx_struct_oper_list.matrix[3][2] 
_pdbx_struct_oper_list.matrix[3][3] 
_pdbx_struct_oper_list.vector[3] 
1 'identity operation'         1_555  x,y,z                1.0000000000  0.0000000000  0.0000000000  0.0000000000   0.0000000000  1.0000000000  0.0000000000  0.0000000000   0.0000000000  0.0000000000  1.0000000000  0.0000000000  
2 'crystal symmetry operation' 7_455  y-1/2,x+1/2,-z+1/2   -0.3981036904 -0.8888309053 -0.2269208531 -36.7915825474 -0.8888309053 0.3125522877  0.3350980294  -36.4734959395 -0.2269208531 0.3350980294  -0.9144485973 45.2759299765 
3 'crystal symmetry operation' 10_565 -x,-y+1,z            -0.4565663272 0.1438496677  0.8779831787  -54.9168137146 0.1438496677  -0.9619222586 0.2324066299  -22.3425571957 0.8779831787  0.2324066299  0.4184885857  37.6517637320 
4 'crystal symmetry operation' 16_555 -y+1/2,-x+1/2,-z+1/2 -0.1453299824 0.7449812376  -0.6510623256 -3.6142113515  0.7449812376  -0.3506300291 -0.5675046593 17.9720797739  -0.6510623256 -0.5675046593 -0.5040399884 15.8201507727 
# 
loop_
_struct_conf.conf_type_id 
_struct_conf.id 
_struct_conf.pdbx_PDB_helix_id 
_struct_conf.beg_label_comp_id 
_struct_conf.beg_label_asym_id 
_struct_conf.beg_label_seq_id 
_struct_conf.pdbx_beg_PDB_ins_code 
_struct_conf.end_label_comp_id 
_struct_conf.end_label_asym_id 
_struct_conf.end_label_seq_id 
_struct_conf.pdbx_end_PDB_ins_code 
_struct_conf.beg_auth_comp_id 
_struct_conf.beg_auth_asym_id 
_struct_conf.beg_auth_seq_id 
_struct_conf.end_auth_comp_id 
_struct_conf.end_auth_asym_id 
_struct_conf.end_auth_seq_id 
_struct_conf.pdbx_PDB_helix_class 
_struct_conf.details 
_struct_conf.pdbx_PDB_helix_length 
HELX_P HELX_P1 AA1 SER A 31 ? GLN A 50 ? SER A 715 GLN A 734 1 ? 20 
HELX_P HELX_P2 AA2 ASP A 55 ? VAL A 96 ? ASP A 739 VAL A 780 1 ? 42 
HELX_P HELX_P3 AA3 LEU B 16 ? ALA B 32 ? LEU B 484 ALA B 500 1 ? 17 
HELX_P HELX_P4 AA4 SER B 42 ? GLN B 81 ? SER B 510 GLN B 549 1 ? 40 
# 
_struct_conf_type.id          HELX_P 
_struct_conf_type.criteria    ? 
_struct_conf_type.reference   ? 
# 
_pdbx_validate_rmsd_angle.id                         1 
_pdbx_validate_rmsd_angle.PDB_model_num              1 
_pdbx_validate_rmsd_angle.auth_atom_id_1             C 
_pdbx_validate_rmsd_angle.auth_asym_id_1             B 
_pdbx_validate_rmsd_angle.auth_comp_id_1             THR 
_pdbx_validate_rmsd_angle.auth_seq_id_1              504 
_pdbx_validate_rmsd_angle.PDB_ins_code_1             ? 
_pdbx_validate_rmsd_angle.label_alt_id_1             ? 
_pdbx_validate_rmsd_angle.auth_atom_id_2             N 
_pdbx_validate_rmsd_angle.auth_asym_id_2             B 
_pdbx_validate_rmsd_angle.auth_comp_id_2             PRO 
_pdbx_validate_rmsd_angle.auth_seq_id_2              505 
_pdbx_validate_rmsd_angle.PDB_ins_code_2             ? 
_pdbx_validate_rmsd_angle.label_alt_id_2             ? 
_pdbx_validate_rmsd_angle.auth_atom_id_3             CD 
_pdbx_validate_rmsd_angle.auth_asym_id_3             B 
_pdbx_validate_rmsd_angle.auth_comp_id_3             PRO 
_pdbx_validate_rmsd_angle.auth_seq_id_3              505 
_pdbx_validate_rmsd_angle.PDB_ins_code_3             ? 
_pdbx_validate_rmsd_angle.label_alt_id_3             ? 
_pdbx_validate_rmsd_angle.angle_value                111.02 
_pdbx_validate_rmsd_angle.angle_target_value         128.40 
_pdbx_validate_rmsd_angle.angle_deviation            -17.38 
_pdbx_validate_rmsd_angle.angle_standard_deviation   2.10 
_pdbx_validate_rmsd_angle.linker_flag                Y 
# 
loop_
_pdbx_validate_torsion.id 
_pdbx_validate_torsion.PDB_model_num 
_pdbx_validate_torsion.auth_comp_id 
_pdbx_validate_torsion.auth_asym_id 
_pdbx_validate_torsion.auth_seq_id 
_pdbx_validate_torsion.PDB_ins_code 
_pdbx_validate_torsion.label_alt_id 
_pdbx_validate_torsion.phi 
_pdbx_validate_torsion.psi 
1 1 THR B 504 ? ? -75.64 -72.65 
2 1 TYR B 507 ? ? -90.48 -65.27 
# 
loop_
_pdbx_unobs_or_zero_occ_residues.id 
_pdbx_unobs_or_zero_occ_residues.PDB_model_num 
_pdbx_unobs_or_zero_occ_residues.polymer_flag 
_pdbx_unobs_or_zero_occ_residues.occupancy_flag 
_pdbx_unobs_or_zero_occ_residues.auth_asym_id 
_pdbx_unobs_or_zero_occ_residues.auth_comp_id 
_pdbx_unobs_or_zero_occ_residues.auth_seq_id 
_pdbx_unobs_or_zero_occ_residues.PDB_ins_code 
_pdbx_unobs_or_zero_occ_residues.label_asym_id 
_pdbx_unobs_or_zero_occ_residues.label_comp_id 
_pdbx_unobs_or_zero_occ_residues.label_seq_id 
1  1 Y 1 A MET 685 ? A MET 1  
2  1 Y 1 A GLY 686 ? A GLY 2  
3  1 Y 1 A SER 687 ? A SER 3  
4  1 Y 1 A SER 688 ? A SER 4  
5  1 Y 1 A HIS 689 ? A HIS 5  
6  1 Y 1 A HIS 690 ? A HIS 6  
7  1 Y 1 A HIS 691 ? A HIS 7  
8  1 Y 1 A HIS 692 ? A HIS 8  
9  1 Y 1 A HIS 693 ? A HIS 9  
10 1 Y 1 A HIS 694 ? A HIS 10 
11 1 Y 1 A SER 695 ? A SER 11 
12 1 Y 1 A GLN 696 ? A GLN 12 
13 1 Y 1 A ASP 697 ? A ASP 13 
14 1 Y 1 A PRO 698 ? A PRO 14 
15 1 Y 1 A ASP 699 ? A ASP 15 
16 1 Y 1 A GLN 700 ? A GLN 16 
17 1 Y 1 A PRO 701 ? A PRO 17 
18 1 Y 1 A GLY 702 ? A GLY 18 
19 1 Y 1 A ASN 703 ? A ASN 19 
20 1 Y 1 A SER 704 ? A SER 20 
21 1 Y 1 A SER 705 ? A SER 21 
22 1 Y 1 A LEU 706 ? A LEU 22 
23 1 Y 1 A GLU 707 ? A GLU 23 
24 1 Y 1 A ASN 708 ? A ASN 24 
25 1 Y 1 A LEU 709 ? A LEU 25 
26 1 Y 1 A PRO 710 ? A PRO 26 
27 1 Y 1 A PRO 711 ? A PRO 27 
28 1 Y 1 A VAL 712 ? A VAL 28 
29 1 Y 1 A ALA 713 ? A ALA 29 
30 1 Y 1 A ALA 714 ? A ALA 30 
31 1 Y 1 A PHE 782 ? A PHE 98 
32 1 Y 1 B MET 469 ? B MET 1  
33 1 Y 1 B HIS 470 ? B HIS 2  
34 1 Y 1 B SER 471 ? B SER 3  
35 1 Y 1 B PRO 472 ? B PRO 4  
36 1 Y 1 B ASN 473 ? B ASN 5  
37 1 Y 1 B PRO 474 ? B PRO 6  
38 1 Y 1 B LEU 475 ? B LEU 7  
39 1 Y 1 B LEU 476 ? B LEU 8  
40 1 Y 1 B VAL 477 ? B VAL 9  
41 1 Y 1 B ALA 478 ? B ALA 10 
42 1 Y 1 B PRO 479 ? B PRO 11 
43 1 Y 1 B THR 480 ? B THR 12 
44 1 Y 1 B PRO 481 ? B PRO 13 
45 1 Y 1 B PRO 482 ? B PRO 14 
46 1 Y 1 B LYS 550 ? B LYS 82 
# 
loop_
_chem_comp_atom.comp_id 
_chem_comp_atom.atom_id 
_chem_comp_atom.type_symbol 
_chem_comp_atom.pdbx_aromatic_flag 
_chem_comp_atom.pdbx_stereo_config 
_chem_comp_atom.pdbx_ordinal 
ALA N    N N N 1   
ALA CA   C N S 2   
ALA C    C N N 3   
ALA O    O N N 4   
ALA CB   C N N 5   
ALA OXT  O N N 6   
ALA H    H N N 7   
ALA H2   H N N 8   
ALA HA   H N N 9   
ALA HB1  H N N 10  
ALA HB2  H N N 11  
ALA HB3  H N N 12  
ALA HXT  H N N 13  
ARG N    N N N 14  
ARG CA   C N S 15  
ARG C    C N N 16  
ARG O    O N N 17  
ARG CB   C N N 18  
ARG CG   C N N 19  
ARG CD   C N N 20  
ARG NE   N N N 21  
ARG CZ   C N N 22  
ARG NH1  N N N 23  
ARG NH2  N N N 24  
ARG OXT  O N N 25  
ARG H    H N N 26  
ARG H2   H N N 27  
ARG HA   H N N 28  
ARG HB2  H N N 29  
ARG HB3  H N N 30  
ARG HG2  H N N 31  
ARG HG3  H N N 32  
ARG HD2  H N N 33  
ARG HD3  H N N 34  
ARG HE   H N N 35  
ARG HH11 H N N 36  
ARG HH12 H N N 37  
ARG HH21 H N N 38  
ARG HH22 H N N 39  
ARG HXT  H N N 40  
ASN N    N N N 41  
ASN CA   C N S 42  
ASN C    C N N 43  
ASN O    O N N 44  
ASN CB   C N N 45  
ASN CG   C N N 46  
ASN OD1  O N N 47  
ASN ND2  N N N 48  
ASN OXT  O N N 49  
ASN H    H N N 50  
ASN H2   H N N 51  
ASN HA   H N N 52  
ASN HB2  H N N 53  
ASN HB3  H N N 54  
ASN HD21 H N N 55  
ASN HD22 H N N 56  
ASN HXT  H N N 57  
ASP N    N N N 58  
ASP CA   C N S 59  
ASP C    C N N 60  
ASP O    O N N 61  
ASP CB   C N N 62  
ASP CG   C N N 63  
ASP OD1  O N N 64  
ASP OD2  O N N 65  
ASP OXT  O N N 66  
ASP H    H N N 67  
ASP H2   H N N 68  
ASP HA   H N N 69  
ASP HB2  H N N 70  
ASP HB3  H N N 71  
ASP HD2  H N N 72  
ASP HXT  H N N 73  
CYS N    N N N 74  
CYS CA   C N R 75  
CYS C    C N N 76  
CYS O    O N N 77  
CYS CB   C N N 78  
CYS SG   S N N 79  
CYS OXT  O N N 80  
CYS H    H N N 81  
CYS H2   H N N 82  
CYS HA   H N N 83  
CYS HB2  H N N 84  
CYS HB3  H N N 85  
CYS HG   H N N 86  
CYS HXT  H N N 87  
GLN N    N N N 88  
GLN CA   C N S 89  
GLN C    C N N 90  
GLN O    O N N 91  
GLN CB   C N N 92  
GLN CG   C N N 93  
GLN CD   C N N 94  
GLN OE1  O N N 95  
GLN NE2  N N N 96  
GLN OXT  O N N 97  
GLN H    H N N 98  
GLN H2   H N N 99  
GLN HA   H N N 100 
GLN HB2  H N N 101 
GLN HB3  H N N 102 
GLN HG2  H N N 103 
GLN HG3  H N N 104 
GLN HE21 H N N 105 
GLN HE22 H N N 106 
GLN HXT  H N N 107 
GLU N    N N N 108 
GLU CA   C N S 109 
GLU C    C N N 110 
GLU O    O N N 111 
GLU CB   C N N 112 
GLU CG   C N N 113 
GLU CD   C N N 114 
GLU OE1  O N N 115 
GLU OE2  O N N 116 
GLU OXT  O N N 117 
GLU H    H N N 118 
GLU H2   H N N 119 
GLU HA   H N N 120 
GLU HB2  H N N 121 
GLU HB3  H N N 122 
GLU HG2  H N N 123 
GLU HG3  H N N 124 
GLU HE2  H N N 125 
GLU HXT  H N N 126 
GLY N    N N N 127 
GLY CA   C N N 128 
GLY C    C N N 129 
GLY O    O N N 130 
GLY OXT  O N N 131 
GLY H    H N N 132 
GLY H2   H N N 133 
GLY HA2  H N N 134 
GLY HA3  H N N 135 
GLY HXT  H N N 136 
HIS N    N N N 137 
HIS CA   C N S 138 
HIS C    C N N 139 
HIS O    O N N 140 
HIS CB   C N N 141 
HIS CG   C Y N 142 
HIS ND1  N Y N 143 
HIS CD2  C Y N 144 
HIS CE1  C Y N 145 
HIS NE2  N Y N 146 
HIS OXT  O N N 147 
HIS H    H N N 148 
HIS H2   H N N 149 
HIS HA   H N N 150 
HIS HB2  H N N 151 
HIS HB3  H N N 152 
HIS HD1  H N N 153 
HIS HD2  H N N 154 
HIS HE1  H N N 155 
HIS HE2  H N N 156 
HIS HXT  H N N 157 
ILE N    N N N 158 
ILE CA   C N S 159 
ILE C    C N N 160 
ILE O    O N N 161 
ILE CB   C N S 162 
ILE CG1  C N N 163 
ILE CG2  C N N 164 
ILE CD1  C N N 165 
ILE OXT  O N N 166 
ILE H    H N N 167 
ILE H2   H N N 168 
ILE HA   H N N 169 
ILE HB   H N N 170 
ILE HG12 H N N 171 
ILE HG13 H N N 172 
ILE HG21 H N N 173 
ILE HG22 H N N 174 
ILE HG23 H N N 175 
ILE HD11 H N N 176 
ILE HD12 H N N 177 
ILE HD13 H N N 178 
ILE HXT  H N N 179 
LEU N    N N N 180 
LEU CA   C N S 181 
LEU C    C N N 182 
LEU O    O N N 183 
LEU CB   C N N 184 
LEU CG   C N N 185 
LEU CD1  C N N 186 
LEU CD2  C N N 187 
LEU OXT  O N N 188 
LEU H    H N N 189 
LEU H2   H N N 190 
LEU HA   H N N 191 
LEU HB2  H N N 192 
LEU HB3  H N N 193 
LEU HG   H N N 194 
LEU HD11 H N N 195 
LEU HD12 H N N 196 
LEU HD13 H N N 197 
LEU HD21 H N N 198 
LEU HD22 H N N 199 
LEU HD23 H N N 200 
LEU HXT  H N N 201 
LYS N    N N N 202 
LYS CA   C N S 203 
LYS C    C N N 204 
LYS O    O N N 205 
LYS CB   C N N 206 
LYS CG   C N N 207 
LYS CD   C N N 208 
LYS CE   C N N 209 
LYS NZ   N N N 210 
LYS OXT  O N N 211 
LYS H    H N N 212 
LYS H2   H N N 213 
LYS HA   H N N 214 
LYS HB2  H N N 215 
LYS HB3  H N N 216 
LYS HG2  H N N 217 
LYS HG3  H N N 218 
LYS HD2  H N N 219 
LYS HD3  H N N 220 
LYS HE2  H N N 221 
LYS HE3  H N N 222 
LYS HZ1  H N N 223 
LYS HZ2  H N N 224 
LYS HZ3  H N N 225 
LYS HXT  H N N 226 
MET N    N N N 227 
MET CA   C N S 228 
MET C    C N N 229 
MET O    O N N 230 
MET CB   C N N 231 
MET CG   C N N 232 
MET SD   S N N 233 
MET CE   C N N 234 
MET OXT  O N N 235 
MET H    H N N 236 
MET H2   H N N 237 
MET HA   H N N 238 
MET HB2  H N N 239 
MET HB3  H N N 240 
MET HG2  H N N 241 
MET HG3  H N N 242 
MET HE1  H N N 243 
MET HE2  H N N 244 
MET HE3  H N N 245 
MET HXT  H N N 246 
PHE N    N N N 247 
PHE CA   C N S 248 
PHE C    C N N 249 
PHE O    O N N 250 
PHE CB   C N N 251 
PHE CG   C Y N 252 
PHE CD1  C Y N 253 
PHE CD2  C Y N 254 
PHE CE1  C Y N 255 
PHE CE2  C Y N 256 
PHE CZ   C Y N 257 
PHE OXT  O N N 258 
PHE H    H N N 259 
PHE H2   H N N 260 
PHE HA   H N N 261 
PHE HB2  H N N 262 
PHE HB3  H N N 263 
PHE HD1  H N N 264 
PHE HD2  H N N 265 
PHE HE1  H N N 266 
PHE HE2  H N N 267 
PHE HZ   H N N 268 
PHE HXT  H N N 269 
PRO N    N N N 270 
PRO CA   C N S 271 
PRO C    C N N 272 
PRO O    O N N 273 
PRO CB   C N N 274 
PRO CG   C N N 275 
PRO CD   C N N 276 
PRO OXT  O N N 277 
PRO H    H N N 278 
PRO HA   H N N 279 
PRO HB2  H N N 280 
PRO HB3  H N N 281 
PRO HG2  H N N 282 
PRO HG3  H N N 283 
PRO HD2  H N N 284 
PRO HD3  H N N 285 
PRO HXT  H N N 286 
SER N    N N N 287 
SER CA   C N S 288 
SER C    C N N 289 
SER O    O N N 290 
SER CB   C N N 291 
SER OG   O N N 292 
SER OXT  O N N 293 
SER H    H N N 294 
SER H2   H N N 295 
SER HA   H N N 296 
SER HB2  H N N 297 
SER HB3  H N N 298 
SER HG   H N N 299 
SER HXT  H N N 300 
THR N    N N N 301 
THR CA   C N S 302 
THR C    C N N 303 
THR O    O N N 304 
THR CB   C N R 305 
THR OG1  O N N 306 
THR CG2  C N N 307 
THR OXT  O N N 308 
THR H    H N N 309 
THR H2   H N N 310 
THR HA   H N N 311 
THR HB   H N N 312 
THR HG1  H N N 313 
THR HG21 H N N 314 
THR HG22 H N N 315 
THR HG23 H N N 316 
THR HXT  H N N 317 
TRP N    N N N 318 
TRP CA   C N S 319 
TRP C    C N N 320 
TRP O    O N N 321 
TRP CB   C N N 322 
TRP CG   C Y N 323 
TRP CD1  C Y N 324 
TRP CD2  C Y N 325 
TRP NE1  N Y N 326 
TRP CE2  C Y N 327 
TRP CE3  C Y N 328 
TRP CZ2  C Y N 329 
TRP CZ3  C Y N 330 
TRP CH2  C Y N 331 
TRP OXT  O N N 332 
TRP H    H N N 333 
TRP H2   H N N 334 
TRP HA   H N N 335 
TRP HB2  H N N 336 
TRP HB3  H N N 337 
TRP HD1  H N N 338 
TRP HE1  H N N 339 
TRP HE3  H N N 340 
TRP HZ2  H N N 341 
TRP HZ3  H N N 342 
TRP HH2  H N N 343 
TRP HXT  H N N 344 
TYR N    N N N 345 
TYR CA   C N S 346 
TYR C    C N N 347 
TYR O    O N N 348 
TYR CB   C N N 349 
TYR CG   C Y N 350 
TYR CD1  C Y N 351 
TYR CD2  C Y N 352 
TYR CE1  C Y N 353 
TYR CE2  C Y N 354 
TYR CZ   C Y N 355 
TYR OH   O N N 356 
TYR OXT  O N N 357 
TYR H    H N N 358 
TYR H2   H N N 359 
TYR HA   H N N 360 
TYR HB2  H N N 361 
TYR HB3  H N N 362 
TYR HD1  H N N 363 
TYR HD2  H N N 364 
TYR HE1  H N N 365 
TYR HE2  H N N 366 
TYR HH   H N N 367 
TYR HXT  H N N 368 
VAL N    N N N 369 
VAL CA   C N S 370 
VAL C    C N N 371 
VAL O    O N N 372 
VAL CB   C N N 373 
VAL CG1  C N N 374 
VAL CG2  C N N 375 
VAL OXT  O N N 376 
VAL H    H N N 377 
VAL H2   H N N 378 
VAL HA   H N N 379 
VAL HB   H N N 380 
VAL HG11 H N N 381 
VAL HG12 H N N 382 
VAL HG13 H N N 383 
VAL HG21 H N N 384 
VAL HG22 H N N 385 
VAL HG23 H N N 386 
VAL HXT  H N N 387 
# 
loop_
_chem_comp_bond.comp_id 
_chem_comp_bond.atom_id_1 
_chem_comp_bond.atom_id_2 
_chem_comp_bond.value_order 
_chem_comp_bond.pdbx_aromatic_flag 
_chem_comp_bond.pdbx_stereo_config 
_chem_comp_bond.pdbx_ordinal 
ALA N   CA   sing N N 1   
ALA N   H    sing N N 2   
ALA N   H2   sing N N 3   
ALA CA  C    sing N N 4   
ALA CA  CB   sing N N 5   
ALA CA  HA   sing N N 6   
ALA C   O    doub N N 7   
ALA C   OXT  sing N N 8   
ALA CB  HB1  sing N N 9   
ALA CB  HB2  sing N N 10  
ALA CB  HB3  sing N N 11  
ALA OXT HXT  sing N N 12  
ARG N   CA   sing N N 13  
ARG N   H    sing N N 14  
ARG N   H2   sing N N 15  
ARG CA  C    sing N N 16  
ARG CA  CB   sing N N 17  
ARG CA  HA   sing N N 18  
ARG C   O    doub N N 19  
ARG C   OXT  sing N N 20  
ARG CB  CG   sing N N 21  
ARG CB  HB2  sing N N 22  
ARG CB  HB3  sing N N 23  
ARG CG  CD   sing N N 24  
ARG CG  HG2  sing N N 25  
ARG CG  HG3  sing N N 26  
ARG CD  NE   sing N N 27  
ARG CD  HD2  sing N N 28  
ARG CD  HD3  sing N N 29  
ARG NE  CZ   sing N N 30  
ARG NE  HE   sing N N 31  
ARG CZ  NH1  sing N N 32  
ARG CZ  NH2  doub N N 33  
ARG NH1 HH11 sing N N 34  
ARG NH1 HH12 sing N N 35  
ARG NH2 HH21 sing N N 36  
ARG NH2 HH22 sing N N 37  
ARG OXT HXT  sing N N 38  
ASN N   CA   sing N N 39  
ASN N   H    sing N N 40  
ASN N   H2   sing N N 41  
ASN CA  C    sing N N 42  
ASN CA  CB   sing N N 43  
ASN CA  HA   sing N N 44  
ASN C   O    doub N N 45  
ASN C   OXT  sing N N 46  
ASN CB  CG   sing N N 47  
ASN CB  HB2  sing N N 48  
ASN CB  HB3  sing N N 49  
ASN CG  OD1  doub N N 50  
ASN CG  ND2  sing N N 51  
ASN ND2 HD21 sing N N 52  
ASN ND2 HD22 sing N N 53  
ASN OXT HXT  sing N N 54  
ASP N   CA   sing N N 55  
ASP N   H    sing N N 56  
ASP N   H2   sing N N 57  
ASP CA  C    sing N N 58  
ASP CA  CB   sing N N 59  
ASP CA  HA   sing N N 60  
ASP C   O    doub N N 61  
ASP C   OXT  sing N N 62  
ASP CB  CG   sing N N 63  
ASP CB  HB2  sing N N 64  
ASP CB  HB3  sing N N 65  
ASP CG  OD1  doub N N 66  
ASP CG  OD2  sing N N 67  
ASP OD2 HD2  sing N N 68  
ASP OXT HXT  sing N N 69  
CYS N   CA   sing N N 70  
CYS N   H    sing N N 71  
CYS N   H2   sing N N 72  
CYS CA  C    sing N N 73  
CYS CA  CB   sing N N 74  
CYS CA  HA   sing N N 75  
CYS C   O    doub N N 76  
CYS C   OXT  sing N N 77  
CYS CB  SG   sing N N 78  
CYS CB  HB2  sing N N 79  
CYS CB  HB3  sing N N 80  
CYS SG  HG   sing N N 81  
CYS OXT HXT  sing N N 82  
GLN N   CA   sing N N 83  
GLN N   H    sing N N 84  
GLN N   H2   sing N N 85  
GLN CA  C    sing N N 86  
GLN CA  CB   sing N N 87  
GLN CA  HA   sing N N 88  
GLN C   O    doub N N 89  
GLN C   OXT  sing N N 90  
GLN CB  CG   sing N N 91  
GLN CB  HB2  sing N N 92  
GLN CB  HB3  sing N N 93  
GLN CG  CD   sing N N 94  
GLN CG  HG2  sing N N 95  
GLN CG  HG3  sing N N 96  
GLN CD  OE1  doub N N 97  
GLN CD  NE2  sing N N 98  
GLN NE2 HE21 sing N N 99  
GLN NE2 HE22 sing N N 100 
GLN OXT HXT  sing N N 101 
GLU N   CA   sing N N 102 
GLU N   H    sing N N 103 
GLU N   H2   sing N N 104 
GLU CA  C    sing N N 105 
GLU CA  CB   sing N N 106 
GLU CA  HA   sing N N 107 
GLU C   O    doub N N 108 
GLU C   OXT  sing N N 109 
GLU CB  CG   sing N N 110 
GLU CB  HB2  sing N N 111 
GLU CB  HB3  sing N N 112 
GLU CG  CD   sing N N 113 
GLU CG  HG2  sing N N 114 
GLU CG  HG3  sing N N 115 
GLU CD  OE1  doub N N 116 
GLU CD  OE2  sing N N 117 
GLU OE2 HE2  sing N N 118 
GLU OXT HXT  sing N N 119 
GLY N   CA   sing N N 120 
GLY N   H    sing N N 121 
GLY N   H2   sing N N 122 
GLY CA  C    sing N N 123 
GLY CA  HA2  sing N N 124 
GLY CA  HA3  sing N N 125 
GLY C   O    doub N N 126 
GLY C   OXT  sing N N 127 
GLY OXT HXT  sing N N 128 
HIS N   CA   sing N N 129 
HIS N   H    sing N N 130 
HIS N   H2   sing N N 131 
HIS CA  C    sing N N 132 
HIS CA  CB   sing N N 133 
HIS CA  HA   sing N N 134 
HIS C   O    doub N N 135 
HIS C   OXT  sing N N 136 
HIS CB  CG   sing N N 137 
HIS CB  HB2  sing N N 138 
HIS CB  HB3  sing N N 139 
HIS CG  ND1  sing Y N 140 
HIS CG  CD2  doub Y N 141 
HIS ND1 CE1  doub Y N 142 
HIS ND1 HD1  sing N N 143 
HIS CD2 NE2  sing Y N 144 
HIS CD2 HD2  sing N N 145 
HIS CE1 NE2  sing Y N 146 
HIS CE1 HE1  sing N N 147 
HIS NE2 HE2  sing N N 148 
HIS OXT HXT  sing N N 149 
ILE N   CA   sing N N 150 
ILE N   H    sing N N 151 
ILE N   H2   sing N N 152 
ILE CA  C    sing N N 153 
ILE CA  CB   sing N N 154 
ILE CA  HA   sing N N 155 
ILE C   O    doub N N 156 
ILE C   OXT  sing N N 157 
ILE CB  CG1  sing N N 158 
ILE CB  CG2  sing N N 159 
ILE CB  HB   sing N N 160 
ILE CG1 CD1  sing N N 161 
ILE CG1 HG12 sing N N 162 
ILE CG1 HG13 sing N N 163 
ILE CG2 HG21 sing N N 164 
ILE CG2 HG22 sing N N 165 
ILE CG2 HG23 sing N N 166 
ILE CD1 HD11 sing N N 167 
ILE CD1 HD12 sing N N 168 
ILE CD1 HD13 sing N N 169 
ILE OXT HXT  sing N N 170 
LEU N   CA   sing N N 171 
LEU N   H    sing N N 172 
LEU N   H2   sing N N 173 
LEU CA  C    sing N N 174 
LEU CA  CB   sing N N 175 
LEU CA  HA   sing N N 176 
LEU C   O    doub N N 177 
LEU C   OXT  sing N N 178 
LEU CB  CG   sing N N 179 
LEU CB  HB2  sing N N 180 
LEU CB  HB3  sing N N 181 
LEU CG  CD1  sing N N 182 
LEU CG  CD2  sing N N 183 
LEU CG  HG   sing N N 184 
LEU CD1 HD11 sing N N 185 
LEU CD1 HD12 sing N N 186 
LEU CD1 HD13 sing N N 187 
LEU CD2 HD21 sing N N 188 
LEU CD2 HD22 sing N N 189 
LEU CD2 HD23 sing N N 190 
LEU OXT HXT  sing N N 191 
LYS N   CA   sing N N 192 
LYS N   H    sing N N 193 
LYS N   H2   sing N N 194 
LYS CA  C    sing N N 195 
LYS CA  CB   sing N N 196 
LYS CA  HA   sing N N 197 
LYS C   O    doub N N 198 
LYS C   OXT  sing N N 199 
LYS CB  CG   sing N N 200 
LYS CB  HB2  sing N N 201 
LYS CB  HB3  sing N N 202 
LYS CG  CD   sing N N 203 
LYS CG  HG2  sing N N 204 
LYS CG  HG3  sing N N 205 
LYS CD  CE   sing N N 206 
LYS CD  HD2  sing N N 207 
LYS CD  HD3  sing N N 208 
LYS CE  NZ   sing N N 209 
LYS CE  HE2  sing N N 210 
LYS CE  HE3  sing N N 211 
LYS NZ  HZ1  sing N N 212 
LYS NZ  HZ2  sing N N 213 
LYS NZ  HZ3  sing N N 214 
LYS OXT HXT  sing N N 215 
MET N   CA   sing N N 216 
MET N   H    sing N N 217 
MET N   H2   sing N N 218 
MET CA  C    sing N N 219 
MET CA  CB   sing N N 220 
MET CA  HA   sing N N 221 
MET C   O    doub N N 222 
MET C   OXT  sing N N 223 
MET CB  CG   sing N N 224 
MET CB  HB2  sing N N 225 
MET CB  HB3  sing N N 226 
MET CG  SD   sing N N 227 
MET CG  HG2  sing N N 228 
MET CG  HG3  sing N N 229 
MET SD  CE   sing N N 230 
MET CE  HE1  sing N N 231 
MET CE  HE2  sing N N 232 
MET CE  HE3  sing N N 233 
MET OXT HXT  sing N N 234 
PHE N   CA   sing N N 235 
PHE N   H    sing N N 236 
PHE N   H2   sing N N 237 
PHE CA  C    sing N N 238 
PHE CA  CB   sing N N 239 
PHE CA  HA   sing N N 240 
PHE C   O    doub N N 241 
PHE C   OXT  sing N N 242 
PHE CB  CG   sing N N 243 
PHE CB  HB2  sing N N 244 
PHE CB  HB3  sing N N 245 
PHE CG  CD1  doub Y N 246 
PHE CG  CD2  sing Y N 247 
PHE CD1 CE1  sing Y N 248 
PHE CD1 HD1  sing N N 249 
PHE CD2 CE2  doub Y N 250 
PHE CD2 HD2  sing N N 251 
PHE CE1 CZ   doub Y N 252 
PHE CE1 HE1  sing N N 253 
PHE CE2 CZ   sing Y N 254 
PHE CE2 HE2  sing N N 255 
PHE CZ  HZ   sing N N 256 
PHE OXT HXT  sing N N 257 
PRO N   CA   sing N N 258 
PRO N   CD   sing N N 259 
PRO N   H    sing N N 260 
PRO CA  C    sing N N 261 
PRO CA  CB   sing N N 262 
PRO CA  HA   sing N N 263 
PRO C   O    doub N N 264 
PRO C   OXT  sing N N 265 
PRO CB  CG   sing N N 266 
PRO CB  HB2  sing N N 267 
PRO CB  HB3  sing N N 268 
PRO CG  CD   sing N N 269 
PRO CG  HG2  sing N N 270 
PRO CG  HG3  sing N N 271 
PRO CD  HD2  sing N N 272 
PRO CD  HD3  sing N N 273 
PRO OXT HXT  sing N N 274 
SER N   CA   sing N N 275 
SER N   H    sing N N 276 
SER N   H2   sing N N 277 
SER CA  C    sing N N 278 
SER CA  CB   sing N N 279 
SER CA  HA   sing N N 280 
SER C   O    doub N N 281 
SER C   OXT  sing N N 282 
SER CB  OG   sing N N 283 
SER CB  HB2  sing N N 284 
SER CB  HB3  sing N N 285 
SER OG  HG   sing N N 286 
SER OXT HXT  sing N N 287 
THR N   CA   sing N N 288 
THR N   H    sing N N 289 
THR N   H2   sing N N 290 
THR CA  C    sing N N 291 
THR CA  CB   sing N N 292 
THR CA  HA   sing N N 293 
THR C   O    doub N N 294 
THR C   OXT  sing N N 295 
THR CB  OG1  sing N N 296 
THR CB  CG2  sing N N 297 
THR CB  HB   sing N N 298 
THR OG1 HG1  sing N N 299 
THR CG2 HG21 sing N N 300 
THR CG2 HG22 sing N N 301 
THR CG2 HG23 sing N N 302 
THR OXT HXT  sing N N 303 
TRP N   CA   sing N N 304 
TRP N   H    sing N N 305 
TRP N   H2   sing N N 306 
TRP CA  C    sing N N 307 
TRP CA  CB   sing N N 308 
TRP CA  HA   sing N N 309 
TRP C   O    doub N N 310 
TRP C   OXT  sing N N 311 
TRP CB  CG   sing N N 312 
TRP CB  HB2  sing N N 313 
TRP CB  HB3  sing N N 314 
TRP CG  CD1  doub Y N 315 
TRP CG  CD2  sing Y N 316 
TRP CD1 NE1  sing Y N 317 
TRP CD1 HD1  sing N N 318 
TRP CD2 CE2  doub Y N 319 
TRP CD2 CE3  sing Y N 320 
TRP NE1 CE2  sing Y N 321 
TRP NE1 HE1  sing N N 322 
TRP CE2 CZ2  sing Y N 323 
TRP CE3 CZ3  doub Y N 324 
TRP CE3 HE3  sing N N 325 
TRP CZ2 CH2  doub Y N 326 
TRP CZ2 HZ2  sing N N 327 
TRP CZ3 CH2  sing Y N 328 
TRP CZ3 HZ3  sing N N 329 
TRP CH2 HH2  sing N N 330 
TRP OXT HXT  sing N N 331 
TYR N   CA   sing N N 332 
TYR N   H    sing N N 333 
TYR N   H2   sing N N 334 
TYR CA  C    sing N N 335 
TYR CA  CB   sing N N 336 
TYR CA  HA   sing N N 337 
TYR C   O    doub N N 338 
TYR C   OXT  sing N N 339 
TYR CB  CG   sing N N 340 
TYR CB  HB2  sing N N 341 
TYR CB  HB3  sing N N 342 
TYR CG  CD1  doub Y N 343 
TYR CG  CD2  sing Y N 344 
TYR CD1 CE1  sing Y N 345 
TYR CD1 HD1  sing N N 346 
TYR CD2 CE2  doub Y N 347 
TYR CD2 HD2  sing N N 348 
TYR CE1 CZ   doub Y N 349 
TYR CE1 HE1  sing N N 350 
TYR CE2 CZ   sing Y N 351 
TYR CE2 HE2  sing N N 352 
TYR CZ  OH   sing N N 353 
TYR OH  HH   sing N N 354 
TYR OXT HXT  sing N N 355 
VAL N   CA   sing N N 356 
VAL N   H    sing N N 357 
VAL N   H2   sing N N 358 
VAL CA  C    sing N N 359 
VAL CA  CB   sing N N 360 
VAL CA  HA   sing N N 361 
VAL C   O    doub N N 362 
VAL C   OXT  sing N N 363 
VAL CB  CG1  sing N N 364 
VAL CB  CG2  sing N N 365 
VAL CB  HB   sing N N 366 
VAL CG1 HG11 sing N N 367 
VAL CG1 HG12 sing N N 368 
VAL CG1 HG13 sing N N 369 
VAL CG2 HG21 sing N N 370 
VAL CG2 HG22 sing N N 371 
VAL CG2 HG23 sing N N 372 
VAL OXT HXT  sing N N 373 
# 
loop_
_pdbx_audit_support.funding_organization 
_pdbx_audit_support.country 
_pdbx_audit_support.grant_number 
_pdbx_audit_support.ordinal 
'National Science Foundation (China)'        China 31622020     1 
'National Science Foundation (China)'        China 31430018     2 
'National Science Foundation (China)'        China 31521002     3 
'Ministry of Science and Technology (China)' China 2015CB856200 4 
'Chinese Academy of Sciences'                China XDB08010100  5 
# 
_atom_sites.entry_id                    6JN2 
_atom_sites.fract_transf_matrix[1][1]   0.00788516 
_atom_sites.fract_transf_matrix[1][2]   -0.00157597 
_atom_sites.fract_transf_matrix[1][3]   -0.00462236 
_atom_sites.fract_transf_matrix[2][1]   -0.00068943 
_atom_sites.fract_transf_matrix[2][2]   -0.00905009 
_atom_sites.fract_transf_matrix[2][3]   0.00190950 
_atom_sites.fract_transf_matrix[3][1]   -0.00457097 
_atom_sites.fract_transf_matrix[3][2]   -0.00120996 
_atom_sites.fract_transf_matrix[3][3]   -0.00738496 
_atom_sites.fract_transf_vector[1]      0.285928 
_atom_sites.fract_transf_vector[2]      0.344003 
_atom_sites.fract_transf_vector[3]      0.311021 
# 
loop_
_atom_type.symbol 
C 
N 
O 
S 
# 
loop_
_atom_site.group_PDB 
_atom_site.id 
_atom_site.type_symbol 
_atom_site.label_atom_id 
_atom_site.label_alt_id 
_atom_site.label_comp_id 
_atom_site.label_asym_id 
_atom_site.label_entity_id 
_atom_site.label_seq_id 
_atom_site.pdbx_PDB_ins_code 
_atom_site.Cartn_x 
_atom_site.Cartn_y 
_atom_site.Cartn_z 
_atom_site.occupancy 
_atom_site.B_iso_or_equiv 
_atom_site.pdbx_formal_charge 
_atom_site.auth_seq_id 
_atom_site.auth_comp_id 
_atom_site.auth_asym_id 
_atom_site.auth_atom_id 
_atom_site.pdbx_PDB_model_num 
ATOM 1    N N   . SER A 1 31 ? -0.098  28.597  5.205   1.00 164.22 ? 715 SER A N   1 
ATOM 2    C CA  . SER A 1 31 ? 0.157   28.640  3.736   1.00 162.21 ? 715 SER A CA  1 
ATOM 3    C C   . SER A 1 31 ? 1.564   28.139  3.402   1.00 158.97 ? 715 SER A C   1 
ATOM 4    O O   . SER A 1 31 ? 1.872   27.856  2.244   1.00 161.35 ? 715 SER A O   1 
ATOM 5    C CB  . SER A 1 31 ? -0.054  30.063  3.200   1.00 163.75 ? 715 SER A CB  1 
ATOM 6    O OG  . SER A 1 31 ? -0.077  30.093  1.782   1.00 164.00 ? 715 SER A OG  1 
ATOM 7    N N   . ILE A 1 32 ? 2.407   28.022  4.427   1.00 152.24 ? 716 ILE A N   1 
ATOM 8    C CA  . ILE A 1 32 ? 3.790   27.566  4.260   1.00 150.29 ? 716 ILE A CA  1 
ATOM 9    C C   . ILE A 1 32 ? 3.812   26.103  3.815   1.00 155.53 ? 716 ILE A C   1 
ATOM 10   O O   . ILE A 1 32 ? 4.641   25.700  2.996   1.00 151.02 ? 716 ILE A O   1 
ATOM 11   C CB  . ILE A 1 32 ? 4.632   27.784  5.548   1.00 142.46 ? 716 ILE A CB  1 
ATOM 12   C CG1 . ILE A 1 32 ? 5.218   26.475  6.092   1.00 139.21 ? 716 ILE A CG1 1 
ATOM 13   C CG2 . ILE A 1 32 ? 3.828   28.526  6.610   1.00 134.02 ? 716 ILE A CG2 1 
ATOM 14   C CD1 . ILE A 1 32 ? 6.574   26.634  6.748   1.00 139.78 ? 716 ILE A CD1 1 
ATOM 15   N N   . GLU A 1 33 ? 2.875   25.330  4.360   1.00 170.87 ? 717 GLU A N   1 
ATOM 16   C CA  . GLU A 1 33 ? 2.695   23.925  4.018   1.00 183.12 ? 717 GLU A CA  1 
ATOM 17   C C   . GLU A 1 33 ? 2.144   23.799  2.605   1.00 185.27 ? 717 GLU A C   1 
ATOM 18   O O   . GLU A 1 33 ? 2.574   22.933  1.842   1.00 189.02 ? 717 GLU A O   1 
ATOM 19   C CB  . GLU A 1 33 ? 1.745   23.258  5.013   1.00 193.30 ? 717 GLU A CB  1 
ATOM 20   C CG  . GLU A 1 33 ? 2.164   23.398  6.471   1.00 202.33 ? 717 GLU A CG  1 
ATOM 21   C CD  . GLU A 1 33 ? 0.999   23.284  7.439   1.00 208.14 ? 717 GLU A CD  1 
ATOM 22   O OE1 . GLU A 1 33 ? -0.146  23.611  7.053   1.00 209.51 ? 717 GLU A OE1 1 
ATOM 23   O OE2 . GLU A 1 33 ? 1.232   22.876  8.596   1.00 211.56 ? 717 GLU A OE2 1 
ATOM 24   N N   . GLN A 1 34 ? 1.197   24.677  2.268   1.00 186.90 ? 718 GLN A N   1 
ATOM 25   C CA  . GLN A 1 34 ? 0.612   24.757  0.928   1.00 187.52 ? 718 GLN A CA  1 
ATOM 26   C C   . GLN A 1 34 ? 1.707   24.757  -0.134  1.00 184.40 ? 718 GLN A C   1 
ATOM 27   O O   . GLN A 1 34 ? 1.565   24.144  -1.192  1.00 181.27 ? 718 GLN A O   1 
ATOM 28   C CB  . GLN A 1 34 ? -0.246  26.022  0.809   1.00 188.33 ? 718 GLN A CB  1 
ATOM 29   C CG  . GLN A 1 34 ? -0.857  26.269  -0.562  1.00 193.44 ? 718 GLN A CG  1 
ATOM 30   C CD  . GLN A 1 34 ? -1.224  27.725  -0.784  1.00 201.46 ? 718 GLN A CD  1 
ATOM 31   O OE1 . GLN A 1 34 ? -0.399  28.626  -0.601  1.00 202.45 ? 718 GLN A OE1 1 
ATOM 32   N NE2 . GLN A 1 34 ? -2.463  27.962  -1.198  1.00 207.94 ? 718 GLN A NE2 1 
ATOM 33   N N   . LEU A 1 35 ? 2.803   25.438  0.180   1.00 186.17 ? 719 LEU A N   1 
ATOM 34   C CA  . LEU A 1 35 ? 3.950   25.536  -0.707  1.00 191.87 ? 719 LEU A CA  1 
ATOM 35   C C   . LEU A 1 35 ? 4.980   24.439  -0.422  1.00 190.26 ? 719 LEU A C   1 
ATOM 36   O O   . LEU A 1 35 ? 5.726   24.038  -1.316  1.00 188.82 ? 719 LEU A O   1 
ATOM 37   C CB  . LEU A 1 35 ? 4.570   26.931  -0.592  1.00 199.97 ? 719 LEU A CB  1 
ATOM 38   C CG  . LEU A 1 35 ? 3.668   28.091  -1.048  1.00 201.54 ? 719 LEU A CG  1 
ATOM 39   C CD1 . LEU A 1 35 ? 3.696   29.247  -0.061  1.00 203.80 ? 719 LEU A CD1 1 
ATOM 40   C CD2 . LEU A 1 35 ? 4.035   28.566  -2.448  1.00 199.96 ? 719 LEU A CD2 1 
ATOM 41   N N   . LEU A 1 36 ? 5.009   23.954  0.819   1.00 187.10 ? 720 LEU A N   1 
ATOM 42   C CA  . LEU A 1 36 ? 5.875   22.837  1.199   1.00 188.61 ? 720 LEU A CA  1 
ATOM 43   C C   . LEU A 1 36 ? 5.502   21.555  0.466   1.00 195.36 ? 720 LEU A C   1 
ATOM 44   O O   . LEU A 1 36 ? 6.366   20.730  0.159   1.00 200.69 ? 720 LEU A O   1 
ATOM 45   C CB  . LEU A 1 36 ? 5.824   22.596  2.706   1.00 183.55 ? 720 LEU A CB  1 
ATOM 46   C CG  . LEU A 1 36 ? 6.909   23.229  3.571   1.00 178.48 ? 720 LEU A CG  1 
ATOM 47   C CD1 . LEU A 1 36 ? 6.399   23.394  4.989   1.00 177.65 ? 720 LEU A CD1 1 
ATOM 48   C CD2 . LEU A 1 36 ? 8.160   22.367  3.558   1.00 181.37 ? 720 LEU A CD2 1 
ATOM 49   N N   . GLU A 1 37 ? 4.210   21.388  0.200   1.00 202.89 ? 721 GLU A N   1 
ATOM 50   C CA  . GLU A 1 37 ? 3.730   20.254  -0.579  1.00 212.81 ? 721 GLU A CA  1 
ATOM 51   C C   . GLU A 1 37 ? 3.859   20.525  -2.076  1.00 210.52 ? 721 GLU A C   1 
ATOM 52   O O   . GLU A 1 37 ? 3.828   19.596  -2.884  1.00 214.89 ? 721 GLU A O   1 
ATOM 53   C CB  . GLU A 1 37 ? 2.291   19.881  -0.197  1.00 224.92 ? 721 GLU A CB  1 
ATOM 54   C CG  . GLU A 1 37 ? 2.178   19.159  1.142   1.00 234.20 ? 721 GLU A CG  1 
ATOM 55   C CD  . GLU A 1 37 ? 0.882   18.377  1.301   1.00 237.88 ? 721 GLU A CD  1 
ATOM 56   O OE1 . GLU A 1 37 ? -0.200  18.922  0.991   1.00 242.15 ? 721 GLU A OE1 1 
ATOM 57   O OE2 . GLU A 1 37 ? 0.947   17.212  1.754   1.00 238.32 ? 721 GLU A OE2 1 
ATOM 58   N N   . ARG A 1 38 ? 4.019   21.798  -2.435  1.00 205.31 ? 722 ARG A N   1 
ATOM 59   C CA  . ARG A 1 38 ? 4.322   22.180  -3.813  1.00 200.20 ? 722 ARG A CA  1 
ATOM 60   C C   . ARG A 1 38 ? 5.757   21.790  -4.187  1.00 201.09 ? 722 ARG A C   1 
ATOM 61   O O   . ARG A 1 38 ? 6.083   21.679  -5.370  1.00 198.61 ? 722 ARG A O   1 
ATOM 62   C CB  . ARG A 1 38 ? 4.082   23.676  -4.039  1.00 193.45 ? 722 ARG A CB  1 
ATOM 63   C CG  . ARG A 1 38 ? 2.615   24.079  -4.060  1.00 192.93 ? 722 ARG A CG  1 
ATOM 64   C CD  . ARG A 1 38 ? 2.445   25.593  -4.106  1.00 200.18 ? 722 ARG A CD  1 
ATOM 65   N NE  . ARG A 1 38 ? 1.045   26.001  -3.961  1.00 203.38 ? 722 ARG A NE  1 
ATOM 66   C CZ  . ARG A 1 38 ? 0.599   27.255  -4.046  1.00 202.76 ? 722 ARG A CZ  1 
ATOM 67   N NH1 . ARG A 1 38 ? 1.432   28.263  -4.280  1.00 201.06 ? 722 ARG A NH1 1 
ATOM 68   N NH2 . ARG A 1 38 ? -0.695  27.503  -3.901  1.00 202.24 ? 722 ARG A NH2 1 
ATOM 69   N N   . GLN A 1 39 ? 6.602   21.580  -3.175  1.00 204.68 ? 723 GLN A N   1 
ATOM 70   C CA  . GLN A 1 39 ? 7.939   21.015  -3.374  1.00 212.02 ? 723 GLN A CA  1 
ATOM 71   C C   . GLN A 1 39 ? 7.806   19.539  -3.714  1.00 212.87 ? 723 GLN A C   1 
ATOM 72   O O   . GLN A 1 39 ? 8.326   19.067  -4.726  1.00 208.45 ? 723 GLN A O   1 
ATOM 73   C CB  . GLN A 1 39 ? 8.793   21.114  -2.107  1.00 217.84 ? 723 GLN A CB  1 
ATOM 74   C CG  . GLN A 1 39 ? 8.697   22.402  -1.312  1.00 228.39 ? 723 GLN A CG  1 
ATOM 75   C CD  . GLN A 1 39 ? 9.224   22.239  0.105   1.00 237.38 ? 723 GLN A CD  1 
ATOM 76   O OE1 . GLN A 1 39 ? 9.316   21.124  0.627   1.00 238.23 ? 723 GLN A OE1 1 
ATOM 77   N NE2 . GLN A 1 39 ? 9.569   23.354  0.738   1.00 243.41 ? 723 GLN A NE2 1 
ATOM 78   N N   . TRP A 1 40 ? 7.098   18.828  -2.840  1.00 216.99 ? 724 TRP A N   1 
ATOM 79   C CA  . TRP A 1 40 ? 6.945   17.380  -2.908  1.00 224.00 ? 724 TRP A CA  1 
ATOM 80   C C   . TRP A 1 40 ? 6.216   16.927  -4.142  1.00 227.07 ? 724 TRP A C   1 
ATOM 81   O O   . TRP A 1 40 ? 6.452   15.822  -4.630  1.00 229.34 ? 724 TRP A O   1 
ATOM 82   C CB  . TRP A 1 40 ? 6.222   16.884  -1.661  1.00 225.36 ? 724 TRP A CB  1 
ATOM 83   C CG  . TRP A 1 40 ? 6.510   15.447  -1.308  1.00 225.76 ? 724 TRP A CG  1 
ATOM 84   C CD1 . TRP A 1 40 ? 7.671   14.929  -0.740  1.00 225.23 ? 724 TRP A CD1 1 
ATOM 85   C CD2 . TRP A 1 40 ? 5.616   14.287  -1.471  1.00 226.65 ? 724 TRP A CD2 1 
ATOM 86   N NE1 . TRP A 1 40 ? 7.565   13.574  -0.556  1.00 226.39 ? 724 TRP A NE1 1 
ATOM 87   C CE2 . TRP A 1 40 ? 6.361   13.125  -0.971  1.00 228.28 ? 724 TRP A CE2 1 
ATOM 88   C CE3 . TRP A 1 40 ? 4.328   14.103  -1.963  1.00 227.25 ? 724 TRP A CE3 1 
ATOM 89   C CZ2 . TRP A 1 40 ? 5.818   11.846  -0.975  1.00 229.30 ? 724 TRP A CZ2 1 
ATOM 90   C CZ3 . TRP A 1 40 ? 3.791   12.808  -1.962  1.00 230.95 ? 724 TRP A CZ3 1 
ATOM 91   C CH2 . TRP A 1 40 ? 4.520   11.709  -1.479  1.00 229.67 ? 724 TRP A CH2 1 
ATOM 92   N N   . SER A 1 41 ? 5.330   17.777  -4.658  1.00 229.00 ? 725 SER A N   1 
ATOM 93   C CA  . SER A 1 41 ? 4.535   17.460  -5.846  1.00 230.02 ? 725 SER A CA  1 
ATOM 94   C C   . SER A 1 41 ? 5.335   17.622  -7.137  1.00 230.36 ? 725 SER A C   1 
ATOM 95   O O   . SER A 1 41 ? 5.439   16.683  -7.927  1.00 228.93 ? 725 SER A O   1 
ATOM 96   C CB  . SER A 1 41 ? 3.270   18.322  -5.897  1.00 230.01 ? 725 SER A CB  1 
ATOM 97   O OG  . SER A 1 41 ? 3.595   19.701  -5.974  1.00 230.71 ? 725 SER A OG  1 
ATOM 98   N N   . GLU A 1 42 ? 5.892   18.814  -7.340  1.00 231.49 ? 726 GLU A N   1 
ATOM 99   C CA  . GLU A 1 42 ? 6.681   19.118  -8.534  1.00 228.28 ? 726 GLU A CA  1 
ATOM 100  C C   . GLU A 1 42 ? 8.002   18.361  -8.543  1.00 222.88 ? 726 GLU A C   1 
ATOM 101  O O   . GLU A 1 42 ? 8.471   17.940  -9.602  1.00 219.13 ? 726 GLU A O   1 
ATOM 102  C CB  . GLU A 1 42 ? 6.934   20.620  -8.650  1.00 234.59 ? 726 GLU A CB  1 
ATOM 103  C CG  . GLU A 1 42 ? 5.720   21.420  -9.095  1.00 240.85 ? 726 GLU A CG  1 
ATOM 104  C CD  . GLU A 1 42 ? 6.025   22.895  -9.271  1.00 244.88 ? 726 GLU A CD  1 
ATOM 105  O OE1 . GLU A 1 42 ? 6.593   23.507  -8.339  1.00 248.19 ? 726 GLU A OE1 1 
ATOM 106  O OE2 . GLU A 1 42 ? 5.687   23.444  -10.341 1.00 247.24 ? 726 GLU A OE2 1 
ATOM 107  N N   . GLY A 1 43 ? 8.594   18.199  -7.360  1.00 217.44 ? 727 GLY A N   1 
ATOM 108  C CA  . GLY A 1 43 ? 9.792   17.384  -7.194  1.00 216.72 ? 727 GLY A CA  1 
ATOM 109  C C   . GLY A 1 43 ? 9.533   15.982  -7.702  1.00 223.35 ? 727 GLY A C   1 
ATOM 110  O O   . GLY A 1 43 ? 10.182  15.529  -8.643  1.00 221.61 ? 727 GLY A O   1 
ATOM 111  N N   . GLN A 1 44 ? 8.555   15.316  -7.090  1.00 234.59 ? 728 GLN A N   1 
ATOM 112  C CA  . GLN A 1 44 ? 8.126   13.971  -7.484  1.00 244.22 ? 728 GLN A CA  1 
ATOM 113  C C   . GLN A 1 44 ? 7.720   13.909  -8.958  1.00 242.10 ? 728 GLN A C   1 
ATOM 114  O O   . GLN A 1 44 ? 7.998   12.918  -9.640  1.00 244.70 ? 728 GLN A O   1 
ATOM 115  C CB  . GLN A 1 44 ? 6.962   13.511  -6.597  1.00 254.17 ? 728 GLN A CB  1 
ATOM 116  C CG  . GLN A 1 44 ? 6.692   12.012  -6.596  1.00 263.72 ? 728 GLN A CG  1 
ATOM 117  C CD  . GLN A 1 44 ? 5.590   11.606  -5.626  1.00 268.06 ? 728 GLN A CD  1 
ATOM 118  O OE1 . GLN A 1 44 ? 4.882   12.450  -5.072  1.00 267.37 ? 728 GLN A OE1 1 
ATOM 119  N NE2 . GLN A 1 44 ? 5.442   10.301  -5.418  1.00 271.74 ? 728 GLN A NE2 1 
ATOM 120  N N   . GLN A 1 45 ? 7.069   14.969  -9.436  1.00 232.93 ? 729 GLN A N   1 
ATOM 121  C CA  . GLN A 1 45 ? 6.625   15.063  -10.825 1.00 225.82 ? 729 GLN A CA  1 
ATOM 122  C C   . GLN A 1 45 ? 7.784   14.890  -11.804 1.00 224.37 ? 729 GLN A C   1 
ATOM 123  O O   . GLN A 1 45 ? 7.682   14.117  -12.756 1.00 219.10 ? 729 GLN A O   1 
ATOM 124  C CB  . GLN A 1 45 ? 5.918   16.399  -11.075 1.00 224.03 ? 729 GLN A CB  1 
ATOM 125  C CG  . GLN A 1 45 ? 5.309   16.547  -12.463 1.00 228.21 ? 729 GLN A CG  1 
ATOM 126  C CD  . GLN A 1 45 ? 4.858   17.965  -12.767 1.00 231.06 ? 729 GLN A CD  1 
ATOM 127  O OE1 . GLN A 1 45 ? 5.320   18.927  -12.149 1.00 232.78 ? 729 GLN A OE1 1 
ATOM 128  N NE2 . GLN A 1 45 ? 3.955   18.101  -13.731 1.00 231.98 ? 729 GLN A NE2 1 
ATOM 129  N N   . PHE A 1 46 ? 8.885   15.596  -11.552 1.00 226.29 ? 730 PHE A N   1 
ATOM 130  C CA  . PHE A 1 46 ? 10.024  15.598  -12.470 1.00 228.88 ? 730 PHE A CA  1 
ATOM 131  C C   . PHE A 1 46 ? 11.144  14.622  -12.109 1.00 221.59 ? 730 PHE A C   1 
ATOM 132  O O   . PHE A 1 46 ? 11.950  14.269  -12.970 1.00 222.16 ? 730 PHE A O   1 
ATOM 133  C CB  . PHE A 1 46 ? 10.570  17.019  -12.666 1.00 239.68 ? 730 PHE A CB  1 
ATOM 134  C CG  . PHE A 1 46 ? 9.676   17.903  -13.495 1.00 251.11 ? 730 PHE A CG  1 
ATOM 135  C CD1 . PHE A 1 46 ? 9.549   17.702  -14.867 1.00 254.00 ? 730 PHE A CD1 1 
ATOM 136  C CD2 . PHE A 1 46 ? 8.962   18.941  -12.903 1.00 256.80 ? 730 PHE A CD2 1 
ATOM 137  C CE1 . PHE A 1 46 ? 8.724   18.515  -15.632 1.00 256.05 ? 730 PHE A CE1 1 
ATOM 138  C CE2 . PHE A 1 46 ? 8.136   19.758  -13.663 1.00 258.90 ? 730 PHE A CE2 1 
ATOM 139  C CZ  . PHE A 1 46 ? 8.018   19.545  -15.029 1.00 257.43 ? 730 PHE A CZ  1 
ATOM 140  N N   . LEU A 1 47 ? 11.195  14.182  -10.853 1.00 218.61 ? 731 LEU A N   1 
ATOM 141  C CA  . LEU A 1 47 ? 12.131  13.126  -10.457 1.00 223.67 ? 731 LEU A CA  1 
ATOM 142  C C   . LEU A 1 47 ? 11.760  11.822  -11.151 1.00 226.67 ? 731 LEU A C   1 
ATOM 143  O O   . LEU A 1 47 ? 12.629  11.029  -11.516 1.00 223.27 ? 731 LEU A O   1 
ATOM 144  C CB  . LEU A 1 47 ? 12.145  12.928  -8.939  1.00 229.51 ? 731 LEU A CB  1 
ATOM 145  C CG  . LEU A 1 47 ? 12.853  13.975  -8.072  1.00 236.73 ? 731 LEU A CG  1 
ATOM 146  C CD1 . LEU A 1 47 ? 12.615  13.685  -6.597  1.00 245.43 ? 731 LEU A CD1 1 
ATOM 147  C CD2 . LEU A 1 47 ? 14.343  14.048  -8.370  1.00 234.95 ? 731 LEU A CD2 1 
ATOM 148  N N   . LEU A 1 48 ? 10.457  11.622  -11.328 1.00 238.42 ? 732 LEU A N   1 
ATOM 149  C CA  . LEU A 1 48 ? 9.920   10.493  -12.077 1.00 253.45 ? 732 LEU A CA  1 
ATOM 150  C C   . LEU A 1 48 ? 10.022  10.737  -13.585 1.00 256.35 ? 732 LEU A C   1 
ATOM 151  O O   . LEU A 1 48 ? 10.417  9.843   -14.339 1.00 256.57 ? 732 LEU A O   1 
ATOM 152  C CB  . LEU A 1 48 ? 8.464   10.239  -11.662 1.00 260.93 ? 732 LEU A CB  1 
ATOM 153  C CG  . LEU A 1 48 ? 7.526   9.366   -12.506 1.00 265.24 ? 732 LEU A CG  1 
ATOM 154  C CD1 . LEU A 1 48 ? 8.021   7.931   -12.616 1.00 267.31 ? 732 LEU A CD1 1 
ATOM 155  C CD2 . LEU A 1 48 ? 6.117   9.401   -11.929 1.00 266.56 ? 732 LEU A CD2 1 
ATOM 156  N N   . GLU A 1 49 ? 9.669   11.951  -14.007 1.00 256.54 ? 733 GLU A N   1 
ATOM 157  C CA  . GLU A 1 49 ? 9.635   12.332  -15.422 1.00 253.21 ? 733 GLU A CA  1 
ATOM 158  C C   . GLU A 1 49 ? 11.009  12.229  -16.080 1.00 247.87 ? 733 GLU A C   1 
ATOM 159  O O   . GLU A 1 49 ? 11.126  11.790  -17.226 1.00 238.58 ? 733 GLU A O   1 
ATOM 160  C CB  . GLU A 1 49 ? 9.097   13.755  -15.560 1.00 257.12 ? 733 GLU A CB  1 
ATOM 161  C CG  . GLU A 1 49 ? 8.336   14.032  -16.845 1.00 266.06 ? 733 GLU A CG  1 
ATOM 162  C CD  . GLU A 1 49 ? 7.524   15.313  -16.773 1.00 272.96 ? 733 GLU A CD  1 
ATOM 163  O OE1 . GLU A 1 49 ? 6.895   15.573  -15.722 1.00 273.40 ? 733 GLU A OE1 1 
ATOM 164  O OE2 . GLU A 1 49 ? 7.508   16.062  -17.771 1.00 280.17 ? 733 GLU A OE2 1 
ATOM 165  N N   . GLN A 1 50 ? 12.041  12.635  -15.341 1.00 251.49 ? 734 GLN A N   1 
ATOM 166  C CA  . GLN A 1 50 ? 13.424  12.558  -15.810 1.00 254.62 ? 734 GLN A CA  1 
ATOM 167  C C   . GLN A 1 50 ? 14.026  11.167  -15.602 1.00 249.74 ? 734 GLN A C   1 
ATOM 168  O O   . GLN A 1 50 ? 15.101  10.868  -16.125 1.00 255.59 ? 734 GLN A O   1 
ATOM 169  C CB  . GLN A 1 50 ? 14.290  13.623  -15.132 1.00 262.60 ? 734 GLN A CB  1 
ATOM 170  C CG  . GLN A 1 50 ? 13.983  15.048  -15.574 1.00 274.45 ? 734 GLN A CG  1 
ATOM 171  C CD  . GLN A 1 50 ? 14.710  16.098  -14.752 1.00 280.82 ? 734 GLN A CD  1 
ATOM 172  O OE1 . GLN A 1 50 ? 15.240  15.812  -13.676 1.00 285.25 ? 734 GLN A OE1 1 
ATOM 173  N NE2 . GLN A 1 50 ? 14.733  17.327  -15.256 1.00 281.26 ? 734 GLN A NE2 1 
ATOM 174  N N   . GLY A 1 51 ? 13.336  10.329  -14.831 1.00 241.25 ? 735 GLY A N   1 
ATOM 175  C CA  . GLY A 1 51 ? 13.698  8.920   -14.706 1.00 232.72 ? 735 GLY A CA  1 
ATOM 176  C C   . GLY A 1 51 ? 13.354  8.174   -15.984 1.00 229.81 ? 735 GLY A C   1 
ATOM 177  O O   . GLY A 1 51 ? 12.468  8.598   -16.731 1.00 225.19 ? 735 GLY A O   1 
ATOM 178  N N   . THR A 1 52 ? 14.054  7.067   -16.230 1.00 227.94 ? 736 THR A N   1 
ATOM 179  C CA  . THR A 1 52 ? 13.900  6.284   -17.466 1.00 229.18 ? 736 THR A CA  1 
ATOM 180  C C   . THR A 1 52 ? 12.442  5.890   -17.739 1.00 230.76 ? 736 THR A C   1 
ATOM 181  O O   . THR A 1 52 ? 11.874  5.073   -17.014 1.00 229.24 ? 736 THR A O   1 
ATOM 182  C CB  . THR A 1 52 ? 14.788  5.017   -17.467 1.00 226.90 ? 736 THR A CB  1 
ATOM 183  O OG1 . THR A 1 52 ? 14.332  4.099   -16.466 1.00 221.73 ? 736 THR A OG1 1 
ATOM 184  C CG2 . THR A 1 52 ? 16.249  5.371   -17.207 1.00 230.42 ? 736 THR A CG2 1 
ATOM 185  N N   . PRO A 1 53 ? 11.838  6.469   -18.797 1.00 234.57 ? 737 PRO A N   1 
ATOM 186  C CA  . PRO A 1 53 ? 10.410  6.293   -19.086 1.00 236.18 ? 737 PRO A CA  1 
ATOM 187  C C   . PRO A 1 53 ? 10.050  4.919   -19.659 1.00 235.85 ? 737 PRO A C   1 
ATOM 188  O O   . PRO A 1 53 ? 8.874   4.642   -19.907 1.00 236.39 ? 737 PRO A O   1 
ATOM 189  C CB  . PRO A 1 53 ? 10.130  7.390   -20.116 1.00 234.14 ? 737 PRO A CB  1 
ATOM 190  C CG  . PRO A 1 53 ? 11.425  7.564   -20.831 1.00 231.70 ? 737 PRO A CG  1 
ATOM 191  C CD  . PRO A 1 53 ? 12.505  7.303   -19.818 1.00 234.21 ? 737 PRO A CD  1 
ATOM 192  N N   . SER A 1 54 ? 11.057  4.075   -19.865 1.00 234.90 ? 738 SER A N   1 
ATOM 193  C CA  . SER A 1 54 ? 10.849  2.733   -20.396 1.00 236.29 ? 738 SER A CA  1 
ATOM 194  C C   . SER A 1 54 ? 10.696  1.708   -19.277 1.00 236.55 ? 738 SER A C   1 
ATOM 195  O O   . SER A 1 54 ? 9.704   0.977   -19.227 1.00 239.58 ? 738 SER A O   1 
ATOM 196  C CB  . SER A 1 54 ? 12.006  2.341   -21.319 1.00 237.74 ? 738 SER A CB  1 
ATOM 197  O OG  . SER A 1 54 ? 13.241  2.374   -20.623 1.00 235.81 ? 738 SER A OG  1 
ATOM 198  N N   . ASP A 1 55 ? 11.680  1.668   -18.379 1.00 233.23 ? 739 ASP A N   1 
ATOM 199  C CA  . ASP A 1 55 ? 11.717  0.686   -17.296 1.00 229.53 ? 739 ASP A CA  1 
ATOM 200  C C   . ASP A 1 55 ? 10.908  1.096   -16.069 1.00 228.27 ? 739 ASP A C   1 
ATOM 201  O O   . ASP A 1 55 ? 10.235  0.261   -15.460 1.00 227.79 ? 739 ASP A O   1 
ATOM 202  C CB  . ASP A 1 55 ? 13.163  0.389   -16.890 1.00 226.45 ? 739 ASP A CB  1 
ATOM 203  C CG  . ASP A 1 55 ? 13.789  -0.717  -17.719 1.00 229.02 ? 739 ASP A CG  1 
ATOM 204  O OD1 . ASP A 1 55 ? 13.539  -0.774  -18.942 1.00 232.97 ? 739 ASP A OD1 1 
ATOM 205  O OD2 . ASP A 1 55 ? 14.539  -1.532  -17.141 1.00 225.53 ? 739 ASP A OD2 1 
ATOM 206  N N   . ILE A 1 56 ? 10.984  2.376   -15.711 1.00 227.84 ? 740 ILE A N   1 
ATOM 207  C CA  . ILE A 1 56 ? 10.321  2.893   -14.509 1.00 225.09 ? 740 ILE A CA  1 
ATOM 208  C C   . ILE A 1 56 ? 8.798   2.932   -14.663 1.00 218.40 ? 740 ILE A C   1 
ATOM 209  O O   . ILE A 1 56 ? 8.073   2.579   -13.732 1.00 209.58 ? 740 ILE A O   1 
ATOM 210  C CB  . ILE A 1 56 ? 10.887  4.272   -14.091 1.00 228.86 ? 740 ILE A CB  1 
ATOM 211  C CG1 . ILE A 1 56 ? 12.385  4.152   -13.780 1.00 228.52 ? 740 ILE A CG1 1 
ATOM 212  C CG2 . ILE A 1 56 ? 10.138  4.824   -12.886 1.00 230.49 ? 740 ILE A CG2 1 
ATOM 213  C CD1 . ILE A 1 56 ? 13.099  5.465   -13.529 1.00 223.74 ? 740 ILE A CD1 1 
ATOM 214  N N   . LEU A 1 57 ? 8.324   3.336   -15.842 1.00 219.84 ? 741 LEU A N   1 
ATOM 215  C CA  . LEU A 1 57 ? 6.890   3.369   -16.155 1.00 224.46 ? 741 LEU A CA  1 
ATOM 216  C C   . LEU A 1 57 ? 6.187   2.054   -15.792 1.00 225.70 ? 741 LEU A C   1 
ATOM 217  O O   . LEU A 1 57 ? 4.991   2.042   -15.499 1.00 229.10 ? 741 LEU A O   1 
ATOM 218  C CB  . LEU A 1 57 ? 6.674   3.694   -17.639 1.00 226.47 ? 741 LEU A CB  1 
ATOM 219  C CG  . LEU A 1 57 ? 5.310   4.199   -18.128 1.00 224.24 ? 741 LEU A CG  1 
ATOM 220  C CD1 . LEU A 1 57 ? 5.120   5.679   -17.823 1.00 218.59 ? 741 LEU A CD1 1 
ATOM 221  C CD2 . LEU A 1 57 ? 5.155   3.946   -19.622 1.00 221.38 ? 741 LEU A CD2 1 
ATOM 222  N N   . GLY A 1 58 ? 6.943   0.958   -15.813 1.00 222.78 ? 742 GLY A N   1 
ATOM 223  C CA  . GLY A 1 58 ? 6.440   -0.353  -15.414 1.00 215.18 ? 742 GLY A CA  1 
ATOM 224  C C   . GLY A 1 58 ? 6.758   -0.696  -13.969 1.00 210.43 ? 742 GLY A C   1 
ATOM 225  O O   . GLY A 1 58 ? 5.920   -1.263  -13.266 1.00 210.81 ? 742 GLY A O   1 
ATOM 226  N N   . MET A 1 59 ? 7.966   -0.348  -13.530 1.00 209.76 ? 743 MET A N   1 
ATOM 227  C CA  . MET A 1 59 ? 8.433   -0.661  -12.174 1.00 208.22 ? 743 MET A CA  1 
ATOM 228  C C   . MET A 1 59 ? 7.811   0.230   -11.099 1.00 205.12 ? 743 MET A C   1 
ATOM 229  O O   . MET A 1 59 ? 7.490   -0.246  -10.010 1.00 203.54 ? 743 MET A O   1 
ATOM 230  C CB  . MET A 1 59 ? 9.964   -0.612  -12.098 1.00 208.10 ? 743 MET A CB  1 
ATOM 231  C CG  . MET A 1 59 ? 10.661  -1.763  -12.812 1.00 206.08 ? 743 MET A CG  1 
ATOM 232  S SD  . MET A 1 59 ? 10.735  -3.285  -11.848 1.00 200.88 ? 743 MET A SD  1 
ATOM 233  C CE  . MET A 1 59 ? 12.316  -3.111  -11.029 1.00 189.42 ? 743 MET A CE  1 
ATOM 234  N N   . LEU A 1 60 ? 7.651   1.518   -11.407 1.00 201.21 ? 744 LEU A N   1 
ATOM 235  C CA  . LEU A 1 60 ? 6.992   2.462   -10.501 1.00 201.04 ? 744 LEU A CA  1 
ATOM 236  C C   . LEU A 1 60 ? 5.513   2.141   -10.359 1.00 195.36 ? 744 LEU A C   1 
ATOM 237  O O   . LEU A 1 60 ? 5.039   1.867   -9.257  1.00 189.79 ? 744 LEU A O   1 
ATOM 238  C CB  . LEU A 1 60 ? 7.132   3.904   -11.000 1.00 209.74 ? 744 LEU A CB  1 
ATOM 239  C CG  . LEU A 1 60 ? 6.268   4.936   -10.259 1.00 213.22 ? 744 LEU A CG  1 
ATOM 240  C CD1 . LEU A 1 60 ? 7.133   5.889   -9.451  1.00 219.13 ? 744 LEU A CD1 1 
ATOM 241  C CD2 . LEU A 1 60 ? 5.377   5.704   -11.224 1.00 209.77 ? 744 LEU A CD2 1 
ATOM 242  N N   . LYS A 1 61 ? 4.795   2.192   -11.480 1.00 188.64 ? 745 LYS A N   1 
ATOM 243  C CA  . LYS A 1 61 ? 3.351   1.986   -11.493 1.00 186.55 ? 745 LYS A CA  1 
ATOM 244  C C   . LYS A 1 61 ? 2.964   0.735   -10.725 1.00 182.74 ? 745 LYS A C   1 
ATOM 245  O O   . LYS A 1 61 ? 2.051   0.773   -9.907  1.00 187.14 ? 745 LYS A O   1 
ATOM 246  C CB  . LYS A 1 61 ? 2.810   1.937   -12.922 1.00 191.49 ? 745 LYS A CB  1 
ATOM 247  C CG  . LYS A 1 61 ? 2.568   3.308   -13.530 1.00 194.45 ? 745 LYS A CG  1 
ATOM 248  C CD  . LYS A 1 61 ? 1.767   3.204   -14.817 1.00 197.75 ? 745 LYS A CD  1 
ATOM 249  C CE  . LYS A 1 61 ? 1.441   4.581   -15.373 1.00 200.24 ? 745 LYS A CE  1 
ATOM 250  N NZ  . LYS A 1 61 ? 0.705   4.495   -16.664 1.00 201.95 ? 745 LYS A NZ  1 
ATOM 251  N N   . SER A 1 62 ? 3.676   -0.361  -10.974 1.00 178.51 ? 746 SER A N   1 
ATOM 252  C CA  . SER A 1 62 ? 3.486   -1.591  -10.214 1.00 182.58 ? 746 SER A CA  1 
ATOM 253  C C   . SER A 1 62 ? 3.733   -1.370  -8.720  1.00 185.28 ? 746 SER A C   1 
ATOM 254  O O   . SER A 1 62 ? 2.917   -1.771  -7.891  1.00 194.88 ? 746 SER A O   1 
ATOM 255  C CB  . SER A 1 62 ? 4.388   -2.705  -10.747 1.00 184.46 ? 746 SER A CB  1 
ATOM 256  O OG  . SER A 1 62 ? 5.752   -2.326  -10.683 1.00 191.07 ? 746 SER A OG  1 
ATOM 257  N N   . LEU A 1 63 ? 4.841   -0.709  -8.382  1.00 178.62 ? 747 LEU A N   1 
ATOM 258  C CA  . LEU A 1 63 ? 5.205   -0.486  -6.979  1.00 177.51 ? 747 LEU A CA  1 
ATOM 259  C C   . LEU A 1 63 ? 4.364   0.564   -6.253  1.00 180.40 ? 747 LEU A C   1 
ATOM 260  O O   . LEU A 1 63 ? 4.304   0.574   -5.021  1.00 176.14 ? 747 LEU A O   1 
ATOM 261  C CB  . LEU A 1 63 ? 6.701   -0.191  -6.838  1.00 176.74 ? 747 LEU A CB  1 
ATOM 262  C CG  . LEU A 1 63 ? 7.581   -1.443  -6.772  1.00 172.38 ? 747 LEU A CG  1 
ATOM 263  C CD1 . LEU A 1 63 ? 9.057   -1.090  -6.808  1.00 178.14 ? 747 LEU A CD1 1 
ATOM 264  C CD2 . LEU A 1 63 ? 7.266   -2.252  -5.526  1.00 163.96 ? 747 LEU A CD2 1 
ATOM 265  N N   . HIS A 1 64 ? 3.728   1.451   -7.017  1.00 186.78 ? 748 HIS A N   1 
ATOM 266  C CA  . HIS A 1 64 ? 2.734   2.371   -6.471  1.00 190.71 ? 748 HIS A CA  1 
ATOM 267  C C   . HIS A 1 64 ? 1.421   1.670   -6.293  1.00 184.65 ? 748 HIS A C   1 
ATOM 268  O O   . HIS A 1 64 ? 0.860   1.665   -5.195  1.00 184.78 ? 748 HIS A O   1 
ATOM 269  C CB  . HIS A 1 64 ? 2.559   3.594   -7.367  1.00 202.96 ? 748 HIS A CB  1 
ATOM 270  C CG  . HIS A 1 64 ? 3.228   4.840   -6.837  1.00 216.06 ? 748 HIS A CG  1 
ATOM 271  N ND1 . HIS A 1 64 ? 2.669   5.612   -5.886  1.00 220.07 ? 748 HIS A ND1 1 
ATOM 272  C CD2 . HIS A 1 64 ? 4.442   5.440   -7.166  1.00 220.54 ? 748 HIS A CD2 1 
ATOM 273  C CE1 . HIS A 1 64 ? 3.483   6.650   -5.615  1.00 219.77 ? 748 HIS A CE1 1 
ATOM 274  N NE2 . HIS A 1 64 ? 4.568   6.543   -6.400  1.00 220.06 ? 748 HIS A NE2 1 
ATOM 275  N N   . GLN A 1 65 ? 0.930   1.061   -7.375  1.00 177.84 ? 749 GLN A N   1 
ATOM 276  C CA  . GLN A 1 65 ? -0.350  0.349   -7.386  1.00 170.55 ? 749 GLN A CA  1 
ATOM 277  C C   . GLN A 1 65 ? -0.450  -0.707  -6.295  1.00 164.31 ? 749 GLN A C   1 
ATOM 278  O O   . GLN A 1 65 ? -1.461  -0.783  -5.598  1.00 166.18 ? 749 GLN A O   1 
ATOM 279  C CB  . GLN A 1 65 ? -0.607  -0.297  -8.750  1.00 170.71 ? 749 GLN A CB  1 
ATOM 280  C CG  . GLN A 1 65 ? -1.095  0.659   -9.828  1.00 174.81 ? 749 GLN A CG  1 
ATOM 281  C CD  . GLN A 1 65 ? -1.191  0.002   -11.194 1.00 179.36 ? 749 GLN A CD  1 
ATOM 282  O OE1 . GLN A 1 65 ? -1.582  -1.159  -11.313 1.00 181.13 ? 749 GLN A OE1 1 
ATOM 283  N NE2 . GLN A 1 65 ? -0.836  0.749   -12.236 1.00 182.92 ? 749 GLN A NE2 1 
ATOM 284  N N   . LEU A 1 66 ? 0.596   -1.516  -6.149  1.00 160.43 ? 750 LEU A N   1 
ATOM 285  C CA  . LEU A 1 66 ? 0.618   -2.554  -5.123  1.00 167.35 ? 750 LEU A CA  1 
ATOM 286  C C   . LEU A 1 66 ? 0.710   -1.973  -3.714  1.00 164.68 ? 750 LEU A C   1 
ATOM 287  O O   . LEU A 1 66 ? 0.081   -2.485  -2.787  1.00 162.75 ? 750 LEU A O   1 
ATOM 288  C CB  . LEU A 1 66 ? 1.760   -3.547  -5.355  1.00 171.88 ? 750 LEU A CB  1 
ATOM 289  C CG  . LEU A 1 66 ? 1.751   -4.486  -6.562  1.00 175.66 ? 750 LEU A CG  1 
ATOM 290  C CD1 . LEU A 1 66 ? 3.065   -5.248  -6.591  1.00 181.17 ? 750 LEU A CD1 1 
ATOM 291  C CD2 . LEU A 1 66 ? 0.574   -5.452  -6.546  1.00 177.90 ? 750 LEU A CD2 1 
ATOM 292  N N   . GLN A 1 67 ? 1.489   -0.905  -3.557  1.00 161.28 ? 751 GLN A N   1 
ATOM 293  C CA  . GLN A 1 67 ? 1.642   -0.256  -2.259  1.00 165.95 ? 751 GLN A CA  1 
ATOM 294  C C   . GLN A 1 67 ? 0.283   0.182   -1.702  1.00 162.66 ? 751 GLN A C   1 
ATOM 295  O O   . GLN A 1 67 ? -0.075  -0.166  -0.573  1.00 159.74 ? 751 GLN A O   1 
ATOM 296  C CB  . GLN A 1 67 ? 2.619   0.923   -2.356  1.00 174.99 ? 751 GLN A CB  1 
ATOM 297  C CG  . GLN A 1 67 ? 3.019   1.536   -1.019  1.00 183.54 ? 751 GLN A CG  1 
ATOM 298  C CD  . GLN A 1 67 ? 3.538   0.515   -0.024  1.00 183.74 ? 751 GLN A CD  1 
ATOM 299  O OE1 . GLN A 1 67 ? 4.622   -0.044  -0.195  1.00 188.27 ? 751 GLN A OE1 1 
ATOM 300  N NE2 . GLN A 1 67 ? 2.767   0.275   1.032   1.00 181.56 ? 751 GLN A NE2 1 
ATOM 301  N N   . VAL A 1 68 ? -0.466  0.928   -2.515  1.00 158.13 ? 752 VAL A N   1 
ATOM 302  C CA  . VAL A 1 68 ? -1.827  1.364   -2.183  1.00 151.16 ? 752 VAL A CA  1 
ATOM 303  C C   . VAL A 1 68 ? -2.716  0.159   -1.880  1.00 143.69 ? 752 VAL A C   1 
ATOM 304  O O   . VAL A 1 68 ? -3.358  0.098   -0.831  1.00 143.26 ? 752 VAL A O   1 
ATOM 305  C CB  . VAL A 1 68 ? -2.443  2.202   -3.335  1.00 151.57 ? 752 VAL A CB  1 
ATOM 306  C CG1 . VAL A 1 68 ? -3.942  2.395   -3.147  1.00 149.71 ? 752 VAL A CG1 1 
ATOM 307  C CG2 . VAL A 1 68 ? -1.743  3.547   -3.451  1.00 151.70 ? 752 VAL A CG2 1 
ATOM 308  N N   . GLU A 1 69 ? -2.727  -0.797  -2.804  1.00 135.71 ? 753 GLU A N   1 
ATOM 309  C CA  . GLU A 1 69 ? -3.546  -1.992  -2.693  1.00 131.39 ? 753 GLU A CA  1 
ATOM 310  C C   . GLU A 1 69 ? -3.261  -2.792  -1.437  1.00 128.10 ? 753 GLU A C   1 
ATOM 311  O O   . GLU A 1 69 ? -4.177  -3.336  -0.826  1.00 130.28 ? 753 GLU A O   1 
ATOM 312  C CB  . GLU A 1 69 ? -3.332  -2.879  -3.905  1.00 134.35 ? 753 GLU A CB  1 
ATOM 313  C CG  . GLU A 1 69 ? -3.760  -4.316  -3.691  1.00 136.22 ? 753 GLU A CG  1 
ATOM 314  C CD  . GLU A 1 69 ? -3.723  -5.109  -4.968  1.00 144.74 ? 753 GLU A CD  1 
ATOM 315  O OE1 . GLU A 1 69 ? -4.145  -4.565  -6.011  1.00 144.95 ? 753 GLU A OE1 1 
ATOM 316  O OE2 . GLU A 1 69 ? -3.273  -6.271  -4.929  1.00 148.67 ? 753 GLU A OE2 1 
ATOM 317  N N   . ASN A 1 70 ? -1.990  -2.880  -1.065  1.00 129.84 ? 754 ASN A N   1 
ATOM 318  C CA  . ASN A 1 70 ? -1.623  -3.569  0.162   1.00 131.37 ? 754 ASN A CA  1 
ATOM 319  C C   . ASN A 1 70 ? -2.047  -2.786  1.395   1.00 127.19 ? 754 ASN A C   1 
ATOM 320  O O   . ASN A 1 70 ? -2.350  -3.376  2.421   1.00 125.37 ? 754 ASN A O   1 
ATOM 321  C CB  . ASN A 1 70 ? -0.130  -3.907  0.201   1.00 136.60 ? 754 ASN A CB  1 
ATOM 322  C CG  . ASN A 1 70 ? 0.212   -5.153  -0.606  1.00 135.18 ? 754 ASN A CG  1 
ATOM 323  O OD1 . ASN A 1 70 ? 0.499   -6.215  -0.048  1.00 120.90 ? 754 ASN A OD1 1 
ATOM 324  N ND2 . ASN A 1 70 ? 0.181   -5.028  -1.926  1.00 138.97 ? 754 ASN A ND2 1 
ATOM 325  N N   . ARG A 1 71 ? -2.091  -1.462  1.282   1.00 131.97 ? 755 ARG A N   1 
ATOM 326  C CA  . ARG A 1 71 ? -2.597  -0.625  2.370   1.00 144.23 ? 755 ARG A CA  1 
ATOM 327  C C   . ARG A 1 71 ? -4.114  -0.757  2.527   1.00 140.61 ? 755 ARG A C   1 
ATOM 328  O O   . ARG A 1 71 ? -4.604  -1.070  3.613   1.00 134.06 ? 755 ARG A O   1 
ATOM 329  C CB  . ARG A 1 71 ? -2.203  0.837   2.167   1.00 160.67 ? 755 ARG A CB  1 
ATOM 330  C CG  . ARG A 1 71 ? -0.729  1.127   2.410   1.00 179.47 ? 755 ARG A CG  1 
ATOM 331  C CD  . ARG A 1 71 ? -0.462  2.624   2.425   1.00 197.61 ? 755 ARG A CD  1 
ATOM 332  N NE  . ARG A 1 71 ? -0.617  3.231   1.102   1.00 211.43 ? 755 ARG A NE  1 
ATOM 333  C CZ  . ARG A 1 71 ? 0.363   3.818   0.416   1.00 216.23 ? 755 ARG A CZ  1 
ATOM 334  N NH1 . ARG A 1 71 ? 1.586   3.900   0.923   1.00 221.18 ? 755 ARG A NH1 1 
ATOM 335  N NH2 . ARG A 1 71 ? 0.112   4.337   -0.778  1.00 214.12 ? 755 ARG A NH2 1 
ATOM 336  N N   . ARG A 1 72 ? -4.845  -0.527  1.436   1.00 139.01 ? 756 ARG A N   1 
ATOM 337  C CA  . ARG A 1 72 ? -6.303  -0.672  1.415   1.00 133.83 ? 756 ARG A CA  1 
ATOM 338  C C   . ARG A 1 72 ? -6.742  -2.027  1.958   1.00 123.84 ? 756 ARG A C   1 
ATOM 339  O O   . ARG A 1 72 ? -7.710  -2.124  2.705   1.00 126.26 ? 756 ARG A O   1 
ATOM 340  C CB  . ARG A 1 72 ? -6.839  -0.478  -0.007  1.00 142.91 ? 756 ARG A CB  1 
ATOM 341  C CG  . ARG A 1 72 ? -8.323  -0.787  -0.189  1.00 154.69 ? 756 ARG A CG  1 
ATOM 342  C CD  . ARG A 1 72 ? -9.216  0.148   0.621   1.00 164.89 ? 756 ARG A CD  1 
ATOM 343  N NE  . ARG A 1 72 ? -10.633 0.026   0.267   1.00 169.54 ? 756 ARG A NE  1 
ATOM 344  C CZ  . ARG A 1 72 ? -11.530 -0.689  0.942   1.00 172.66 ? 756 ARG A CZ  1 
ATOM 345  N NH1 . ARG A 1 72 ? -11.179 -1.372  2.025   1.00 169.85 ? 756 ARG A NH1 1 
ATOM 346  N NH2 . ARG A 1 72 ? -12.790 -0.726  0.528   1.00 176.19 ? 756 ARG A NH2 1 
ATOM 347  N N   . LEU A 1 73 ? -6.017  -3.064  1.576   1.00 118.59 ? 757 LEU A N   1 
ATOM 348  C CA  . LEU A 1 73 ? -6.282  -4.399  2.062   1.00 125.36 ? 757 LEU A CA  1 
ATOM 349  C C   . LEU A 1 73 ? -6.046  -4.503  3.567   1.00 129.27 ? 757 LEU A C   1 
ATOM 350  O O   . LEU A 1 73 ? -6.762  -5.228  4.253   1.00 137.94 ? 757 LEU A O   1 
ATOM 351  C CB  . LEU A 1 73 ? -5.395  -5.399  1.326   1.00 133.38 ? 757 LEU A CB  1 
ATOM 352  C CG  . LEU A 1 73 ? -6.081  -6.631  0.748   1.00 134.32 ? 757 LEU A CG  1 
ATOM 353  C CD1 . LEU A 1 73 ? -7.070  -6.216  -0.331  1.00 138.92 ? 757 LEU A CD1 1 
ATOM 354  C CD2 . LEU A 1 73 ? -5.051  -7.597  0.184   1.00 131.40 ? 757 LEU A CD2 1 
ATOM 355  N N   . GLU A 1 74 ? -5.048  -3.779  4.073   1.00 127.60 ? 758 GLU A N   1 
ATOM 356  C CA  . GLU A 1 74 ? -4.707  -3.810  5.497   1.00 135.48 ? 758 GLU A CA  1 
ATOM 357  C C   . GLU A 1 74 ? -5.870  -3.341  6.351   1.00 134.04 ? 758 GLU A C   1 
ATOM 358  O O   . GLU A 1 74 ? -6.264  -4.009  7.313   1.00 134.67 ? 758 GLU A O   1 
ATOM 359  C CB  . GLU A 1 74 ? -3.496  -2.923  5.780   1.00 150.78 ? 758 GLU A CB  1 
ATOM 360  C CG  . GLU A 1 74 ? -2.147  -3.581  5.551   1.00 165.22 ? 758 GLU A CG  1 
ATOM 361  C CD  . GLU A 1 74 ? -1.058  -2.582  5.189   1.00 171.74 ? 758 GLU A CD  1 
ATOM 362  O OE1 . GLU A 1 74 ? -1.229  -1.370  5.453   1.00 172.38 ? 758 GLU A OE1 1 
ATOM 363  O OE2 . GLU A 1 74 ? -0.027  -3.012  4.631   1.00 179.27 ? 758 GLU A OE2 1 
ATOM 364  N N   . GLU A 1 75 ? -6.405  -2.179  5.989   1.00 130.30 ? 759 GLU A N   1 
ATOM 365  C CA  . GLU A 1 75 ? -7.524  -1.571  6.694   1.00 126.88 ? 759 GLU A CA  1 
ATOM 366  C C   . GLU A 1 75 ? -8.768  -2.452  6.597   1.00 119.89 ? 759 GLU A C   1 
ATOM 367  O O   . GLU A 1 75 ? -9.403  -2.743  7.608   1.00 116.63 ? 759 GLU A O   1 
ATOM 368  C CB  . GLU A 1 75 ? -7.757  -0.147  6.164   1.00 133.00 ? 759 GLU A CB  1 
ATOM 369  C CG  . GLU A 1 75 ? -9.186  0.376   6.206   1.00 144.82 ? 759 GLU A CG  1 
ATOM 370  C CD  . GLU A 1 75 ? -9.850  0.371   4.838   1.00 153.01 ? 759 GLU A CD  1 
ATOM 371  O OE1 . GLU A 1 75 ? -10.158 1.473   4.332   1.00 160.48 ? 759 GLU A OE1 1 
ATOM 372  O OE2 . GLU A 1 75 ? -10.057 -0.722  4.265   1.00 149.94 ? 759 GLU A OE2 1 
ATOM 373  N N   . GLN A 1 76 ? -9.078  -2.896  5.382   1.00 112.75 ? 760 GLN A N   1 
ATOM 374  C CA  . GLN A 1 76 ? -10.220 -3.759  5.125   1.00 106.02 ? 760 GLN A CA  1 
ATOM 375  C C   . GLN A 1 76 ? -10.122 -5.050  5.911   1.00 107.28 ? 760 GLN A C   1 
ATOM 376  O O   . GLN A 1 76 ? -11.133 -5.646  6.255   1.00 113.05 ? 760 GLN A O   1 
ATOM 377  C CB  . GLN A 1 76 ? -10.305 -4.068  3.648   1.00 105.92 ? 760 GLN A CB  1 
ATOM 378  C CG  . GLN A 1 76 ? -11.514 -4.891  3.249   1.00 111.36 ? 760 GLN A CG  1 
ATOM 379  C CD  . GLN A 1 76 ? -11.601 -5.056  1.751   1.00 111.06 ? 760 GLN A CD  1 
ATOM 380  O OE1 . GLN A 1 76 ? -10.939 -4.339  1.016   1.00 115.25 ? 760 GLN A OE1 1 
ATOM 381  N NE2 . GLN A 1 76 ? -12.411 -5.999  1.292   1.00 108.59 ? 760 GLN A NE2 1 
ATOM 382  N N   . ILE A 1 77 ? -8.905  -5.487  6.190   1.00 115.59 ? 761 ILE A N   1 
ATOM 383  C CA  . ILE A 1 77 ? -8.719  -6.579  7.126   1.00 128.56 ? 761 ILE A CA  1 
ATOM 384  C C   . ILE A 1 77 ? -9.109  -6.086  8.513   1.00 130.05 ? 761 ILE A C   1 
ATOM 385  O O   . ILE A 1 77 ? -9.954  -6.699  9.163   1.00 135.27 ? 761 ILE A O   1 
ATOM 386  C CB  . ILE A 1 77 ? -7.286  -7.154  7.088   1.00 140.01 ? 761 ILE A CB  1 
ATOM 387  C CG1 . ILE A 1 77 ? -7.154  -8.138  5.918   1.00 139.70 ? 761 ILE A CG1 1 
ATOM 388  C CG2 . ILE A 1 77 ? -6.939  -7.855  8.399   1.00 143.20 ? 761 ILE A CG2 1 
ATOM 389  C CD1 . ILE A 1 77 ? -5.757  -8.247  5.346   1.00 137.77 ? 761 ILE A CD1 1 
ATOM 390  N N   . LYS A 1 78 ? -8.532  -4.960  8.934   1.00 129.62 ? 762 LYS A N   1 
ATOM 391  C CA  . LYS A 1 78 ? -8.807  -4.397  10.258  1.00 135.64 ? 762 LYS A CA  1 
ATOM 392  C C   . LYS A 1 78 ? -10.306 -4.239  10.511  1.00 133.82 ? 762 LYS A C   1 
ATOM 393  O O   . LYS A 1 78 ? -10.789 -4.555  11.602  1.00 133.37 ? 762 LYS A O   1 
ATOM 394  C CB  . LYS A 1 78 ? -8.071  -3.067  10.467  1.00 142.42 ? 762 LYS A CB  1 
ATOM 395  C CG  . LYS A 1 78 ? -8.167  -2.516  11.887  1.00 145.41 ? 762 LYS A CG  1 
ATOM 396  C CD  . LYS A 1 78 ? -7.700  -3.538  12.917  1.00 147.85 ? 762 LYS A CD  1 
ATOM 397  C CE  . LYS A 1 78 ? -8.444  -3.382  14.232  1.00 149.30 ? 762 LYS A CE  1 
ATOM 398  N NZ  . LYS A 1 78 ? -8.374  -4.621  15.054  1.00 148.91 ? 762 LYS A NZ  1 
ATOM 399  N N   . ASN A 1 79 ? -11.028 -3.754  9.502   1.00 131.37 ? 763 ASN A N   1 
ATOM 400  C CA  . ASN A 1 79 ? -12.487 -3.735  9.534   1.00 129.31 ? 763 ASN A CA  1 
ATOM 401  C C   . ASN A 1 79 ? -13.034 -5.137  9.758   1.00 123.89 ? 763 ASN A C   1 
ATOM 402  O O   . ASN A 1 79 ? -13.558 -5.440  10.829  1.00 131.95 ? 763 ASN A O   1 
ATOM 403  C CB  . ASN A 1 79 ? -13.060 -3.167  8.232   1.00 131.70 ? 763 ASN A CB  1 
ATOM 404  C CG  . ASN A 1 79 ? -12.681 -1.718  8.006   1.00 137.75 ? 763 ASN A CG  1 
ATOM 405  O OD1 . ASN A 1 79 ? -12.005 -1.099  8.832   1.00 139.89 ? 763 ASN A OD1 1 
ATOM 406  N ND2 . ASN A 1 79 ? -13.116 -1.169  6.876   1.00 137.20 ? 763 ASN A ND2 1 
ATOM 407  N N   . LEU A 1 80 ? -12.876 -5.993  8.755   1.00 111.72 ? 764 LEU A N   1 
ATOM 408  C CA  . LEU A 1 80 ? -13.415 -7.340  8.809   1.00 112.01 ? 764 LEU A CA  1 
ATOM 409  C C   . LEU A 1 80 ? -12.968 -8.113  10.039  1.00 115.33 ? 764 LEU A C   1 
ATOM 410  O O   . LEU A 1 80 ? -13.626 -9.070  10.433  1.00 119.94 ? 764 LEU A O   1 
ATOM 411  C CB  . LEU A 1 80 ? -13.053 -8.126  7.551   1.00 116.87 ? 764 LEU A CB  1 
ATOM 412  C CG  . LEU A 1 80 ? -13.644 -7.758  6.186   1.00 116.13 ? 764 LEU A CG  1 
ATOM 413  C CD1 . LEU A 1 80 ? -13.722 -9.034  5.366   1.00 109.61 ? 764 LEU A CD1 1 
ATOM 414  C CD2 . LEU A 1 80 ? -15.010 -7.082  6.265   1.00 114.25 ? 764 LEU A CD2 1 
ATOM 415  N N   . THR A 1 81 ? -11.853 -7.698  10.636  1.00 122.37 ? 765 THR A N   1 
ATOM 416  C CA  . THR A 1 81 ? -11.367 -8.310  11.871  1.00 129.63 ? 765 THR A CA  1 
ATOM 417  C C   . THR A 1 81 ? -12.408 -8.141  12.974  1.00 131.69 ? 765 THR A C   1 
ATOM 418  O O   . THR A 1 81 ? -12.816 -9.117  13.607  1.00 133.31 ? 765 THR A O   1 
ATOM 419  C CB  . THR A 1 81 ? -10.021 -7.708  12.325  1.00 132.60 ? 765 THR A CB  1 
ATOM 420  O OG1 . THR A 1 81 ? -9.085  -7.746  11.241  1.00 136.15 ? 765 THR A OG1 1 
ATOM 421  C CG2 . THR A 1 81 ? -9.447  -8.495  13.495  1.00 138.74 ? 765 THR A CG2 1 
ATOM 422  N N   . ALA A 1 82 ? -12.843 -6.900  13.178  1.00 134.05 ? 766 ALA A N   1 
ATOM 423  C CA  . ALA A 1 82 ? -13.838 -6.580  14.196  1.00 137.11 ? 766 ALA A CA  1 
ATOM 424  C C   . ALA A 1 82 ? -15.227 -7.091  13.820  1.00 134.71 ? 766 ALA A C   1 
ATOM 425  O O   . ALA A 1 82 ? -15.906 -7.708  14.644  1.00 135.84 ? 766 ALA A O   1 
ATOM 426  C CB  . ALA A 1 82 ? -13.868 -5.081  14.458  1.00 141.41 ? 766 ALA A CB  1 
ATOM 427  N N   . LYS A 1 83 ? -15.635 -6.840  12.575  1.00 129.26 ? 767 LYS A N   1 
ATOM 428  C CA  . LYS A 1 83 ? -16.932 -7.286  12.072  1.00 125.75 ? 767 LYS A CA  1 
ATOM 429  C C   . LYS A 1 83 ? -17.104 -8.790  12.251  1.00 125.46 ? 767 LYS A C   1 
ATOM 430  O O   . LYS A 1 83 ? -18.218 -9.264  12.426  1.00 128.98 ? 767 LYS A O   1 
ATOM 431  C CB  . LYS A 1 83 ? -17.122 -6.892  10.609  1.00 127.40 ? 767 LYS A CB  1 
ATOM 432  C CG  . LYS A 1 83 ? -18.553 -7.012  10.102  1.00 131.78 ? 767 LYS A CG  1 
ATOM 433  C CD  . LYS A 1 83 ? -18.602 -6.953  8.583   1.00 142.74 ? 767 LYS A CD  1 
ATOM 434  C CE  . LYS A 1 83 ? -20.002 -7.220  8.052   1.00 150.03 ? 767 LYS A CE  1 
ATOM 435  N NZ  . LYS A 1 83 ? -20.029 -7.280  6.562   1.00 150.74 ? 767 LYS A NZ  1 
ATOM 436  N N   . LYS A 1 84 ? -16.004 -9.536  12.212  1.00 128.83 ? 768 LYS A N   1 
ATOM 437  C CA  . LYS A 1 84 ? -16.043 -10.950 12.561  1.00 135.68 ? 768 LYS A CA  1 
ATOM 438  C C   . LYS A 1 84 ? -16.339 -11.084 14.043  1.00 137.56 ? 768 LYS A C   1 
ATOM 439  O O   . LYS A 1 84 ? -17.345 -11.675 14.427  1.00 144.69 ? 768 LYS A O   1 
ATOM 440  C CB  . LYS A 1 84 ? -14.717 -11.635 12.251  1.00 144.28 ? 768 LYS A CB  1 
ATOM 441  C CG  . LYS A 1 84 ? -14.616 -13.039 12.827  1.00 152.78 ? 768 LYS A CG  1 
ATOM 442  C CD  . LYS A 1 84 ? -13.328 -13.210 13.614  1.00 160.63 ? 768 LYS A CD  1 
ATOM 443  C CE  . LYS A 1 84 ? -13.326 -14.518 14.389  1.00 168.67 ? 768 LYS A CE  1 
ATOM 444  N NZ  . LYS A 1 84 ? -12.002 -14.793 15.016  1.00 174.11 ? 768 LYS A NZ  1 
ATOM 445  N N   . GLU A 1 85 ? -15.450 -10.524 14.861  1.00 140.68 ? 769 GLU A N   1 
ATOM 446  C CA  . GLU A 1 85 ? -15.541 -10.607 16.314  1.00 147.22 ? 769 GLU A CA  1 
ATOM 447  C C   . GLU A 1 85 ? -16.946 -10.293 16.807  1.00 141.58 ? 769 GLU A C   1 
ATOM 448  O O   . GLU A 1 85 ? -17.598 -11.143 17.418  1.00 138.52 ? 769 GLU A O   1 
ATOM 449  C CB  . GLU A 1 85 ? -14.544 -9.645  16.957  1.00 161.86 ? 769 GLU A CB  1 
ATOM 450  C CG  . GLU A 1 85 ? -13.084 -10.004 16.741  1.00 175.56 ? 769 GLU A CG  1 
ATOM 451  C CD  . GLU A 1 85 ? -12.147 -8.874  17.128  1.00 184.82 ? 769 GLU A CD  1 
ATOM 452  O OE1 . GLU A 1 85 ? -12.238 -8.381  18.275  1.00 192.95 ? 769 GLU A OE1 1 
ATOM 453  O OE2 . GLU A 1 85 ? -11.314 -8.482  16.284  1.00 185.87 ? 769 GLU A OE2 1 
ATOM 454  N N   . ARG A 1 86 ? -17.410 -9.078  16.520  1.00 136.99 ? 770 ARG A N   1 
ATOM 455  C CA  . ARG A 1 86 ? -18.733 -8.637  16.946  1.00 139.57 ? 770 ARG A CA  1 
ATOM 456  C C   . ARG A 1 86 ? -19.842 -9.531  16.389  1.00 136.94 ? 770 ARG A C   1 
ATOM 457  O O   . ARG A 1 86 ? -20.837 -9.776  17.064  1.00 145.15 ? 770 ARG A O   1 
ATOM 458  C CB  . ARG A 1 86 ? -18.973 -7.159  16.601  1.00 147.56 ? 770 ARG A CB  1 
ATOM 459  C CG  . ARG A 1 86 ? -19.071 -6.842  15.114  1.00 161.98 ? 770 ARG A CG  1 
ATOM 460  C CD  . ARG A 1 86 ? -19.518 -5.409  14.854  1.00 175.37 ? 770 ARG A CD  1 
ATOM 461  N NE  . ARG A 1 86 ? -20.905 -5.166  15.258  1.00 188.36 ? 770 ARG A NE  1 
ATOM 462  C CZ  . ARG A 1 86 ? -21.972 -5.339  14.478  1.00 189.28 ? 770 ARG A CZ  1 
ATOM 463  N NH1 . ARG A 1 86 ? -21.838 -5.767  13.229  1.00 190.17 ? 770 ARG A NH1 1 
ATOM 464  N NH2 . ARG A 1 86 ? -23.185 -5.084  14.955  1.00 187.61 ? 770 ARG A NH2 1 
ATOM 465  N N   . LEU A 1 87 ? -19.655 -10.033 15.172  1.00 129.72 ? 771 LEU A N   1 
ATOM 466  C CA  . LEU A 1 87 ? -20.627 -10.926 14.560  1.00 127.97 ? 771 LEU A CA  1 
ATOM 467  C C   . LEU A 1 87 ? -20.567 -12.314 15.179  1.00 129.92 ? 771 LEU A C   1 
ATOM 468  O O   . LEU A 1 87 ? -21.551 -13.048 15.156  1.00 133.38 ? 771 LEU A O   1 
ATOM 469  C CB  . LEU A 1 87 ? -20.397 -11.023 13.055  1.00 131.12 ? 771 LEU A CB  1 
ATOM 470  C CG  . LEU A 1 87 ? -21.598 -11.331 12.157  1.00 133.56 ? 771 LEU A CG  1 
ATOM 471  C CD1 . LEU A 1 87 ? -22.520 -10.124 12.036  1.00 135.06 ? 771 LEU A CD1 1 
ATOM 472  C CD2 . LEU A 1 87 ? -21.121 -11.763 10.782  1.00 133.70 ? 771 LEU A CD2 1 
ATOM 473  N N   . GLN A 1 88 ? -19.412 -12.675 15.728  1.00 135.04 ? 772 GLN A N   1 
ATOM 474  C CA  . GLN A 1 88 ? -19.260 -13.957 16.399  1.00 142.79 ? 772 GLN A CA  1 
ATOM 475  C C   . GLN A 1 88 ? -19.848 -13.891 17.798  1.00 149.55 ? 772 GLN A C   1 
ATOM 476  O O   . GLN A 1 88 ? -20.332 -14.898 18.322  1.00 154.22 ? 772 GLN A O   1 
ATOM 477  C CB  . GLN A 1 88 ? -17.797 -14.365 16.461  1.00 148.00 ? 772 GLN A CB  1 
ATOM 478  C CG  . GLN A 1 88 ? -17.584 -15.841 16.743  1.00 157.80 ? 772 GLN A CG  1 
ATOM 479  C CD  . GLN A 1 88 ? -16.132 -16.173 17.020  1.00 176.96 ? 772 GLN A CD  1 
ATOM 480  O OE1 . GLN A 1 88 ? -15.310 -15.283 17.252  1.00 187.23 ? 772 GLN A OE1 1 
ATOM 481  N NE2 . GLN A 1 88 ? -15.808 -17.461 17.002  1.00 185.68 ? 772 GLN A NE2 1 
ATOM 482  N N   . LEU A 1 89 ? -19.803 -12.699 18.393  1.00 155.53 ? 773 LEU A N   1 
ATOM 483  C CA  . LEU A 1 89 ? -20.435 -12.431 19.686  1.00 158.89 ? 773 LEU A CA  1 
ATOM 484  C C   . LEU A 1 89 ? -21.909 -12.797 19.655  1.00 150.18 ? 773 LEU A C   1 
ATOM 485  O O   . LEU A 1 89 ? -22.395 -13.518 20.522  1.00 147.77 ? 773 LEU A O   1 
ATOM 486  C CB  . LEU A 1 89 ? -20.293 -10.954 20.062  1.00 171.12 ? 773 LEU A CB  1 
ATOM 487  C CG  . LEU A 1 89 ? -19.006 -10.493 20.749  1.00 183.14 ? 773 LEU A CG  1 
ATOM 488  C CD1 . LEU A 1 89 ? -18.827 -8.988  20.601  1.00 183.22 ? 773 LEU A CD1 1 
ATOM 489  C CD2 . LEU A 1 89 ? -19.008 -10.894 22.217  1.00 183.60 ? 773 LEU A CD2 1 
ATOM 490  N N   . LEU A 1 90 ? -22.601 -12.297 18.637  1.00 146.11 ? 774 LEU A N   1 
ATOM 491  C CA  . LEU A 1 90 ? -24.019 -12.550 18.439  1.00 145.72 ? 774 LEU A CA  1 
ATOM 492  C C   . LEU A 1 90 ? -24.297 -14.023 18.216  1.00 145.64 ? 774 LEU A C   1 
ATOM 493  O O   . LEU A 1 90 ? -25.281 -14.553 18.726  1.00 147.44 ? 774 LEU A O   1 
ATOM 494  C CB  . LEU A 1 90 ? -24.534 -11.752 17.243  1.00 146.77 ? 774 LEU A CB  1 
ATOM 495  C CG  . LEU A 1 90 ? -24.284 -10.245 17.292  1.00 157.02 ? 774 LEU A CG  1 
ATOM 496  C CD1 . LEU A 1 90 ? -24.291 -9.648  15.893  1.00 163.92 ? 774 LEU A CD1 1 
ATOM 497  C CD2 . LEU A 1 90 ? -25.301 -9.557  18.183  1.00 155.61 ? 774 LEU A CD2 1 
ATOM 498  N N   . ASN A 1 91 ? -23.431 -14.681 17.451  1.00 150.26 ? 775 ASN A N   1 
ATOM 499  C CA  . ASN A 1 91 ? -23.614 -16.095 17.168  1.00 162.10 ? 775 ASN A CA  1 
ATOM 500  C C   . ASN A 1 91 ? -23.543 -16.932 18.430  1.00 163.84 ? 775 ASN A C   1 
ATOM 501  O O   . ASN A 1 91 ? -24.306 -17.886 18.591  1.00 170.99 ? 775 ASN A O   1 
ATOM 502  C CB  . ASN A 1 91 ? -22.600 -16.601 16.147  1.00 177.40 ? 775 ASN A CB  1 
ATOM 503  C CG  . ASN A 1 91 ? -22.893 -18.022 15.700  1.00 186.75 ? 775 ASN A CG  1 
ATOM 504  O OD1 . ASN A 1 91 ? -23.874 -18.279 14.997  1.00 188.46 ? 775 ASN A OD1 1 
ATOM 505  N ND2 . ASN A 1 91 ? -22.045 -18.957 16.116  1.00 195.39 ? 775 ASN A ND2 1 
ATOM 506  N N   . ALA A 1 92 ? -22.623 -16.569 19.320  1.00 164.00 ? 776 ALA A N   1 
ATOM 507  C CA  . ALA A 1 92 ? -22.539 -17.200 20.629  1.00 169.49 ? 776 ALA A CA  1 
ATOM 508  C C   . ALA A 1 92 ? -23.877 -17.042 21.341  1.00 169.44 ? 776 ALA A C   1 
ATOM 509  O O   . ALA A 1 92 ? -24.460 -18.021 21.810  1.00 167.99 ? 776 ALA A O   1 
ATOM 510  C CB  . ALA A 1 92 ? -21.414 -16.586 21.447  1.00 169.01 ? 776 ALA A CB  1 
ATOM 511  N N   . GLN A 1 93 ? -24.369 -15.804 21.376  1.00 168.74 ? 777 GLN A N   1 
ATOM 512  C CA  . GLN A 1 93 ? -25.637 -15.468 22.015  1.00 166.44 ? 777 GLN A CA  1 
ATOM 513  C C   . GLN A 1 93 ? -26.753 -16.424 21.614  1.00 162.30 ? 777 GLN A C   1 
ATOM 514  O O   . GLN A 1 93 ? -27.421 -16.994 22.475  1.00 170.27 ? 777 GLN A O   1 
ATOM 515  C CB  . GLN A 1 93 ? -26.045 -14.036 21.668  1.00 174.02 ? 777 GLN A CB  1 
ATOM 516  C CG  . GLN A 1 93 ? -25.132 -12.950 22.214  1.00 187.91 ? 777 GLN A CG  1 
ATOM 517  C CD  . GLN A 1 93 ? -25.579 -12.419 23.560  1.00 189.91 ? 777 GLN A CD  1 
ATOM 518  O OE1 . GLN A 1 93 ? -26.749 -12.073 23.753  1.00 187.18 ? 777 GLN A OE1 1 
ATOM 519  N NE2 . GLN A 1 93 ? -24.642 -12.332 24.497  1.00 195.46 ? 777 GLN A NE2 1 
ATOM 520  N N   . LEU A 1 94 ? -26.941 -16.604 20.309  1.00 154.97 ? 778 LEU A N   1 
ATOM 521  C CA  . LEU A 1 94 ? -28.030 -17.431 19.800  1.00 156.73 ? 778 LEU A CA  1 
ATOM 522  C C   . LEU A 1 94 ? -27.867 -18.900 20.150  1.00 165.03 ? 778 LEU A C   1 
ATOM 523  O O   . LEU A 1 94 ? -28.850 -19.599 20.405  1.00 167.95 ? 778 LEU A O   1 
ATOM 524  C CB  . LEU A 1 94 ? -28.175 -17.273 18.285  1.00 147.19 ? 778 LEU A CB  1 
ATOM 525  C CG  . LEU A 1 94 ? -28.698 -15.948 17.720  1.00 144.73 ? 778 LEU A CG  1 
ATOM 526  C CD1 . LEU A 1 94 ? -29.137 -16.147 16.279  1.00 150.77 ? 778 LEU A CD1 1 
ATOM 527  C CD2 . LEU A 1 94 ? -29.854 -15.390 18.536  1.00 143.93 ? 778 LEU A CD2 1 
ATOM 528  N N   . SER A 1 95 ? -26.620 -19.357 20.172  1.00 178.37 ? 779 SER A N   1 
ATOM 529  C CA  . SER A 1 95 ? -26.315 -20.770 20.362  1.00 198.36 ? 779 SER A CA  1 
ATOM 530  C C   . SER A 1 95 ? -26.447 -21.231 21.817  1.00 202.01 ? 779 SER A C   1 
ATOM 531  O O   . SER A 1 95 ? -26.552 -22.431 22.081  1.00 208.67 ? 779 SER A O   1 
ATOM 532  C CB  . SER A 1 95 ? -24.909 -21.078 19.828  1.00 209.71 ? 779 SER A CB  1 
ATOM 533  O OG  . SER A 1 95 ? -24.672 -22.474 19.762  1.00 218.83 ? 779 SER A OG  1 
ATOM 534  N N   . VAL A 1 96 ? -26.454 -20.280 22.750  1.00 200.73 ? 780 VAL A N   1 
ATOM 535  C CA  . VAL A 1 96 ? -26.429 -20.597 24.185  1.00 205.93 ? 780 VAL A CA  1 
ATOM 536  C C   . VAL A 1 96 ? -27.708 -21.281 24.725  1.00 206.78 ? 780 VAL A C   1 
ATOM 537  O O   . VAL A 1 96 ? -27.626 -22.400 25.239  1.00 203.68 ? 780 VAL A O   1 
ATOM 538  C CB  . VAL A 1 96 ? -25.983 -19.377 25.039  1.00 209.98 ? 780 VAL A CB  1 
ATOM 539  C CG1 . VAL A 1 96 ? -26.351 -19.551 26.506  1.00 209.71 ? 780 VAL A CG1 1 
ATOM 540  C CG2 . VAL A 1 96 ? -24.484 -19.160 24.900  1.00 219.14 ? 780 VAL A CG2 1 
ATOM 541  N N   . PRO A 1 97 ? -28.886 -20.628 24.608  1.00 206.44 ? 781 PRO A N   1 
ATOM 542  C CA  . PRO A 1 97 ? -30.070 -21.251 25.188  1.00 197.41 ? 781 PRO A CA  1 
ATOM 543  C C   . PRO A 1 97 ? -30.855 -22.065 24.167  1.00 189.04 ? 781 PRO A C   1 
ATOM 544  O O   . PRO A 1 97 ? -30.970 -23.280 24.310  1.00 181.09 ? 781 PRO A O   1 
ATOM 545  C CB  . PRO A 1 97 ? -30.900 -20.048 25.662  1.00 197.33 ? 781 PRO A CB  1 
ATOM 546  C CG  . PRO A 1 97 ? -30.273 -18.831 25.032  1.00 199.13 ? 781 PRO A CG  1 
ATOM 547  C CD  . PRO A 1 97 ? -29.215 -19.296 24.075  1.00 203.87 ? 781 PRO A CD  1 
ATOM 548  N N   . ALA B 2 15 ? 21.587  33.381  0.747   1.00 216.06 ? 483 ALA B N   1 
ATOM 549  C CA  . ALA B 2 15 ? 21.421  32.277  1.738   1.00 221.43 ? 483 ALA B CA  1 
ATOM 550  C C   . ALA B 2 15 ? 20.844  31.011  1.102   1.00 224.21 ? 483 ALA B C   1 
ATOM 551  O O   . ALA B 2 15 ? 21.291  29.899  1.402   1.00 218.87 ? 483 ALA B O   1 
ATOM 552  C CB  . ALA B 2 15 ? 20.554  32.735  2.903   1.00 219.38 ? 483 ALA B CB  1 
ATOM 553  N N   . LEU B 2 16 ? 19.857  31.191  0.224   1.00 231.78 ? 484 LEU B N   1 
ATOM 554  C CA  . LEU B 2 16 ? 19.211  30.085  -0.490  1.00 238.40 ? 484 LEU B CA  1 
ATOM 555  C C   . LEU B 2 16 ? 20.123  29.451  -1.537  1.00 244.99 ? 484 LEU B C   1 
ATOM 556  O O   . LEU B 2 16 ? 19.928  28.295  -1.921  1.00 242.59 ? 484 LEU B O   1 
ATOM 557  C CB  . LEU B 2 16 ? 17.922  30.562  -1.171  1.00 236.08 ? 484 LEU B CB  1 
ATOM 558  C CG  . LEU B 2 16 ? 16.729  31.010  -0.321  1.00 239.81 ? 484 LEU B CG  1 
ATOM 559  C CD1 . LEU B 2 16 ? 15.683  31.678  -1.201  1.00 236.46 ? 484 LEU B CD1 1 
ATOM 560  C CD2 . LEU B 2 16 ? 16.119  29.845  0.450   1.00 244.04 ? 484 LEU B CD2 1 
ATOM 561  N N   . GLN B 2 17 ? 21.107  30.223  -1.997  1.00 257.32 ? 485 GLN B N   1 
ATOM 562  C CA  . GLN B 2 17 ? 22.065  29.792  -3.022  1.00 258.96 ? 485 GLN B CA  1 
ATOM 563  C C   . GLN B 2 17 ? 22.899  28.597  -2.566  1.00 256.39 ? 485 GLN B C   1 
ATOM 564  O O   . GLN B 2 17 ? 23.209  27.708  -3.361  1.00 259.20 ? 485 GLN B O   1 
ATOM 565  C CB  . GLN B 2 17 ? 22.986  30.953  -3.413  1.00 260.15 ? 485 GLN B CB  1 
ATOM 566  C CG  . GLN B 2 17 ? 22.270  32.138  -4.049  1.00 260.03 ? 485 GLN B CG  1 
ATOM 567  C CD  . GLN B 2 17 ? 23.065  33.430  -3.969  1.00 258.42 ? 485 GLN B CD  1 
ATOM 568  O OE1 . GLN B 2 17 ? 24.015  33.549  -3.192  1.00 256.60 ? 485 GLN B OE1 1 
ATOM 569  N NE2 . GLN B 2 17 ? 22.671  34.413  -4.771  1.00 259.27 ? 485 GLN B NE2 1 
ATOM 570  N N   . LYS B 2 18 ? 23.257  28.591  -1.282  1.00 248.57 ? 486 LYS B N   1 
ATOM 571  C CA  . LYS B 2 18 ? 23.999  27.489  -0.670  1.00 240.91 ? 486 LYS B CA  1 
ATOM 572  C C   . LYS B 2 18 ? 23.117  26.253  -0.548  1.00 243.27 ? 486 LYS B C   1 
ATOM 573  O O   . LYS B 2 18 ? 23.613  25.124  -0.506  1.00 247.12 ? 486 LYS B O   1 
ATOM 574  C CB  . LYS B 2 18 ? 24.493  27.889  0.719   1.00 229.04 ? 486 LYS B CB  1 
ATOM 575  C CG  . LYS B 2 18 ? 25.158  29.251  0.782   1.00 221.99 ? 486 LYS B CG  1 
ATOM 576  C CD  . LYS B 2 18 ? 24.920  29.892  2.135   1.00 217.51 ? 486 LYS B CD  1 
ATOM 577  C CE  . LYS B 2 18 ? 25.102  31.397  2.063   1.00 219.66 ? 486 LYS B CE  1 
ATOM 578  N NZ  . LYS B 2 18 ? 24.546  32.062  3.272   1.00 219.96 ? 486 LYS B NZ  1 
ATOM 579  N N   . LEU B 2 19 ? 21.806  26.481  -0.494  1.00 241.93 ? 487 LEU B N   1 
ATOM 580  C CA  . LEU B 2 19 ? 20.831  25.416  -0.293  1.00 236.92 ? 487 LEU B CA  1 
ATOM 581  C C   . LEU B 2 19 ? 20.360  24.787  -1.605  1.00 231.15 ? 487 LEU B C   1 
ATOM 582  O O   . LEU B 2 19 ? 20.560  23.594  -1.820  1.00 227.38 ? 487 LEU B O   1 
ATOM 583  C CB  . LEU B 2 19 ? 19.638  25.926  0.528   1.00 237.43 ? 487 LEU B CB  1 
ATOM 584  C CG  . LEU B 2 19 ? 19.923  26.556  1.897   1.00 235.37 ? 487 LEU B CG  1 
ATOM 585  C CD1 . LEU B 2 19 ? 18.713  27.337  2.388   1.00 231.93 ? 487 LEU B CD1 1 
ATOM 586  C CD2 . LEU B 2 19 ? 20.348  25.515  2.925   1.00 233.99 ? 487 LEU B CD2 1 
ATOM 587  N N   . LEU B 2 20 ? 19.756  25.589  -2.483  1.00 227.18 ? 488 LEU B N   1 
ATOM 588  C CA  . LEU B 2 20 ? 19.147  25.070  -3.717  1.00 227.80 ? 488 LEU B CA  1 
ATOM 589  C C   . LEU B 2 20 ? 20.121  24.410  -4.687  1.00 231.14 ? 488 LEU B C   1 
ATOM 590  O O   . LEU B 2 20 ? 19.730  23.527  -5.454  1.00 222.97 ? 488 LEU B O   1 
ATOM 591  C CB  . LEU B 2 20 ? 18.311  26.136  -4.428  1.00 225.22 ? 488 LEU B CB  1 
ATOM 592  C CG  . LEU B 2 20 ? 16.906  26.258  -3.841  1.00 229.96 ? 488 LEU B CG  1 
ATOM 593  C CD1 . LEU B 2 20 ? 16.831  27.408  -2.848  1.00 230.25 ? 488 LEU B CD1 1 
ATOM 594  C CD2 . LEU B 2 20 ? 15.866  26.416  -4.938  1.00 225.24 ? 488 LEU B CD2 1 
ATOM 595  N N   . GLU B 2 21 ? 21.381  24.832  -4.643  1.00 248.72 ? 489 GLU B N   1 
ATOM 596  C CA  . GLU B 2 21 ? 22.437  24.171  -5.408  1.00 261.77 ? 489 GLU B CA  1 
ATOM 597  C C   . GLU B 2 21 ? 22.782  22.807  -4.806  1.00 259.43 ? 489 GLU B C   1 
ATOM 598  O O   . GLU B 2 21 ? 23.035  21.851  -5.540  1.00 259.84 ? 489 GLU B O   1 
ATOM 599  C CB  . GLU B 2 21 ? 23.686  25.057  -5.520  1.00 271.37 ? 489 GLU B CB  1 
ATOM 600  C CG  . GLU B 2 21 ? 23.579  26.153  -6.576  1.00 271.60 ? 489 GLU B CG  1 
ATOM 601  C CD  . GLU B 2 21 ? 24.902  26.841  -6.881  1.00 269.64 ? 489 GLU B CD  1 
ATOM 602  O OE1 . GLU B 2 21 ? 25.944  26.449  -6.310  1.00 272.11 ? 489 GLU B OE1 1 
ATOM 603  O OE2 . GLU B 2 21 ? 24.900  27.780  -7.703  1.00 267.23 ? 489 GLU B OE2 1 
ATOM 604  N N   . SER B 2 22 ? 22.773  22.721  -3.474  1.00 253.20 ? 490 SER B N   1 
ATOM 605  C CA  . SER B 2 22 ? 23.041  21.460  -2.774  1.00 248.29 ? 490 SER B CA  1 
ATOM 606  C C   . SER B 2 22 ? 21.927  20.432  -2.995  1.00 250.10 ? 490 SER B C   1 
ATOM 607  O O   . SER B 2 22 ? 22.155  19.227  -2.865  1.00 249.64 ? 490 SER B O   1 
ATOM 608  C CB  . SER B 2 22 ? 23.289  21.696  -1.280  1.00 241.16 ? 490 SER B CB  1 
ATOM 609  O OG  . SER B 2 22 ? 22.160  22.263  -0.645  1.00 232.47 ? 490 SER B OG  1 
ATOM 610  N N   . PHE B 2 23 ? 20.730  20.918  -3.325  1.00 253.97 ? 491 PHE B N   1 
ATOM 611  C CA  . PHE B 2 23 ? 19.635  20.060  -3.771  1.00 255.22 ? 491 PHE B CA  1 
ATOM 612  C C   . PHE B 2 23 ? 19.972  19.468  -5.134  1.00 247.92 ? 491 PHE B C   1 
ATOM 613  O O   . PHE B 2 23 ? 19.802  18.267  -5.358  1.00 241.54 ? 491 PHE B O   1 
ATOM 614  C CB  . PHE B 2 23 ? 18.319  20.843  -3.859  1.00 266.04 ? 491 PHE B CB  1 
ATOM 615  C CG  . PHE B 2 23 ? 17.713  21.173  -2.522  1.00 281.81 ? 491 PHE B CG  1 
ATOM 616  C CD1 . PHE B 2 23 ? 17.074  20.195  -1.766  1.00 288.29 ? 491 PHE B CD1 1 
ATOM 617  C CD2 . PHE B 2 23 ? 17.763  22.467  -2.027  1.00 288.42 ? 491 PHE B CD2 1 
ATOM 618  C CE1 . PHE B 2 23 ? 16.512  20.504  -0.535  1.00 292.28 ? 491 PHE B CE1 1 
ATOM 619  C CE2 . PHE B 2 23 ? 17.205  22.785  -0.798  1.00 293.90 ? 491 PHE B CE2 1 
ATOM 620  C CZ  . PHE B 2 23 ? 16.576  21.801  -0.051  1.00 292.89 ? 491 PHE B CZ  1 
ATOM 621  N N   . LYS B 2 24 ? 20.459  20.323  -6.031  1.00 242.68 ? 492 LYS B N   1 
ATOM 622  C CA  . LYS B 2 24 ? 20.852  19.915  -7.379  1.00 242.04 ? 492 LYS B CA  1 
ATOM 623  C C   . LYS B 2 24 ? 22.091  19.022  -7.396  1.00 249.05 ? 492 LYS B C   1 
ATOM 624  O O   . LYS B 2 24 ? 22.279  18.241  -8.335  1.00 249.73 ? 492 LYS B O   1 
ATOM 625  C CB  . LYS B 2 24 ? 21.034  21.136  -8.284  1.00 233.22 ? 492 LYS B CB  1 
ATOM 626  C CG  . LYS B 2 24 ? 19.721  21.687  -8.818  1.00 226.53 ? 492 LYS B CG  1 
ATOM 627  C CD  . LYS B 2 24 ? 19.885  22.996  -9.572  1.00 233.38 ? 492 LYS B CD  1 
ATOM 628  C CE  . LYS B 2 24 ? 19.966  24.186  -8.627  1.00 238.43 ? 492 LYS B CE  1 
ATOM 629  N NZ  . LYS B 2 24 ? 19.508  25.445  -9.273  1.00 246.77 ? 492 LYS B NZ  1 
ATOM 630  N N   . ILE B 2 25 ? 22.921  19.137  -6.358  1.00 254.79 ? 493 ILE B N   1 
ATOM 631  C CA  . ILE B 2 25 ? 24.051  18.227  -6.154  1.00 257.16 ? 493 ILE B CA  1 
ATOM 632  C C   . ILE B 2 25 ? 23.520  16.804  -5.993  1.00 252.96 ? 493 ILE B C   1 
ATOM 633  O O   . ILE B 2 25 ? 23.913  15.904  -6.735  1.00 247.50 ? 493 ILE B O   1 
ATOM 634  C CB  . ILE B 2 25 ? 24.923  18.635  -4.937  1.00 259.27 ? 493 ILE B CB  1 
ATOM 635  C CG1 . ILE B 2 25 ? 25.744  19.889  -5.266  1.00 265.81 ? 493 ILE B CG1 1 
ATOM 636  C CG2 . ILE B 2 25 ? 25.847  17.494  -4.518  1.00 254.70 ? 493 ILE B CG2 1 
ATOM 637  C CD1 . ILE B 2 25 ? 26.468  20.504  -4.084  1.00 267.85 ? 493 ILE B CD1 1 
ATOM 638  N N   . GLN B 2 26 ? 22.600  16.628  -5.047  1.00 249.07 ? 494 GLN B N   1 
ATOM 639  C CA  . GLN B 2 26 ? 21.989  15.329  -4.773  1.00 243.31 ? 494 GLN B CA  1 
ATOM 640  C C   . GLN B 2 26 ? 21.176  14.809  -5.958  1.00 236.94 ? 494 GLN B C   1 
ATOM 641  O O   . GLN B 2 26 ? 21.128  13.600  -6.185  1.00 232.82 ? 494 GLN B O   1 
ATOM 642  C CB  . GLN B 2 26 ? 21.109  15.395  -3.519  1.00 244.10 ? 494 GLN B CB  1 
ATOM 643  C CG  . GLN B 2 26 ? 21.832  15.847  -2.256  1.00 250.44 ? 494 GLN B CG  1 
ATOM 644  C CD  . GLN B 2 26 ? 22.843  14.834  -1.750  1.00 256.88 ? 494 GLN B CD  1 
ATOM 645  O OE1 . GLN B 2 26 ? 22.481  13.745  -1.299  1.00 254.35 ? 494 GLN B OE1 1 
ATOM 646  N NE2 . GLN B 2 26 ? 24.119  15.196  -1.808  1.00 263.05 ? 494 GLN B NE2 1 
ATOM 647  N N   . TYR B 2 27 ? 20.584  15.720  -6.731  1.00 234.89 ? 495 TYR B N   1 
ATOM 648  C CA  . TYR B 2 27 ? 19.701  15.380  -7.860  1.00 234.98 ? 495 TYR B CA  1 
ATOM 649  C C   . TYR B 2 27 ? 20.289  14.447  -8.932  1.00 229.86 ? 495 TYR B C   1 
ATOM 650  O O   . TYR B 2 27 ? 19.685  13.429  -9.274  1.00 218.64 ? 495 TYR B O   1 
ATOM 651  C CB  . TYR B 2 27 ? 19.176  16.657  -8.521  1.00 243.01 ? 495 TYR B CB  1 
ATOM 652  C CG  . TYR B 2 27 ? 17.947  17.233  -7.855  1.00 252.94 ? 495 TYR B CG  1 
ATOM 653  C CD1 . TYR B 2 27 ? 16.901  16.412  -7.457  1.00 256.01 ? 495 TYR B CD1 1 
ATOM 654  C CD2 . TYR B 2 27 ? 17.831  18.598  -7.626  1.00 259.92 ? 495 TYR B CD2 1 
ATOM 655  C CE1 . TYR B 2 27 ? 15.775  16.932  -6.848  1.00 260.69 ? 495 TYR B CE1 1 
ATOM 656  C CE2 . TYR B 2 27 ? 16.710  19.128  -7.018  1.00 264.95 ? 495 TYR B CE2 1 
ATOM 657  C CZ  . TYR B 2 27 ? 15.685  18.292  -6.631  1.00 264.23 ? 495 TYR B CZ  1 
ATOM 658  O OH  . TYR B 2 27 ? 14.567  18.815  -6.026  1.00 269.51 ? 495 TYR B OH  1 
ATOM 659  N N   . LEU B 2 28 ? 21.461  14.795  -9.452  1.00 235.57 ? 496 LEU B N   1 
ATOM 660  C CA  . LEU B 2 28 ? 22.134  13.964  -10.443 1.00 243.85 ? 496 LEU B CA  1 
ATOM 661  C C   . LEU B 2 28 ? 22.950  12.893  -9.732  1.00 245.34 ? 496 LEU B C   1 
ATOM 662  O O   . LEU B 2 28 ? 23.165  11.800  -10.256 1.00 244.97 ? 496 LEU B O   1 
ATOM 663  C CB  . LEU B 2 28 ? 23.039  14.814  -11.335 1.00 248.77 ? 496 LEU B CB  1 
ATOM 664  C CG  . LEU B 2 28 ? 22.335  15.725  -12.342 1.00 246.77 ? 496 LEU B CG  1 
ATOM 665  C CD1 . LEU B 2 28 ? 23.170  16.966  -12.621 1.00 244.82 ? 496 LEU B CD1 1 
ATOM 666  C CD2 . LEU B 2 28 ? 22.038  14.975  -13.631 1.00 243.73 ? 496 LEU B CD2 1 
ATOM 667  N N   . GLN B 2 29 ? 23.398  13.225  -8.526  1.00 244.60 ? 497 GLN B N   1 
ATOM 668  C CA  . GLN B 2 29 ? 24.158  12.294  -7.677  1.00 244.05 ? 497 GLN B CA  1 
ATOM 669  C C   . GLN B 2 29 ? 23.455  10.967  -7.436  1.00 247.03 ? 497 GLN B C   1 
ATOM 670  O O   . GLN B 2 29 ? 24.105  9.945   -7.209  1.00 251.56 ? 497 GLN B O   1 
ATOM 671  C CB  . GLN B 2 29 ? 24.462  12.923  -6.320  1.00 236.32 ? 497 GLN B CB  1 
ATOM 672  C CG  . GLN B 2 29 ? 25.868  13.474  -6.171  1.00 232.34 ? 497 GLN B CG  1 
ATOM 673  C CD  . GLN B 2 29 ? 26.167  13.920  -4.753  1.00 230.22 ? 497 GLN B CD  1 
ATOM 674  O OE1 . GLN B 2 29 ? 25.285  13.938  -3.892  1.00 227.44 ? 497 GLN B OE1 1 
ATOM 675  N NE2 . GLN B 2 29 ? 27.418  14.286  -4.501  1.00 232.58 ? 497 GLN B NE2 1 
ATOM 676  N N   . PHE B 2 30 ? 22.128  10.998  -7.453  1.00 247.28 ? 498 PHE B N   1 
ATOM 677  C CA  . PHE B 2 30 ? 21.330  9.798   -7.268  1.00 248.42 ? 498 PHE B CA  1 
ATOM 678  C C   . PHE B 2 30 ? 20.512  9.500   -8.535  1.00 244.41 ? 498 PHE B C   1 
ATOM 679  O O   . PHE B 2 30 ? 20.093  8.360   -8.746  1.00 249.88 ? 498 PHE B O   1 
ATOM 680  C CB  . PHE B 2 30 ? 20.421  9.936   -6.030  1.00 255.95 ? 498 PHE B CB  1 
ATOM 681  C CG  . PHE B 2 30 ? 21.164  10.006  -4.707  1.00 256.05 ? 498 PHE B CG  1 
ATOM 682  C CD1 . PHE B 2 30 ? 21.164  8.918   -3.834  1.00 254.74 ? 498 PHE B CD1 1 
ATOM 683  C CD2 . PHE B 2 30 ? 21.832  11.168  -4.317  1.00 252.92 ? 498 PHE B CD2 1 
ATOM 684  C CE1 . PHE B 2 30 ? 21.829  8.982   -2.613  1.00 250.72 ? 498 PHE B CE1 1 
ATOM 685  C CE2 . PHE B 2 30 ? 22.500  11.234  -3.102  1.00 248.87 ? 498 PHE B CE2 1 
ATOM 686  C CZ  . PHE B 2 30 ? 22.497  10.141  -2.248  1.00 247.40 ? 498 PHE B CZ  1 
ATOM 687  N N   . LEU B 2 31 ? 20.324  10.507  -9.393  1.00 231.72 ? 499 LEU B N   1 
ATOM 688  C CA  . LEU B 2 31 ? 19.431  10.425  -10.569 1.00 226.08 ? 499 LEU B CA  1 
ATOM 689  C C   . LEU B 2 31 ? 19.861  9.523   -11.749 1.00 226.01 ? 499 LEU B C   1 
ATOM 690  O O   . LEU B 2 31 ? 19.112  8.639   -12.164 1.00 221.61 ? 499 LEU B O   1 
ATOM 691  C CB  . LEU B 2 31 ? 19.121  11.832  -11.090 1.00 215.56 ? 499 LEU B CB  1 
ATOM 692  C CG  . LEU B 2 31 ? 18.261  11.914  -12.353 1.00 213.62 ? 499 LEU B CG  1 
ATOM 693  C CD1 . LEU B 2 31 ? 16.879  11.330  -12.102 1.00 217.82 ? 499 LEU B CD1 1 
ATOM 694  C CD2 . LEU B 2 31 ? 18.161  13.350  -12.844 1.00 211.32 ? 499 LEU B CD2 1 
ATOM 695  N N   . ALA B 2 32 ? 21.061  9.751   -12.271 1.00 229.09 ? 500 ALA B N   1 
ATOM 696  C CA  . ALA B 2 32 ? 21.604  8.926   -13.339 1.00 236.01 ? 500 ALA B CA  1 
ATOM 697  C C   . ALA B 2 32 ? 22.513  7.884   -12.710 1.00 240.56 ? 500 ALA B C   1 
ATOM 698  O O   . ALA B 2 32 ? 22.945  6.935   -13.363 1.00 242.38 ? 500 ALA B O   1 
ATOM 699  C CB  . ALA B 2 32 ? 22.374  9.778   -14.334 1.00 236.62 ? 500 ALA B CB  1 
ATOM 700  N N   . TYR B 2 33 ? 22.759  8.036   -11.411 1.00 244.55 ? 501 TYR B N   1 
ATOM 701  C CA  . TYR B 2 33 ? 23.645  7.136   -10.671 1.00 249.36 ? 501 TYR B CA  1 
ATOM 702  C C   . TYR B 2 33 ? 23.053  5.752   -10.370 1.00 247.33 ? 501 TYR B C   1 
ATOM 703  O O   . TYR B 2 33 ? 23.624  4.733   -10.757 1.00 242.85 ? 501 TYR B O   1 
ATOM 704  C CB  . TYR B 2 33 ? 24.104  7.798   -9.368  1.00 256.19 ? 501 TYR B CB  1 
ATOM 705  C CG  . TYR B 2 33 ? 24.728  6.838   -8.380  1.00 261.34 ? 501 TYR B CG  1 
ATOM 706  C CD1 . TYR B 2 33 ? 25.981  6.287   -8.614  1.00 263.00 ? 501 TYR B CD1 1 
ATOM 707  C CD2 . TYR B 2 33 ? 24.064  6.483   -7.213  1.00 262.21 ? 501 TYR B CD2 1 
ATOM 708  C CE1 . TYR B 2 33 ? 26.555  5.409   -7.714  1.00 265.76 ? 501 TYR B CE1 1 
ATOM 709  C CE2 . TYR B 2 33 ? 24.630  5.606   -6.307  1.00 265.07 ? 501 TYR B CE2 1 
ATOM 710  C CZ  . TYR B 2 33 ? 25.876  5.073   -6.563  1.00 268.34 ? 501 TYR B CZ  1 
ATOM 711  O OH  . TYR B 2 33 ? 26.443  4.200   -5.664  1.00 276.29 ? 501 TYR B OH  1 
ATOM 712  N N   . THR B 2 34 ? 21.934  5.732   -9.653  1.00 245.77 ? 502 THR B N   1 
ATOM 713  C CA  . THR B 2 34 ? 21.302  4.480   -9.252  1.00 244.32 ? 502 THR B CA  1 
ATOM 714  C C   . THR B 2 34 ? 20.328  3.993   -10.316 1.00 241.28 ? 502 THR B C   1 
ATOM 715  O O   . THR B 2 34 ? 19.531  3.087   -10.076 1.00 243.11 ? 502 THR B O   1 
ATOM 716  C CB  . THR B 2 34 ? 20.555  4.627   -7.914  1.00 246.84 ? 502 THR B CB  1 
ATOM 717  O OG1 . THR B 2 34 ? 19.992  5.942   -7.821  1.00 252.64 ? 502 THR B OG1 1 
ATOM 718  C CG2 . THR B 2 34 ? 21.504  4.403   -6.746  1.00 238.12 ? 502 THR B CG2 1 
ATOM 719  N N   . LYS B 2 35 ? 20.400  4.603   -11.494 1.00 233.33 ? 503 LYS B N   1 
ATOM 720  C CA  . LYS B 2 35 ? 19.524  4.237   -12.599 1.00 229.98 ? 503 LYS B CA  1 
ATOM 721  C C   . LYS B 2 35 ? 20.081  2.938   -13.134 1.00 229.76 ? 503 LYS B C   1 
ATOM 722  O O   . LYS B 2 35 ? 19.344  2.011   -13.471 1.00 233.16 ? 503 LYS B O   1 
ATOM 723  C CB  . LYS B 2 35 ? 19.385  5.399   -13.583 1.00 223.84 ? 503 LYS B CB  1 
ATOM 724  C CG  . LYS B 2 35 ? 18.428  6.488   -13.127 1.00 219.66 ? 503 LYS B CG  1 
ATOM 725  C CD  . LYS B 2 35 ? 18.259  7.556   -14.195 1.00 217.54 ? 503 LYS B CD  1 
ATOM 726  C CE  . LYS B 2 35 ? 17.485  8.751   -13.663 1.00 219.10 ? 503 LYS B CE  1 
ATOM 727  N NZ  . LYS B 2 35 ? 17.387  9.843   -14.672 1.00 225.95 ? 503 LYS B NZ  1 
ATOM 728  N N   . THR B 2 36 ? 21.418  2.861   -13.104 1.00 224.76 ? 504 THR B N   1 
ATOM 729  C CA  . THR B 2 36 ? 22.215  1.733   -13.618 1.00 220.00 ? 504 THR B CA  1 
ATOM 730  C C   . THR B 2 36 ? 22.349  0.382   -12.882 1.00 214.28 ? 504 THR B C   1 
ATOM 731  O O   . THR B 2 36 ? 21.786  -0.612  -13.340 1.00 201.08 ? 504 THR B O   1 
ATOM 732  C CB  . THR B 2 36 ? 23.651  2.221   -13.894 1.00 223.48 ? 504 THR B CB  1 
ATOM 733  O OG1 . THR B 2 36 ? 23.610  3.481   -14.573 1.00 224.31 ? 504 THR B OG1 1 
ATOM 734  C CG2 . THR B 2 36 ? 24.400  1.211   -14.750 1.00 224.47 ? 504 THR B CG2 1 
ATOM 735  N N   . PRO B 2 37 ? 23.087  0.323   -11.787 1.00 216.25 ? 505 PRO B N   1 
ATOM 736  C CA  . PRO B 2 37 ? 23.304  -0.936  -11.045 1.00 218.60 ? 505 PRO B CA  1 
ATOM 737  C C   . PRO B 2 37 ? 22.518  -1.152  -9.721  1.00 224.87 ? 505 PRO B C   1 
ATOM 738  O O   . PRO B 2 37 ? 22.460  -2.291  -9.259  1.00 225.64 ? 505 PRO B O   1 
ATOM 739  C CB  . PRO B 2 37 ? 24.812  -0.912  -10.750 1.00 213.48 ? 505 PRO B CB  1 
ATOM 740  C CG  . PRO B 2 37 ? 25.390  0.051   -11.733 1.00 209.52 ? 505 PRO B CG  1 
ATOM 741  C CD  . PRO B 2 37 ? 24.332  1.090   -11.948 1.00 212.88 ? 505 PRO B CD  1 
ATOM 742  N N   . GLN B 2 38 ? 21.942  -0.104  -9.136  1.00 229.61 ? 506 GLN B N   1 
ATOM 743  C CA  . GLN B 2 38 ? 21.220  -0.223  -7.870  1.00 226.79 ? 506 GLN B CA  1 
ATOM 744  C C   . GLN B 2 38 ? 19.738  0.069   -8.071  1.00 218.96 ? 506 GLN B C   1 
ATOM 745  O O   . GLN B 2 38 ? 19.029  0.458   -7.145  1.00 214.02 ? 506 GLN B O   1 
ATOM 746  C CB  . GLN B 2 38 ? 21.807  0.727   -6.825  1.00 231.32 ? 506 GLN B CB  1 
ATOM 747  C CG  . GLN B 2 38 ? 22.126  0.065   -5.495  1.00 235.51 ? 506 GLN B CG  1 
ATOM 748  C CD  . GLN B 2 38 ? 23.376  0.629   -4.848  1.00 239.54 ? 506 GLN B CD  1 
ATOM 749  O OE1 . GLN B 2 38 ? 23.912  1.646   -5.288  1.00 241.50 ? 506 GLN B OE1 1 
ATOM 750  N NE2 . GLN B 2 38 ? 23.847  -0.031  -3.796  1.00 241.21 ? 506 GLN B NE2 1 
ATOM 751  N N   . TYR B 2 39 ? 19.292  -0.129  -9.303  1.00 212.48 ? 507 TYR B N   1 
ATOM 752  C CA  . TYR B 2 39 ? 17.910  0.103   -9.713  1.00 204.29 ? 507 TYR B CA  1 
ATOM 753  C C   . TYR B 2 39 ? 17.118  -1.187  -9.523  1.00 192.55 ? 507 TYR B C   1 
ATOM 754  O O   . TYR B 2 39 ? 16.219  -1.249  -8.687  1.00 192.08 ? 507 TYR B O   1 
ATOM 755  C CB  . TYR B 2 39 ? 17.872  0.562   -11.175 1.00 218.05 ? 507 TYR B CB  1 
ATOM 756  C CG  . TYR B 2 39 ? 16.497  0.588   -11.808 1.00 228.50 ? 507 TYR B CG  1 
ATOM 757  C CD1 . TYR B 2 39 ? 15.595  1.611   -11.522 1.00 236.10 ? 507 TYR B CD1 1 
ATOM 758  C CD2 . TYR B 2 39 ? 16.110  -0.397  -12.717 1.00 231.98 ? 507 TYR B CD2 1 
ATOM 759  C CE1 . TYR B 2 39 ? 14.339  1.640   -12.109 1.00 242.14 ? 507 TYR B CE1 1 
ATOM 760  C CE2 . TYR B 2 39 ? 14.856  -0.377  -13.308 1.00 238.65 ? 507 TYR B CE2 1 
ATOM 761  C CZ  . TYR B 2 39 ? 13.975  0.643   -13.001 1.00 241.97 ? 507 TYR B CZ  1 
ATOM 762  O OH  . TYR B 2 39 ? 12.730  0.671   -13.585 1.00 238.72 ? 507 TYR B OH  1 
ATOM 763  N N   . LYS B 2 40 ? 17.471  -2.215  -10.290 1.00 180.94 ? 508 LYS B N   1 
ATOM 764  C CA  . LYS B 2 40 ? 16.822  -3.518  -10.185 1.00 177.38 ? 508 LYS B CA  1 
ATOM 765  C C   . LYS B 2 40 ? 17.414  -4.375  -9.063  1.00 176.23 ? 508 LYS B C   1 
ATOM 766  O O   . LYS B 2 40 ? 17.055  -5.543  -8.903  1.00 174.97 ? 508 LYS B O   1 
ATOM 767  C CB  . LYS B 2 40 ? 16.866  -4.255  -11.527 1.00 174.66 ? 508 LYS B CB  1 
ATOM 768  C CG  . LYS B 2 40 ? 15.797  -3.789  -12.498 1.00 176.44 ? 508 LYS B CG  1 
ATOM 769  C CD  . LYS B 2 40 ? 15.878  -4.512  -13.829 1.00 179.90 ? 508 LYS B CD  1 
ATOM 770  C CE  . LYS B 2 40 ? 14.835  -3.974  -14.796 1.00 180.12 ? 508 LYS B CE  1 
ATOM 771  N NZ  . LYS B 2 40 ? 14.792  -4.753  -16.063 1.00 179.00 ? 508 LYS B NZ  1 
ATOM 772  N N   . ALA B 2 41 ? 18.321  -3.788  -8.288  1.00 177.29 ? 509 ALA B N   1 
ATOM 773  C CA  . ALA B 2 41 ? 18.813  -4.423  -7.074  1.00 181.36 ? 509 ALA B CA  1 
ATOM 774  C C   . ALA B 2 41 ? 17.837  -4.161  -5.931  1.00 187.41 ? 509 ALA B C   1 
ATOM 775  O O   . ALA B 2 41 ? 17.528  -5.068  -5.156  1.00 190.11 ? 509 ALA B O   1 
ATOM 776  C CB  . ALA B 2 41 ? 20.205  -3.916  -6.724  1.00 179.64 ? 509 ALA B CB  1 
ATOM 777  N N   . SER B 2 42 ? 17.346  -2.923  -5.845  1.00 191.46 ? 510 SER B N   1 
ATOM 778  C CA  . SER B 2 42 ? 16.404  -2.522  -4.797  1.00 184.37 ? 510 SER B CA  1 
ATOM 779  C C   . SER B 2 42 ? 14.954  -2.739  -5.217  1.00 175.77 ? 510 SER B C   1 
ATOM 780  O O   . SER B 2 42 ? 14.210  -3.431  -4.527  1.00 172.51 ? 510 SER B O   1 
ATOM 781  C CB  . SER B 2 42 ? 16.623  -1.059  -4.382  1.00 185.55 ? 510 SER B CB  1 
ATOM 782  O OG  . SER B 2 42 ? 15.972  -0.161  -5.267  1.00 181.18 ? 510 SER B OG  1 
ATOM 783  N N   . LEU B 2 43 ? 14.568  -2.149  -6.349  1.00 169.09 ? 511 LEU B N   1 
ATOM 784  C CA  . LEU B 2 43 ? 13.184  -2.182  -6.819  1.00 166.58 ? 511 LEU B CA  1 
ATOM 785  C C   . LEU B 2 43 ? 12.664  -3.595  -6.994  1.00 171.42 ? 511 LEU B C   1 
ATOM 786  O O   . LEU B 2 43 ? 11.554  -3.909  -6.563  1.00 179.38 ? 511 LEU B O   1 
ATOM 787  C CB  . LEU B 2 43 ? 13.026  -1.432  -8.141  1.00 157.31 ? 511 LEU B CB  1 
ATOM 788  C CG  . LEU B 2 43 ? 13.259  0.073   -8.270  1.00 158.56 ? 511 LEU B CG  1 
ATOM 789  C CD1 . LEU B 2 43 ? 12.286  0.604   -9.310  1.00 159.54 ? 511 LEU B CD1 1 
ATOM 790  C CD2 . LEU B 2 43 ? 13.094  0.828   -6.958  1.00 161.67 ? 511 LEU B CD2 1 
ATOM 791  N N   . GLN B 2 44 ? 13.471  -4.442  -7.621  1.00 177.49 ? 512 GLN B N   1 
ATOM 792  C CA  . GLN B 2 44 ? 13.079  -5.818  -7.887  1.00 194.33 ? 512 GLN B CA  1 
ATOM 793  C C   . GLN B 2 44 ? 13.102  -6.687  -6.623  1.00 200.39 ? 512 GLN B C   1 
ATOM 794  O O   . GLN B 2 44 ? 12.450  -7.731  -6.577  1.00 209.28 ? 512 GLN B O   1 
ATOM 795  C CB  . GLN B 2 44 ? 13.947  -6.416  -8.994  1.00 205.55 ? 512 GLN B CB  1 
ATOM 796  C CG  . GLN B 2 44 ? 13.220  -7.418  -9.880  1.00 214.50 ? 512 GLN B CG  1 
ATOM 797  C CD  . GLN B 2 44 ? 13.841  -7.566  -11.261 1.00 221.64 ? 512 GLN B CD  1 
ATOM 798  O OE1 . GLN B 2 44 ? 14.808  -6.881  -11.604 1.00 222.41 ? 512 GLN B OE1 1 
ATOM 799  N NE2 . GLN B 2 44 ? 13.277  -8.462  -12.063 1.00 226.08 ? 512 GLN B NE2 1 
ATOM 800  N N   . GLU B 2 45 ? 13.843  -6.255  -5.603  1.00 201.75 ? 513 GLU B N   1 
ATOM 801  C CA  . GLU B 2 45 ? 13.828  -6.920  -4.295  1.00 203.98 ? 513 GLU B CA  1 
ATOM 802  C C   . GLU B 2 45 ? 12.661  -6.409  -3.442  1.00 197.47 ? 513 GLU B C   1 
ATOM 803  O O   . GLU B 2 45 ? 11.991  -7.184  -2.750  1.00 193.55 ? 513 GLU B O   1 
ATOM 804  C CB  . GLU B 2 45 ? 15.167  -6.718  -3.570  1.00 213.75 ? 513 GLU B CB  1 
ATOM 805  C CG  . GLU B 2 45 ? 15.260  -7.351  -2.184  1.00 224.03 ? 513 GLU B CG  1 
ATOM 806  C CD  . GLU B 2 45 ? 15.065  -8.858  -2.190  1.00 231.72 ? 513 GLU B CD  1 
ATOM 807  O OE1 . GLU B 2 45 ? 15.657  -9.541  -3.055  1.00 239.06 ? 513 GLU B OE1 1 
ATOM 808  O OE2 . GLU B 2 45 ? 14.323  -9.363  -1.321  1.00 233.51 ? 513 GLU B OE2 1 
ATOM 809  N N   . LEU B 2 46 ? 12.437  -5.098  -3.503  1.00 187.59 ? 514 LEU B N   1 
ATOM 810  C CA  . LEU B 2 46 ? 11.314  -4.437  -2.850  1.00 171.82 ? 514 LEU B CA  1 
ATOM 811  C C   . LEU B 2 46 ? 10.010  -5.082  -3.305  1.00 162.44 ? 514 LEU B C   1 
ATOM 812  O O   . LEU B 2 46 ? 9.302   -5.696  -2.504  1.00 160.79 ? 514 LEU B O   1 
ATOM 813  C CB  . LEU B 2 46 ? 11.323  -2.948  -3.211  1.00 172.47 ? 514 LEU B CB  1 
ATOM 814  C CG  . LEU B 2 46 ? 10.602  -1.913  -2.348  1.00 172.59 ? 514 LEU B CG  1 
ATOM 815  C CD1 . LEU B 2 46 ? 11.252  -0.552  -2.539  1.00 172.60 ? 514 LEU B CD1 1 
ATOM 816  C CD2 . LEU B 2 46 ? 9.114   -1.846  -2.659  1.00 172.62 ? 514 LEU B CD2 1 
ATOM 817  N N   . LEU B 2 47 ? 9.725   -4.952  -4.602  1.00 145.92 ? 515 LEU B N   1 
ATOM 818  C CA  . LEU B 2 47 ? 8.542   -5.532  -5.229  1.00 136.45 ? 515 LEU B CA  1 
ATOM 819  C C   . LEU B 2 47 ? 8.399   -7.024  -4.940  1.00 136.75 ? 515 LEU B C   1 
ATOM 820  O O   . LEU B 2 47 ? 7.289   -7.552  -4.901  1.00 142.20 ? 515 LEU B O   1 
ATOM 821  C CB  . LEU B 2 47 ? 8.566   -5.280  -6.739  1.00 126.24 ? 515 LEU B CB  1 
ATOM 822  C CG  . LEU B 2 47 ? 7.291   -5.565  -7.539  1.00 125.22 ? 515 LEU B CG  1 
ATOM 823  C CD1 . LEU B 2 47 ? 7.071   -4.511  -8.613  1.00 123.68 ? 515 LEU B CD1 1 
ATOM 824  C CD2 . LEU B 2 47 ? 7.307   -6.963  -8.143  1.00 122.58 ? 515 LEU B CD2 1 
ATOM 825  N N   . GLY B 2 48 ? 9.528   -7.695  -4.738  1.00 139.00 ? 516 GLY B N   1 
ATOM 826  C CA  . GLY B 2 48 ? 9.537   -9.116  -4.421  1.00 150.13 ? 516 GLY B CA  1 
ATOM 827  C C   . GLY B 2 48 ? 8.798   -9.416  -3.134  1.00 156.44 ? 516 GLY B C   1 
ATOM 828  O O   . GLY B 2 48 ? 7.858   -10.214 -3.121  1.00 157.61 ? 516 GLY B O   1 
ATOM 829  N N   . GLN B 2 49 ? 9.223   -8.763  -2.055  1.00 165.53 ? 517 GLN B N   1 
ATOM 830  C CA  . GLN B 2 49 ? 8.600   -8.936  -0.743  1.00 170.02 ? 517 GLN B CA  1 
ATOM 831  C C   . GLN B 2 49 ? 7.223   -8.271  -0.686  1.00 163.22 ? 517 GLN B C   1 
ATOM 832  O O   . GLN B 2 49 ? 6.357   -8.683  0.089   1.00 158.95 ? 517 GLN B O   1 
ATOM 833  C CB  . GLN B 2 49 ? 9.513   -8.401  0.368   1.00 179.02 ? 517 GLN B CB  1 
ATOM 834  C CG  . GLN B 2 49 ? 10.866  -9.100  0.473   1.00 191.72 ? 517 GLN B CG  1 
ATOM 835  C CD  . GLN B 2 49 ? 10.766  -10.557 0.905   1.00 200.73 ? 517 GLN B CD  1 
ATOM 836  O OE1 . GLN B 2 49 ? 10.238  -10.869 1.975   1.00 207.49 ? 517 GLN B OE1 1 
ATOM 837  N NE2 . GLN B 2 49 ? 11.290  -11.455 0.076   1.00 203.19 ? 517 GLN B NE2 1 
ATOM 838  N N   . GLU B 2 50 ? 7.036   -7.249  -1.517  1.00 153.71 ? 518 GLU B N   1 
ATOM 839  C CA  . GLU B 2 50 ? 5.753   -6.571  -1.662  1.00 142.95 ? 518 GLU B CA  1 
ATOM 840  C C   . GLU B 2 50 ? 4.694   -7.514  -2.229  1.00 138.13 ? 518 GLU B C   1 
ATOM 841  O O   . GLU B 2 50 ? 3.648   -7.712  -1.616  1.00 139.87 ? 518 GLU B O   1 
ATOM 842  C CB  . GLU B 2 50 ? 5.912   -5.342  -2.552  1.00 139.44 ? 518 GLU B CB  1 
ATOM 843  C CG  . GLU B 2 50 ? 4.615   -4.648  -2.910  1.00 147.19 ? 518 GLU B CG  1 
ATOM 844  C CD  . GLU B 2 50 ? 4.800   -3.155  -3.073  1.00 162.26 ? 518 GLU B CD  1 
ATOM 845  O OE1 . GLU B 2 50 ? 5.474   -2.544  -2.217  1.00 170.45 ? 518 GLU B OE1 1 
ATOM 846  O OE2 . GLU B 2 50 ? 4.273   -2.589  -4.052  1.00 170.81 ? 518 GLU B OE2 1 
ATOM 847  N N   . LYS B 2 51 ? 4.977   -8.093  -3.391  1.00 135.01 ? 519 LYS B N   1 
ATOM 848  C CA  . LYS B 2 51 ? 4.095   -9.087  -3.997  1.00 134.98 ? 519 LYS B CA  1 
ATOM 849  C C   . LYS B 2 51 ? 3.854   -10.275 -3.074  1.00 133.07 ? 519 LYS B C   1 
ATOM 850  O O   . LYS B 2 51 ? 2.786   -10.887 -3.111  1.00 130.39 ? 519 LYS B O   1 
ATOM 851  C CB  . LYS B 2 51 ? 4.668   -9.584  -5.322  1.00 142.73 ? 519 LYS B CB  1 
ATOM 852  C CG  . LYS B 2 51 ? 4.199   -8.813  -6.545  1.00 148.27 ? 519 LYS B CG  1 
ATOM 853  C CD  . LYS B 2 51 ? 4.514   -9.584  -7.818  1.00 153.16 ? 519 LYS B CD  1 
ATOM 854  C CE  . LYS B 2 51 ? 3.786   -9.013  -9.025  1.00 151.79 ? 519 LYS B CE  1 
ATOM 855  N NZ  . LYS B 2 51 ? 3.979   -9.861  -10.236 1.00 145.76 ? 519 LYS B NZ  1 
ATOM 856  N N   . GLU B 2 52 ? 4.855   -10.599 -2.259  1.00 137.58 ? 520 GLU B N   1 
ATOM 857  C CA  . GLU B 2 52 ? 4.746   -11.672 -1.273  1.00 145.38 ? 520 GLU B CA  1 
ATOM 858  C C   . GLU B 2 52 ? 3.760   -11.254 -0.187  1.00 140.39 ? 520 GLU B C   1 
ATOM 859  O O   . GLU B 2 52 ? 2.900   -12.040 0.221   1.00 131.94 ? 520 GLU B O   1 
ATOM 860  C CB  . GLU B 2 52 ? 6.118   -11.987 -0.666  1.00 159.64 ? 520 GLU B CB  1 
ATOM 861  C CG  . GLU B 2 52 ? 6.195   -13.305 0.101   1.00 173.29 ? 520 GLU B CG  1 
ATOM 862  C CD  . GLU B 2 52 ? 7.527   -13.513 0.817   1.00 180.78 ? 520 GLU B CD  1 
ATOM 863  O OE1 . GLU B 2 52 ? 7.522   -14.040 1.951   1.00 178.33 ? 520 GLU B OE1 1 
ATOM 864  O OE2 . GLU B 2 52 ? 8.585   -13.153 0.253   1.00 187.59 ? 520 GLU B OE2 1 
ATOM 865  N N   . LYS B 2 53 ? 3.892   -10.005 0.260   1.00 136.39 ? 521 LYS B N   1 
ATOM 866  C CA  . LYS B 2 53 ? 2.994   -9.420  1.252   1.00 130.68 ? 521 LYS B CA  1 
ATOM 867  C C   . LYS B 2 53 ? 1.571   -9.356  0.712   1.00 121.56 ? 521 LYS B C   1 
ATOM 868  O O   . LYS B 2 53 ? 0.642   -9.814  1.367   1.00 121.00 ? 521 LYS B O   1 
ATOM 869  C CB  . LYS B 2 53 ? 3.490   -8.035  1.672   1.00 131.54 ? 521 LYS B CB  1 
ATOM 870  C CG  . LYS B 2 53 ? 2.530   -7.241  2.547   1.00 131.90 ? 521 LYS B CG  1 
ATOM 871  C CD  . LYS B 2 53 ? 2.942   -5.779  2.668   1.00 136.85 ? 521 LYS B CD  1 
ATOM 872  C CE  . LYS B 2 53 ? 3.163   -5.123  1.309   1.00 138.30 ? 521 LYS B CE  1 
ATOM 873  N NZ  . LYS B 2 53 ? 3.115   -3.633  1.347   1.00 136.15 ? 521 LYS B NZ  1 
ATOM 874  N N   . ASN B 2 54 ? 1.413   -8.797  -0.486  1.00 112.42 ? 522 ASN B N   1 
ATOM 875  C CA  . ASN B 2 54 ? 0.124   -8.771  -1.164  1.00 108.23 ? 522 ASN B CA  1 
ATOM 876  C C   . ASN B 2 54 ? -0.548  -10.133 -1.206  1.00 109.52 ? 522 ASN B C   1 
ATOM 877  O O   . ASN B 2 54 ? -1.739  -10.251 -0.924  1.00 117.36 ? 522 ASN B O   1 
ATOM 878  C CB  . ASN B 2 54 ? 0.281   -8.259  -2.584  1.00 108.05 ? 522 ASN B CB  1 
ATOM 879  C CG  . ASN B 2 54 ? -1.041  -7.885  -3.203  1.00 106.01 ? 522 ASN B CG  1 
ATOM 880  O OD1 . ASN B 2 54 ? -1.563  -6.805  -2.951  1.00 111.22 ? 522 ASN B OD1 1 
ATOM 881  N ND2 . ASN B 2 54 ? -1.596  -8.780  -4.008  1.00 103.17 ? 522 ASN B ND2 1 
ATOM 882  N N   . ALA B 2 55 ? 0.223   -11.153 -1.569  1.00 106.15 ? 523 ALA B N   1 
ATOM 883  C CA  . ALA B 2 55 ? -0.251  -12.525 -1.552  1.00 110.52 ? 523 ALA B CA  1 
ATOM 884  C C   . ALA B 2 55 ? -0.654  -12.956 -0.146  1.00 117.86 ? 523 ALA B C   1 
ATOM 885  O O   . ALA B 2 55 ? -1.609  -13.719 0.020   1.00 114.07 ? 523 ALA B O   1 
ATOM 886  C CB  . ALA B 2 55 ? 0.815   -13.453 -2.107  1.00 116.71 ? 523 ALA B CB  1 
ATOM 887  N N   . GLN B 2 56 ? 0.082   -12.469 0.856   1.00 127.58 ? 524 GLN B N   1 
ATOM 888  C CA  . GLN B 2 56 ? -0.236  -12.729 2.263   1.00 139.14 ? 524 GLN B CA  1 
ATOM 889  C C   . GLN B 2 56 ? -1.582  -12.112 2.620   1.00 134.85 ? 524 GLN B C   1 
ATOM 890  O O   . GLN B 2 56 ? -2.458  -12.777 3.182   1.00 129.22 ? 524 GLN B O   1 
ATOM 891  C CB  . GLN B 2 56 ? 0.829   -12.129 3.185   1.00 154.35 ? 524 GLN B CB  1 
ATOM 892  C CG  . GLN B 2 56 ? 2.226   -12.708 3.056   1.00 170.65 ? 524 GLN B CG  1 
ATOM 893  C CD  . GLN B 2 56 ? 3.288   -11.819 3.689   1.00 185.22 ? 524 GLN B CD  1 
ATOM 894  O OE1 . GLN B 2 56 ? 2.975   -10.844 4.378   1.00 192.69 ? 524 GLN B OE1 1 
ATOM 895  N NE2 . GLN B 2 56 ? 4.552   -12.150 3.449   1.00 190.93 ? 524 GLN B NE2 1 
ATOM 896  N N   . LEU B 2 57 ? -1.727  -10.834 2.283   1.00 127.47 ? 525 LEU B N   1 
ATOM 897  C CA  . LEU B 2 57 ? -2.920  -10.075 2.608   1.00 121.41 ? 525 LEU B CA  1 
ATOM 898  C C   . LEU B 2 57 ? -4.138  -10.656 1.928   1.00 123.33 ? 525 LEU B C   1 
ATOM 899  O O   . LEU B 2 57 ? -5.127  -10.950 2.593   1.00 136.28 ? 525 LEU B O   1 
ATOM 900  C CB  . LEU B 2 57 ? -2.748  -8.609  2.242   1.00 115.27 ? 525 LEU B CB  1 
ATOM 901  C CG  . LEU B 2 57 ? -1.603  -7.880  2.936   1.00 121.45 ? 525 LEU B CG  1 
ATOM 902  C CD1 . LEU B 2 57 ? -1.812  -6.386  2.772   1.00 123.74 ? 525 LEU B CD1 1 
ATOM 903  C CD2 . LEU B 2 57 ? -1.478  -8.257  4.409   1.00 119.16 ? 525 LEU B CD2 1 
ATOM 904  N N   . LEU B 2 58 ? -4.066  -10.848 0.615   1.00 120.49 ? 526 LEU B N   1 
ATOM 905  C CA  . LEU B 2 58 ? -5.137  -11.538 -0.095  1.00 127.06 ? 526 LEU B CA  1 
ATOM 906  C C   . LEU B 2 58 ? -5.606  -12.772 0.670   1.00 129.88 ? 526 LEU B C   1 
ATOM 907  O O   . LEU B 2 58 ? -6.763  -13.174 0.559   1.00 131.87 ? 526 LEU B O   1 
ATOM 908  C CB  . LEU B 2 58 ? -4.692  -11.956 -1.496  1.00 133.38 ? 526 LEU B CB  1 
ATOM 909  C CG  . LEU B 2 58 ? -4.661  -10.924 -2.622  1.00 137.44 ? 526 LEU B CG  1 
ATOM 910  C CD1 . LEU B 2 58 ? -4.618  -11.647 -3.959  1.00 139.48 ? 526 LEU B CD1 1 
ATOM 911  C CD2 . LEU B 2 58 ? -5.866  -9.997  -2.570  1.00 137.85 ? 526 LEU B CD2 1 
ATOM 912  N N   . GLY B 2 59 ? -4.696  -13.358 1.448   1.00 129.84 ? 527 GLY B N   1 
ATOM 913  C CA  . GLY B 2 59 ? -4.984  -14.556 2.226   1.00 132.65 ? 527 GLY B CA  1 
ATOM 914  C C   . GLY B 2 59 ? -5.940  -14.301 3.369   1.00 132.84 ? 527 GLY B C   1 
ATOM 915  O O   . GLY B 2 59 ? -7.022  -14.893 3.423   1.00 135.05 ? 527 GLY B O   1 
ATOM 916  N N   . ALA B 2 60 ? -5.538  -13.417 4.279   1.00 131.92 ? 528 ALA B N   1 
ATOM 917  C CA  . ALA B 2 60 ? -6.334  -13.097 5.464   1.00 129.52 ? 528 ALA B CA  1 
ATOM 918  C C   . ALA B 2 60 ? -7.691  -12.545 5.068   1.00 122.55 ? 528 ALA B C   1 
ATOM 919  O O   . ALA B 2 60 ? -8.723  -13.067 5.493   1.00 122.43 ? 528 ALA B O   1 
ATOM 920  C CB  . ALA B 2 60 ? -5.596  -12.114 6.362   1.00 136.00 ? 528 ALA B CB  1 
ATOM 921  N N   . ALA B 2 61 ? -7.672  -11.507 4.232   1.00 118.13 ? 529 ALA B N   1 
ATOM 922  C CA  . ALA B 2 61 ? -8.885  -10.876 3.710   1.00 122.64 ? 529 ALA B CA  1 
ATOM 923  C C   . ALA B 2 61 ? -9.861  -11.872 3.084   1.00 125.82 ? 529 ALA B C   1 
ATOM 924  O O   . ALA B 2 61 ? -11.073 -11.667 3.125   1.00 129.18 ? 529 ALA B O   1 
ATOM 925  C CB  . ALA B 2 61 ? -8.528  -9.785  2.716   1.00 117.25 ? 529 ALA B CB  1 
ATOM 926  N N   . GLN B 2 62 ? -9.331  -12.947 2.508   1.00 129.82 ? 530 GLN B N   1 
ATOM 927  C CA  . GLN B 2 62 ? -10.170 -14.026 2.023   1.00 132.61 ? 530 GLN B CA  1 
ATOM 928  C C   . GLN B 2 62 ? -10.879 -14.701 3.190   1.00 132.65 ? 530 GLN B C   1 
ATOM 929  O O   . GLN B 2 62 ? -12.099 -14.591 3.324   1.00 127.83 ? 530 GLN B O   1 
ATOM 930  C CB  . GLN B 2 62 ? -9.350  -15.047 1.235   1.00 137.91 ? 530 GLN B CB  1 
ATOM 931  C CG  . GLN B 2 62 ? -10.180 -16.193 0.676   1.00 142.83 ? 530 GLN B CG  1 
ATOM 932  C CD  . GLN B 2 62 ? -11.430 -15.709 -0.034  1.00 144.12 ? 530 GLN B CD  1 
ATOM 933  O OE1 . GLN B 2 62 ? -12.546 -16.002 0.389   1.00 149.50 ? 530 GLN B OE1 1 
ATOM 934  N NE2 . GLN B 2 62 ? -11.246 -14.944 -1.103  1.00 146.84 ? 530 GLN B NE2 1 
ATOM 935  N N   . GLN B 2 63 ? -10.101 -15.379 4.033   1.00 139.49 ? 531 GLN B N   1 
ATOM 936  C CA  . GLN B 2 63 ? -10.625 -16.061 5.216   1.00 149.62 ? 531 GLN B CA  1 
ATOM 937  C C   . GLN B 2 63 ? -11.695 -15.225 5.908   1.00 147.24 ? 531 GLN B C   1 
ATOM 938  O O   . GLN B 2 63 ? -12.766 -15.731 6.238   1.00 146.71 ? 531 GLN B O   1 
ATOM 939  C CB  . GLN B 2 63 ? -9.512  -16.354 6.221   1.00 157.69 ? 531 GLN B CB  1 
ATOM 940  C CG  . GLN B 2 63 ? -8.288  -17.050 5.658   1.00 164.84 ? 531 GLN B CG  1 
ATOM 941  C CD  . GLN B 2 63 ? -7.077  -16.879 6.557   1.00 175.10 ? 531 GLN B CD  1 
ATOM 942  O OE1 . GLN B 2 63 ? -6.903  -15.841 7.201   1.00 174.68 ? 531 GLN B OE1 1 
ATOM 943  N NE2 . GLN B 2 63 ? -6.228  -17.900 6.603   1.00 184.37 ? 531 GLN B NE2 1 
ATOM 944  N N   . LEU B 2 64 ? -11.398 -13.944 6.109   1.00 137.76 ? 532 LEU B N   1 
ATOM 945  C CA  . LEU B 2 64 ? -12.289 -13.066 6.844   1.00 134.36 ? 532 LEU B CA  1 
ATOM 946  C C   . LEU B 2 64 ? -13.607 -12.843 6.126   1.00 138.82 ? 532 LEU B C   1 
ATOM 947  O O   . LEU B 2 64 ? -14.658 -12.884 6.757   1.00 155.33 ? 532 LEU B O   1 
ATOM 948  C CB  . LEU B 2 64 ? -11.619 -11.735 7.184   1.00 131.44 ? 532 LEU B CB  1 
ATOM 949  C CG  . LEU B 2 64 ? -10.420 -11.742 8.143   1.00 133.68 ? 532 LEU B CG  1 
ATOM 950  C CD1 . LEU B 2 64 ? -10.357 -10.419 8.893   1.00 131.39 ? 532 LEU B CD1 1 
ATOM 951  C CD2 . LEU B 2 64 ? -10.444 -12.907 9.128   1.00 131.49 ? 532 LEU B CD2 1 
ATOM 952  N N   . LEU B 2 65 ? -13.564 -12.617 4.816   1.00 137.65 ? 533 LEU B N   1 
ATOM 953  C CA  . LEU B 2 65 ? -14.809 -12.490 4.061   1.00 138.92 ? 533 LEU B CA  1 
ATOM 954  C C   . LEU B 2 65 ? -15.542 -13.812 3.961   1.00 143.31 ? 533 LEU B C   1 
ATOM 955  O O   . LEU B 2 65 ? -16.757 -13.864 4.145   1.00 148.87 ? 533 LEU B O   1 
ATOM 956  C CB  . LEU B 2 65 ? -14.595 -11.886 2.672   1.00 135.43 ? 533 LEU B CB  1 
ATOM 957  C CG  . LEU B 2 65 ? -15.074 -10.437 2.518   1.00 131.96 ? 533 LEU B CG  1 
ATOM 958  C CD1 . LEU B 2 65 ? -14.752 -9.889  1.138   1.00 136.65 ? 533 LEU B CD1 1 
ATOM 959  C CD2 . LEU B 2 65 ? -16.560 -10.289 2.810   1.00 130.22 ? 533 LEU B CD2 1 
ATOM 960  N N   . SER B 2 66 ? -14.795 -14.879 3.692   1.00 145.39 ? 534 SER B N   1 
ATOM 961  C CA  . SER B 2 66 ? -15.365 -16.217 3.604   1.00 154.56 ? 534 SER B CA  1 
ATOM 962  C C   . SER B 2 66 ? -15.986 -16.659 4.929   1.00 160.56 ? 534 SER B C   1 
ATOM 963  O O   . SER B 2 66 ? -17.021 -17.326 4.934   1.00 167.55 ? 534 SER B O   1 
ATOM 964  C CB  . SER B 2 66 ? -14.305 -17.219 3.157   1.00 160.48 ? 534 SER B CB  1 
ATOM 965  O OG  . SER B 2 66 ? -13.251 -17.289 4.098   1.00 167.87 ? 534 SER B OG  1 
ATOM 966  N N   . HIS B 2 67 ? -15.357 -16.286 6.043   1.00 159.90 ? 535 HIS B N   1 
ATOM 967  C CA  . HIS B 2 67 ? -15.915 -16.559 7.368   1.00 157.99 ? 535 HIS B CA  1 
ATOM 968  C C   . HIS B 2 67 ? -17.125 -15.726 7.661   1.00 152.23 ? 535 HIS B C   1 
ATOM 969  O O   . HIS B 2 67 ? -18.100 -16.226 8.212   1.00 151.62 ? 535 HIS B O   1 
ATOM 970  C CB  . HIS B 2 67 ? -14.874 -16.385 8.461   1.00 166.08 ? 535 HIS B CB  1 
ATOM 971  C CG  . HIS B 2 67 ? -14.252 -17.678 8.908   1.00 178.80 ? 535 HIS B CG  1 
ATOM 972  N ND1 . HIS B 2 67 ? -14.891 -18.542 9.718   1.00 188.84 ? 535 HIS B ND1 1 
ATOM 973  C CD2 . HIS B 2 67 ? -13.010 -18.246 8.629   1.00 186.17 ? 535 HIS B CD2 1 
ATOM 974  C CE1 . HIS B 2 67 ? -14.102 -19.608 9.949   1.00 192.72 ? 535 HIS B CE1 1 
ATOM 975  N NE2 . HIS B 2 67 ? -12.951 -19.425 9.283   1.00 192.94 ? 535 HIS B NE2 1 
ATOM 976  N N   . CYS B 2 68 ? -17.076 -14.450 7.282   1.00 148.47 ? 536 CYS B N   1 
ATOM 977  C CA  . CYS B 2 68 ? -18.224 -13.553 7.420   1.00 147.45 ? 536 CYS B CA  1 
ATOM 978  C C   . CYS B 2 68 ? -19.271 -13.791 6.336   1.00 147.79 ? 536 CYS B C   1 
ATOM 979  O O   . CYS B 2 68 ? -20.242 -13.043 6.217   1.00 144.33 ? 536 CYS B O   1 
ATOM 980  C CB  . CYS B 2 68 ? -17.780 -12.092 7.440   1.00 146.73 ? 536 CYS B CB  1 
ATOM 981  S SG  . CYS B 2 68 ? -16.913 -11.636 8.956   1.00 151.04 ? 536 CYS B SG  1 
ATOM 982  N N   . GLN B 2 69 ? -19.053 -14.829 5.538   1.00 155.96 ? 537 GLN B N   1 
ATOM 983  C CA  . GLN B 2 69 ? -20.104 -15.397 4.713   1.00 169.44 ? 537 GLN B CA  1 
ATOM 984  C C   . GLN B 2 69 ? -20.777 -16.491 5.536   1.00 174.31 ? 537 GLN B C   1 
ATOM 985  O O   . GLN B 2 69 ? -22.007 -16.569 5.593   1.00 174.60 ? 537 GLN B O   1 
ATOM 986  C CB  . GLN B 2 69 ? -19.538 -15.984 3.415   1.00 175.53 ? 537 GLN B CB  1 
ATOM 987  C CG  . GLN B 2 69 ? -18.917 -14.977 2.457   1.00 178.56 ? 537 GLN B CG  1 
ATOM 988  C CD  . GLN B 2 69 ? -19.912 -13.966 1.922   1.00 185.89 ? 537 GLN B CD  1 
ATOM 989  O OE1 . GLN B 2 69 ? -21.061 -14.299 1.628   1.00 196.34 ? 537 GLN B OE1 1 
ATOM 990  N NE2 . GLN B 2 69 ? -19.471 -12.721 1.785   1.00 187.87 ? 537 GLN B NE2 1 
ATOM 991  N N   . ALA B 2 70 ? -19.953 -17.316 6.184   1.00 181.13 ? 538 ALA B N   1 
ATOM 992  C CA  . ALA B 2 70 ? -20.412 -18.449 6.992   1.00 185.34 ? 538 ALA B CA  1 
ATOM 993  C C   . ALA B 2 70 ? -21.164 -18.005 8.242   1.00 185.56 ? 538 ALA B C   1 
ATOM 994  O O   . ALA B 2 70 ? -22.195 -18.587 8.589   1.00 191.73 ? 538 ALA B O   1 
ATOM 995  C CB  . ALA B 2 70 ? -19.236 -19.343 7.372   1.00 182.28 ? 538 ALA B CB  1 
ATOM 996  N N   . GLN B 2 71 ? -20.639 -16.979 8.908   1.00 177.74 ? 539 GLN B N   1 
ATOM 997  C CA  . GLN B 2 71 ? -21.257 -16.428 10.109  1.00 171.22 ? 539 GLN B CA  1 
ATOM 998  C C   . GLN B 2 71 ? -22.653 -15.909 9.792   1.00 161.13 ? 539 GLN B C   1 
ATOM 999  O O   . GLN B 2 71 ? -23.628 -16.348 10.397  1.00 163.34 ? 539 GLN B O   1 
ATOM 1000 C CB  . GLN B 2 71 ? -20.397 -15.309 10.701  1.00 186.76 ? 539 GLN B CB  1 
ATOM 1001 C CG  . GLN B 2 71 ? -19.027 -15.745 11.208  1.00 205.53 ? 539 GLN B CG  1 
ATOM 1002 C CD  . GLN B 2 71 ? -19.007 -16.081 12.688  1.00 211.15 ? 539 GLN B CD  1 
ATOM 1003 O OE1 . GLN B 2 71 ? -19.567 -15.354 13.512  1.00 209.09 ? 539 GLN B OE1 1 
ATOM 1004 N NE2 . GLN B 2 71 ? -18.340 -17.176 13.036  1.00 218.91 ? 539 GLN B NE2 1 
ATOM 1005 N N   . LYS B 2 72 ? -22.746 -15.000 8.822   1.00 154.70 ? 540 LYS B N   1 
ATOM 1006 C CA  . LYS B 2 72 ? -24.029 -14.407 8.441   1.00 161.08 ? 540 LYS B CA  1 
ATOM 1007 C C   . LYS B 2 72 ? -25.012 -15.391 7.812   1.00 167.70 ? 540 LYS B C   1 
ATOM 1008 O O   . LYS B 2 72 ? -26.201 -15.092 7.697   1.00 166.47 ? 540 LYS B O   1 
ATOM 1009 C CB  . LYS B 2 72 ? -23.828 -13.197 7.527   1.00 162.21 ? 540 LYS B CB  1 
ATOM 1010 C CG  . LYS B 2 72 ? -23.939 -11.863 8.247   1.00 167.59 ? 540 LYS B CG  1 
ATOM 1011 C CD  . LYS B 2 72 ? -23.832 -10.690 7.281   1.00 174.98 ? 540 LYS B CD  1 
ATOM 1012 C CE  . LYS B 2 72 ? -23.954 -9.356  8.005   1.00 176.59 ? 540 LYS B CE  1 
ATOM 1013 N NZ  . LYS B 2 72 ? -23.669 -8.192  7.118   1.00 171.08 ? 540 LYS B NZ  1 
ATOM 1014 N N   . GLU B 2 73 ? -24.516 -16.557 7.406   1.00 178.89 ? 541 GLU B N   1 
ATOM 1015 C CA  . GLU B 2 73 ? -25.386 -17.622 6.914   1.00 188.11 ? 541 GLU B CA  1 
ATOM 1016 C C   . GLU B 2 73 ? -25.959 -18.431 8.075   1.00 187.06 ? 541 GLU B C   1 
ATOM 1017 O O   . GLU B 2 73 ? -27.143 -18.767 8.069   1.00 190.89 ? 541 GLU B O   1 
ATOM 1018 C CB  . GLU B 2 73 ? -24.655 -18.532 5.924   1.00 198.80 ? 541 GLU B CB  1 
ATOM 1019 C CG  . GLU B 2 73 ? -25.587 -19.425 5.113   1.00 209.64 ? 541 GLU B CG  1 
ATOM 1020 C CD  . GLU B 2 73 ? -24.911 -20.080 3.921   1.00 215.88 ? 541 GLU B CD  1 
ATOM 1021 O OE1 . GLU B 2 73 ? -23.979 -19.476 3.345   1.00 217.94 ? 541 GLU B OE1 1 
ATOM 1022 O OE2 . GLU B 2 73 ? -25.321 -21.202 3.550   1.00 218.87 ? 541 GLU B OE2 1 
ATOM 1023 N N   . GLU B 2 74 ? -25.120 -18.735 9.065   1.00 185.38 ? 542 GLU B N   1 
ATOM 1024 C CA  . GLU B 2 74 ? -25.556 -19.471 10.255  1.00 183.94 ? 542 GLU B CA  1 
ATOM 1025 C C   . GLU B 2 74 ? -26.477 -18.645 11.153  1.00 178.84 ? 542 GLU B C   1 
ATOM 1026 O O   . GLU B 2 74 ? -27.257 -19.202 11.925  1.00 181.33 ? 542 GLU B O   1 
ATOM 1027 C CB  . GLU B 2 74 ? -24.360 -19.990 11.057  1.00 187.80 ? 542 GLU B CB  1 
ATOM 1028 C CG  . GLU B 2 74 ? -23.732 -21.251 10.483  1.00 200.66 ? 542 GLU B CG  1 
ATOM 1029 C CD  . GLU B 2 74 ? -22.977 -22.065 11.522  1.00 211.07 ? 542 GLU B CD  1 
ATOM 1030 O OE1 . GLU B 2 74 ? -23.502 -22.244 12.643  1.00 213.23 ? 542 GLU B OE1 1 
ATOM 1031 O OE2 . GLU B 2 74 ? -21.862 -22.538 11.214  1.00 219.27 ? 542 GLU B OE2 1 
ATOM 1032 N N   . ILE B 2 75 ? -26.383 -17.322 11.044  1.00 175.39 ? 543 ILE B N   1 
ATOM 1033 C CA  . ILE B 2 75 ? -27.246 -16.410 11.795  1.00 180.20 ? 543 ILE B CA  1 
ATOM 1034 C C   . ILE B 2 75 ? -28.659 -16.382 11.220  1.00 186.06 ? 543 ILE B C   1 
ATOM 1035 O O   . ILE B 2 75 ? -29.639 -16.317 11.966  1.00 189.63 ? 543 ILE B O   1 
ATOM 1036 C CB  . ILE B 2 75 ? -26.654 -14.982 11.857  1.00 182.35 ? 543 ILE B CB  1 
ATOM 1037 C CG1 . ILE B 2 75 ? -25.394 -14.950 12.739  1.00 181.14 ? 543 ILE B CG1 1 
ATOM 1038 C CG2 . ILE B 2 75 ? -27.692 -13.965 12.331  1.00 178.04 ? 543 ILE B CG2 1 
ATOM 1039 C CD1 . ILE B 2 75 ? -25.571 -15.477 14.148  1.00 173.19 ? 543 ILE B CD1 1 
ATOM 1040 N N   . ARG B 2 76 ? -28.759 -16.425 9.893   1.00 197.24 ? 544 ARG B N   1 
ATOM 1041 C CA  . ARG B 2 76 ? -30.047 -16.570 9.224   1.00 209.56 ? 544 ARG B CA  1 
ATOM 1042 C C   . ARG B 2 76 ? -30.759 -17.817 9.752   1.00 211.74 ? 544 ARG B C   1 
ATOM 1043 O O   . ARG B 2 76 ? -31.938 -17.759 10.105  1.00 213.21 ? 544 ARG B O   1 
ATOM 1044 C CB  . ARG B 2 76 ? -29.865 -16.675 7.706   1.00 220.98 ? 544 ARG B CB  1 
ATOM 1045 C CG  . ARG B 2 76 ? -29.346 -15.416 7.028   1.00 229.16 ? 544 ARG B CG  1 
ATOM 1046 C CD  . ARG B 2 76 ? -29.021 -15.692 5.569   1.00 233.96 ? 544 ARG B CD  1 
ATOM 1047 N NE  . ARG B 2 76 ? -28.464 -14.522 4.890   1.00 238.50 ? 544 ARG B NE  1 
ATOM 1048 C CZ  . ARG B 2 76 ? -28.236 -14.447 3.580   1.00 244.73 ? 544 ARG B CZ  1 
ATOM 1049 N NH1 . ARG B 2 76 ? -28.519 -15.473 2.786   1.00 248.34 ? 544 ARG B NH1 1 
ATOM 1050 N NH2 . ARG B 2 76 ? -27.728 -13.339 3.061   1.00 249.95 ? 544 ARG B NH2 1 
ATOM 1051 N N   . ARG B 2 77 ? -30.020 -18.925 9.830   1.00 211.70 ? 545 ARG B N   1 
ATOM 1052 C CA  . ARG B 2 77 ? -30.549 -20.217 10.278  1.00 204.45 ? 545 ARG B CA  1 
ATOM 1053 C C   . ARG B 2 77 ? -30.975 -20.198 11.743  1.00 197.96 ? 545 ARG B C   1 
ATOM 1054 O O   . ARG B 2 77 ? -32.125 -20.501 12.056  1.00 200.68 ? 545 ARG B O   1 
ATOM 1055 C CB  . ARG B 2 77 ? -29.522 -21.336 10.048  1.00 205.44 ? 545 ARG B CB  1 
ATOM 1056 C CG  . ARG B 2 77 ? -30.019 -22.734 10.399  1.00 205.12 ? 545 ARG B CG  1 
ATOM 1057 C CD  . ARG B 2 77 ? -28.886 -23.748 10.435  1.00 209.49 ? 545 ARG B CD  1 
ATOM 1058 N NE  . ARG B 2 77 ? -27.943 -23.486 11.525  1.00 214.36 ? 545 ARG B NE  1 
ATOM 1059 C CZ  . ARG B 2 77 ? -26.959 -24.305 11.889  1.00 214.19 ? 545 ARG B CZ  1 
ATOM 1060 N NH1 . ARG B 2 77 ? -26.771 -25.459 11.259  1.00 216.37 ? 545 ARG B NH1 1 
ATOM 1061 N NH2 . ARG B 2 77 ? -26.160 -23.971 12.894  1.00 210.87 ? 545 ARG B NH2 1 
ATOM 1062 N N   . LEU B 2 78 ? -30.049 -19.833 12.626  1.00 190.70 ? 546 LEU B N   1 
ATOM 1063 C CA  . LEU B 2 78 ? -30.286 -19.896 14.069  1.00 186.99 ? 546 LEU B CA  1 
ATOM 1064 C C   . LEU B 2 78 ? -31.368 -18.940 14.580  1.00 184.20 ? 546 LEU B C   1 
ATOM 1065 O O   . LEU B 2 78 ? -31.991 -19.210 15.606  1.00 186.51 ? 546 LEU B O   1 
ATOM 1066 C CB  . LEU B 2 78 ? -28.979 -19.715 14.855  1.00 186.37 ? 546 LEU B CB  1 
ATOM 1067 C CG  . LEU B 2 78 ? -27.962 -20.868 14.835  1.00 190.49 ? 546 LEU B CG  1 
ATOM 1068 C CD1 . LEU B 2 78 ? -26.632 -20.429 15.431  1.00 187.82 ? 546 LEU B CD1 1 
ATOM 1069 C CD2 . LEU B 2 78 ? -28.480 -22.106 15.555  1.00 194.73 ? 546 LEU B CD2 1 
ATOM 1070 N N   . PHE B 2 79 ? -31.596 -17.835 13.873  1.00 186.30 ? 547 PHE B N   1 
ATOM 1071 C CA  . PHE B 2 79 ? -32.672 -16.916 14.247  1.00 194.22 ? 547 PHE B CA  1 
ATOM 1072 C C   . PHE B 2 79 ? -34.037 -17.382 13.746  1.00 203.85 ? 547 PHE B C   1 
ATOM 1073 O O   . PHE B 2 79 ? -35.028 -17.298 14.475  1.00 215.40 ? 547 PHE B O   1 
ATOM 1074 C CB  . PHE B 2 79 ? -32.402 -15.487 13.779  1.00 197.01 ? 547 PHE B CB  1 
ATOM 1075 C CG  . PHE B 2 79 ? -33.562 -14.559 14.001  1.00 204.20 ? 547 PHE B CG  1 
ATOM 1076 C CD1 . PHE B 2 79 ? -33.956 -14.213 15.291  1.00 205.05 ? 547 PHE B CD1 1 
ATOM 1077 C CD2 . PHE B 2 79 ? -34.279 -14.046 12.922  1.00 209.27 ? 547 PHE B CD2 1 
ATOM 1078 C CE1 . PHE B 2 79 ? -35.034 -13.367 15.501  1.00 211.54 ? 547 PHE B CE1 1 
ATOM 1079 C CE2 . PHE B 2 79 ? -35.357 -13.196 13.127  1.00 212.28 ? 547 PHE B CE2 1 
ATOM 1080 C CZ  . PHE B 2 79 ? -35.735 -12.857 14.418  1.00 214.02 ? 547 PHE B CZ  1 
ATOM 1081 N N   . GLN B 2 80 ? -34.086 -17.855 12.502  1.00 207.04 ? 548 GLN B N   1 
ATOM 1082 C CA  . GLN B 2 80 ? -35.303 -18.451 11.946  1.00 214.32 ? 548 GLN B CA  1 
ATOM 1083 C C   . GLN B 2 80 ? -35.635 -19.767 12.653  1.00 211.65 ? 548 GLN B C   1 
ATOM 1084 O O   . GLN B 2 80 ? -36.781 -20.225 12.630  1.00 209.40 ? 548 GLN B O   1 
ATOM 1085 C CB  . GLN B 2 80 ? -35.150 -18.683 10.441  1.00 224.35 ? 548 GLN B CB  1 
ATOM 1086 C CG  . GLN B 2 80 ? -35.110 -17.411 9.607   1.00 233.11 ? 548 GLN B CG  1 
ATOM 1087 C CD  . GLN B 2 80 ? -34.570 -17.638 8.203   1.00 240.42 ? 548 GLN B CD  1 
ATOM 1088 O OE1 . GLN B 2 80 ? -33.903 -18.637 7.928   1.00 243.55 ? 548 GLN B OE1 1 
ATOM 1089 N NE2 . GLN B 2 80 ? -34.852 -16.700 7.306   1.00 246.88 ? 548 GLN B NE2 1 
ATOM 1090 N N   . GLN B 2 81 ? -34.619 -20.362 13.278  1.00 205.26 ? 549 GLN B N   1 
ATOM 1091 C CA  . GLN B 2 81 ? -34.760 -21.586 14.061  1.00 194.50 ? 549 GLN B CA  1 
ATOM 1092 C C   . GLN B 2 81 ? -34.677 -21.282 15.556  1.00 187.78 ? 549 GLN B C   1 
ATOM 1093 O O   . GLN B 2 81 ? -35.351 -20.381 16.057  1.00 179.90 ? 549 GLN B O   1 
ATOM 1094 C CB  . GLN B 2 81 ? -33.676 -22.589 13.657  1.00 190.42 ? 549 GLN B CB  1 
ATOM 1095 C CG  . GLN B 2 81 ? -33.579 -23.835 14.521  1.00 188.58 ? 549 GLN B CG  1 
ATOM 1096 C CD  . GLN B 2 81 ? -32.364 -24.675 14.177  1.00 191.36 ? 549 GLN B CD  1 
ATOM 1097 O OE1 . GLN B 2 81 ? -31.441 -24.805 14.979  1.00 194.72 ? 549 GLN B OE1 1 
ATOM 1098 N NE2 . GLN B 2 81 ? -32.352 -25.237 12.972  1.00 190.42 ? 549 GLN B NE2 1 
# 
